data_2DN4
#
_entry.id   2DN4
#
_entity_poly.entity_id   1
_entity_poly.type   'polypeptide(L)'
_entity_poly.pdbx_seq_one_letter_code
;GSSGSSGLRKQVEELFERKYAQAIKAKGPVTIPYPLFQSHVEDLYVEGLPEGIPFRRPSTYGIPRLERILLAKERIRFVI
KKHELLNSTREDLSGPSSG
;
_entity_poly.pdbx_strand_id   A
#
# COMPACT_ATOMS: atom_id res chain seq x y z
N GLY A 1 1.87 23.14 16.17
CA GLY A 1 1.58 21.74 15.91
C GLY A 1 0.55 21.59 14.78
N SER A 2 1.03 21.80 13.57
CA SER A 2 0.17 21.70 12.39
C SER A 2 0.62 20.53 11.53
N SER A 3 -0.33 19.65 11.23
CA SER A 3 -0.04 18.48 10.41
C SER A 3 -1.20 18.21 9.46
N GLY A 4 -0.92 17.41 8.44
CA GLY A 4 -1.94 17.08 7.46
C GLY A 4 -1.46 17.38 6.04
N SER A 5 -1.11 18.64 5.83
CA SER A 5 -0.63 19.08 4.53
C SER A 5 0.72 18.44 4.23
N SER A 6 0.67 17.40 3.40
CA SER A 6 1.88 16.69 3.01
C SER A 6 2.55 16.11 4.25
N GLY A 7 2.48 14.78 4.36
CA GLY A 7 3.08 14.10 5.49
C GLY A 7 3.66 12.75 5.07
N LEU A 8 4.79 12.41 5.67
CA LEU A 8 5.46 11.16 5.36
C LEU A 8 4.41 10.05 5.20
N ARG A 9 3.76 9.73 6.31
CA ARG A 9 2.73 8.71 6.31
C ARG A 9 1.87 8.81 5.05
N LYS A 10 1.28 9.98 4.87
CA LYS A 10 0.43 10.22 3.71
C LYS A 10 1.20 9.87 2.44
N GLN A 11 2.45 10.33 2.40
CA GLN A 11 3.30 10.08 1.25
C GLN A 11 3.40 8.58 0.97
N VAL A 12 3.66 7.84 2.05
CA VAL A 12 3.78 6.39 1.93
C VAL A 12 2.39 5.79 1.66
N GLU A 13 1.42 6.25 2.44
CA GLU A 13 0.06 5.77 2.28
C GLU A 13 -0.37 5.81 0.81
N GLU A 14 -0.11 6.96 0.20
CA GLU A 14 -0.46 7.15 -1.20
C GLU A 14 0.43 6.30 -2.09
N LEU A 15 1.69 6.17 -1.66
CA LEU A 15 2.65 5.38 -2.41
C LEU A 15 2.24 3.91 -2.38
N PHE A 16 2.15 3.37 -1.17
CA PHE A 16 1.76 1.98 -1.00
C PHE A 16 0.63 1.60 -1.94
N GLU A 17 -0.47 2.34 -1.83
CA GLU A 17 -1.63 2.09 -2.66
C GLU A 17 -1.26 2.25 -4.14
N ARG A 18 -0.56 3.33 -4.43
CA ARG A 18 -0.14 3.61 -5.80
C ARG A 18 0.47 2.37 -6.43
N LYS A 19 1.58 1.93 -5.85
CA LYS A 19 2.27 0.75 -6.34
C LYS A 19 1.25 -0.38 -6.57
N TYR A 20 0.50 -0.67 -5.51
CA TYR A 20 -0.49 -1.72 -5.57
C TYR A 20 -1.46 -1.48 -6.72
N ALA A 21 -1.98 -0.26 -6.79
CA ALA A 21 -2.92 0.11 -7.84
C ALA A 21 -2.27 -0.14 -9.20
N GLN A 22 -0.98 0.19 -9.29
CA GLN A 22 -0.24 0.01 -10.51
C GLN A 22 -0.22 -1.47 -10.92
N ALA A 23 0.02 -2.32 -9.92
CA ALA A 23 0.07 -3.75 -10.16
C ALA A 23 -1.26 -4.21 -10.73
N ILE A 24 -2.28 -3.39 -10.53
CA ILE A 24 -3.61 -3.69 -11.02
C ILE A 24 -4.09 -2.56 -11.93
N LYS A 25 -3.14 -1.75 -12.37
CA LYS A 25 -3.44 -0.63 -13.23
C LYS A 25 -4.74 0.05 -12.76
N ALA A 26 -4.70 0.49 -11.52
CA ALA A 26 -5.86 1.16 -10.93
C ALA A 26 -5.59 2.67 -10.84
N LYS A 27 -6.45 3.43 -11.49
CA LYS A 27 -6.32 4.88 -11.50
C LYS A 27 -7.17 5.46 -10.37
N GLY A 28 -7.50 4.61 -9.41
CA GLY A 28 -8.31 5.03 -8.28
C GLY A 28 -7.69 4.58 -6.96
N PRO A 29 -8.26 5.11 -5.84
CA PRO A 29 -7.77 4.76 -4.53
C PRO A 29 -8.20 3.35 -4.12
N VAL A 30 -7.20 2.49 -3.93
CA VAL A 30 -7.47 1.12 -3.55
C VAL A 30 -6.99 0.90 -2.11
N THR A 31 -7.52 -0.16 -1.50
CA THR A 31 -7.16 -0.49 -0.13
C THR A 31 -6.21 -1.68 -0.11
N ILE A 32 -5.23 -1.60 0.78
CA ILE A 32 -4.24 -2.66 0.91
C ILE A 32 -4.64 -3.57 2.07
N PRO A 33 -4.97 -4.84 1.72
CA PRO A 33 -5.37 -5.82 2.72
C PRO A 33 -4.15 -6.32 3.50
N TYR A 34 -4.14 -5.99 4.78
CA TYR A 34 -3.05 -6.41 5.65
C TYR A 34 -3.12 -7.91 5.94
N PRO A 35 -4.37 -8.42 6.06
CA PRO A 35 -4.58 -9.82 6.34
C PRO A 35 -4.33 -10.67 5.08
N LEU A 36 -5.15 -10.44 4.07
CA LEU A 36 -5.02 -11.16 2.82
C LEU A 36 -3.54 -11.32 2.47
N PHE A 37 -2.78 -10.26 2.75
CA PHE A 37 -1.36 -10.27 2.47
C PHE A 37 -0.59 -11.03 3.56
N GLN A 38 -1.02 -10.82 4.80
CA GLN A 38 -0.39 -11.46 5.93
C GLN A 38 -0.60 -12.98 5.86
N SER A 39 -1.84 -13.36 5.57
CA SER A 39 -2.18 -14.77 5.47
C SER A 39 -1.52 -15.38 4.22
N HIS A 40 -1.31 -14.53 3.23
CA HIS A 40 -0.70 -14.97 1.99
C HIS A 40 0.48 -14.06 1.65
N VAL A 41 1.56 -14.22 2.41
CA VAL A 41 2.75 -13.44 2.21
C VAL A 41 3.62 -14.10 1.15
N GLU A 42 3.24 -15.31 0.78
CA GLU A 42 3.97 -16.07 -0.22
C GLU A 42 3.41 -15.76 -1.62
N ASP A 43 2.39 -14.93 -1.65
CA ASP A 43 1.77 -14.54 -2.90
C ASP A 43 1.69 -13.02 -2.99
N LEU A 44 1.10 -12.44 -1.95
CA LEU A 44 0.94 -10.99 -1.90
C LEU A 44 1.94 -10.42 -0.90
N TYR A 45 2.90 -9.67 -1.44
CA TYR A 45 3.93 -9.06 -0.62
C TYR A 45 4.51 -7.82 -1.30
N VAL A 46 5.00 -6.91 -0.49
CA VAL A 46 5.60 -5.68 -1.00
C VAL A 46 7.11 -5.85 -1.09
N GLU A 47 7.67 -5.30 -2.15
CA GLU A 47 9.11 -5.38 -2.36
C GLU A 47 9.70 -3.99 -2.62
N GLY A 48 11.01 -3.95 -2.79
CA GLY A 48 11.69 -2.68 -3.04
C GLY A 48 11.84 -1.88 -1.75
N LEU A 49 11.36 -2.46 -0.66
CA LEU A 49 11.42 -1.80 0.63
C LEU A 49 12.89 -1.74 1.09
N PRO A 50 13.18 -0.73 1.96
CA PRO A 50 14.52 -0.55 2.47
C PRO A 50 14.85 -1.61 3.53
N GLU A 51 16.01 -1.44 4.15
CA GLU A 51 16.45 -2.36 5.18
C GLU A 51 15.88 -1.96 6.54
N GLY A 52 15.47 -2.96 7.31
CA GLY A 52 14.91 -2.72 8.62
C GLY A 52 13.54 -2.05 8.52
N ILE A 53 12.86 -2.34 7.42
CA ILE A 53 11.53 -1.79 7.20
C ILE A 53 10.70 -2.76 6.36
N PRO A 54 9.89 -3.59 7.07
CA PRO A 54 9.06 -4.57 6.41
C PRO A 54 7.84 -3.89 5.75
N PHE A 55 6.83 -4.71 5.48
CA PHE A 55 5.62 -4.21 4.86
C PHE A 55 4.45 -4.22 5.84
N ARG A 56 4.29 -3.09 6.52
CA ARG A 56 3.22 -2.95 7.49
C ARG A 56 2.66 -1.53 7.46
N ARG A 57 1.49 -1.37 8.09
CA ARG A 57 0.83 -0.08 8.13
C ARG A 57 1.88 1.03 8.32
N PRO A 58 1.82 2.02 7.37
CA PRO A 58 2.75 3.14 7.41
C PRO A 58 2.38 4.12 8.53
N SER A 59 1.33 3.77 9.25
CA SER A 59 0.86 4.61 10.34
C SER A 59 1.57 4.23 11.64
N THR A 60 2.57 3.37 11.50
CA THR A 60 3.34 2.93 12.64
C THR A 60 4.83 3.27 12.46
N TYR A 61 5.29 3.08 11.23
CA TYR A 61 6.68 3.36 10.91
C TYR A 61 7.11 4.71 11.49
N GLY A 62 8.40 4.80 11.80
CA GLY A 62 8.95 6.02 12.36
C GLY A 62 9.08 7.11 11.28
N ILE A 63 9.25 8.33 11.75
CA ILE A 63 9.39 9.46 10.84
C ILE A 63 10.55 9.20 9.87
N PRO A 64 11.68 8.69 10.45
CA PRO A 64 12.85 8.39 9.65
C PRO A 64 12.65 7.12 8.83
N ARG A 65 11.87 6.20 9.40
CA ARG A 65 11.59 4.94 8.74
C ARG A 65 10.79 5.17 7.46
N LEU A 66 9.86 6.12 7.55
CA LEU A 66 9.02 6.45 6.41
C LEU A 66 9.88 7.07 5.31
N GLU A 67 10.60 8.12 5.69
CA GLU A 67 11.47 8.80 4.75
C GLU A 67 12.17 7.80 3.83
N ARG A 68 12.84 6.84 4.46
CA ARG A 68 13.55 5.82 3.71
C ARG A 68 12.61 5.16 2.70
N ILE A 69 11.48 4.68 3.21
CA ILE A 69 10.50 4.03 2.37
C ILE A 69 10.21 4.89 1.15
N LEU A 70 10.25 6.20 1.37
CA LEU A 70 9.99 7.14 0.30
C LEU A 70 11.24 7.25 -0.59
N LEU A 71 12.39 7.01 0.03
CA LEU A 71 13.64 7.08 -0.68
C LEU A 71 13.85 5.78 -1.46
N ALA A 72 13.09 4.77 -1.09
CA ALA A 72 13.18 3.47 -1.73
C ALA A 72 11.98 3.30 -2.67
N LYS A 73 11.10 4.29 -2.66
CA LYS A 73 9.91 4.25 -3.49
C LYS A 73 10.31 3.83 -4.91
N GLU A 74 11.45 4.35 -5.36
CA GLU A 74 11.95 4.04 -6.68
C GLU A 74 12.11 2.53 -6.85
N ARG A 75 12.40 1.87 -5.73
CA ARG A 75 12.58 0.43 -5.74
C ARG A 75 11.29 -0.27 -5.30
N ILE A 76 10.62 0.36 -4.35
CA ILE A 76 9.37 -0.20 -3.83
C ILE A 76 8.57 -0.81 -4.99
N ARG A 77 7.92 -1.91 -4.69
CA ARG A 77 7.12 -2.61 -5.69
C ARG A 77 6.13 -3.56 -5.02
N PHE A 78 4.99 -3.73 -5.66
CA PHE A 78 3.96 -4.60 -5.13
C PHE A 78 3.74 -5.81 -6.06
N VAL A 79 4.09 -6.98 -5.53
CA VAL A 79 3.94 -8.21 -6.29
C VAL A 79 2.61 -8.87 -5.92
N ILE A 80 1.73 -8.96 -6.91
CA ILE A 80 0.43 -9.56 -6.71
C ILE A 80 0.40 -10.95 -7.35
N LYS A 81 1.10 -11.88 -6.70
CA LYS A 81 1.17 -13.24 -7.20
C LYS A 81 -0.25 -13.78 -7.41
N LYS A 82 -1.01 -13.81 -6.33
CA LYS A 82 -2.37 -14.29 -6.38
C LYS A 82 -3.33 -13.10 -6.44
N HIS A 83 -4.10 -13.05 -7.50
CA HIS A 83 -5.07 -11.97 -7.69
C HIS A 83 -6.39 -12.35 -7.04
N GLU A 84 -6.90 -13.51 -7.42
CA GLU A 84 -8.15 -13.99 -6.87
C GLU A 84 -8.15 -13.91 -5.34
N LEU A 85 -7.01 -14.26 -4.77
CA LEU A 85 -6.86 -14.21 -3.33
C LEU A 85 -7.43 -12.90 -2.79
N LEU A 86 -7.26 -11.86 -3.59
CA LEU A 86 -7.76 -10.54 -3.21
C LEU A 86 -9.29 -10.54 -3.27
N ASN A 87 -9.81 -10.67 -4.48
CA ASN A 87 -11.24 -10.69 -4.68
C ASN A 87 -11.90 -11.57 -3.61
N SER A 88 -13.19 -11.34 -3.41
CA SER A 88 -13.93 -12.11 -2.43
C SER A 88 -13.40 -11.81 -1.03
N THR A 89 -14.24 -11.17 -0.23
CA THR A 89 -13.87 -10.84 1.14
C THR A 89 -15.01 -10.07 1.83
N ARG A 90 -15.69 -9.25 1.04
CA ARG A 90 -16.80 -8.47 1.56
C ARG A 90 -17.48 -7.70 0.43
N GLU A 91 -16.66 -7.20 -0.48
CA GLU A 91 -17.17 -6.45 -1.61
C GLU A 91 -17.89 -5.19 -1.12
N ASP A 92 -17.93 -4.19 -2.00
CA ASP A 92 -18.60 -2.94 -1.67
C ASP A 92 -17.86 -2.25 -0.52
N LEU A 93 -17.48 -1.01 -0.76
CA LEU A 93 -16.76 -0.24 0.24
C LEU A 93 -17.76 0.53 1.10
N SER A 94 -18.43 1.49 0.46
CA SER A 94 -19.41 2.30 1.16
C SER A 94 -18.73 3.16 2.22
N GLY A 95 -18.81 4.47 2.03
CA GLY A 95 -18.20 5.40 2.95
C GLY A 95 -18.12 6.81 2.34
N PRO A 96 -17.22 7.63 2.93
CA PRO A 96 -17.03 9.00 2.46
C PRO A 96 -16.24 9.01 1.15
N SER A 97 -16.04 10.22 0.63
CA SER A 97 -15.31 10.38 -0.61
C SER A 97 -14.02 11.18 -0.36
N SER A 98 -12.90 10.58 -0.71
CA SER A 98 -11.61 11.22 -0.53
C SER A 98 -11.04 11.65 -1.88
N GLY A 99 -11.55 12.77 -2.38
CA GLY A 99 -11.10 13.29 -3.66
C GLY A 99 -12.05 12.87 -4.78
N GLY A 1 -8.85 17.33 -0.68
CA GLY A 1 -7.61 18.02 -0.35
C GLY A 1 -6.43 17.05 -0.39
N SER A 2 -5.38 17.48 -1.06
CA SER A 2 -4.18 16.67 -1.18
C SER A 2 -2.94 17.56 -1.23
N SER A 3 -1.89 17.09 -0.57
CA SER A 3 -0.64 17.84 -0.53
C SER A 3 0.55 16.87 -0.47
N GLY A 4 1.29 16.84 -1.56
CA GLY A 4 2.46 15.97 -1.65
C GLY A 4 3.34 16.11 -0.40
N SER A 5 4.26 17.06 -0.48
CA SER A 5 5.17 17.31 0.62
C SER A 5 4.38 17.47 1.93
N SER A 6 5.09 17.28 3.04
CA SER A 6 4.47 17.40 4.34
C SER A 6 3.54 16.22 4.59
N GLY A 7 3.94 15.37 5.52
CA GLY A 7 3.14 14.21 5.87
C GLY A 7 3.73 12.93 5.23
N LEU A 8 4.81 12.47 5.83
CA LEU A 8 5.47 11.27 5.35
C LEU A 8 4.45 10.14 5.20
N ARG A 9 3.73 9.90 6.28
CA ARG A 9 2.73 8.85 6.29
C ARG A 9 1.83 8.96 5.05
N LYS A 10 1.29 10.16 4.86
CA LYS A 10 0.41 10.40 3.73
C LYS A 10 1.17 10.06 2.44
N GLN A 11 2.43 10.45 2.40
CA GLN A 11 3.26 10.18 1.24
C GLN A 11 3.34 8.68 0.97
N VAL A 12 3.67 7.95 2.02
CA VAL A 12 3.78 6.50 1.91
C VAL A 12 2.39 5.90 1.67
N GLU A 13 1.43 6.42 2.41
CA GLU A 13 0.05 5.95 2.28
C GLU A 13 -0.37 5.95 0.81
N GLU A 14 -0.20 7.10 0.18
CA GLU A 14 -0.56 7.24 -1.23
C GLU A 14 0.37 6.39 -2.10
N LEU A 15 1.63 6.40 -1.74
CA LEU A 15 2.63 5.64 -2.48
C LEU A 15 2.26 4.15 -2.43
N PHE A 16 2.17 3.63 -1.22
CA PHE A 16 1.84 2.24 -1.02
C PHE A 16 0.74 1.79 -2.00
N GLU A 17 -0.38 2.49 -1.93
CA GLU A 17 -1.51 2.18 -2.79
C GLU A 17 -1.07 2.21 -4.26
N ARG A 18 -0.42 3.30 -4.62
CA ARG A 18 0.05 3.47 -5.99
C ARG A 18 0.57 2.13 -6.54
N LYS A 19 1.69 1.70 -5.96
CA LYS A 19 2.29 0.44 -6.38
C LYS A 19 1.20 -0.60 -6.63
N TYR A 20 0.45 -0.88 -5.57
CA TYR A 20 -0.63 -1.86 -5.67
C TYR A 20 -1.56 -1.53 -6.83
N ALA A 21 -1.98 -0.27 -6.87
CA ALA A 21 -2.88 0.18 -7.93
C ALA A 21 -2.21 -0.05 -9.29
N GLN A 22 -0.91 0.21 -9.33
CA GLN A 22 -0.15 0.04 -10.55
C GLN A 22 -0.11 -1.44 -10.94
N ALA A 23 0.06 -2.29 -9.94
CA ALA A 23 0.12 -3.72 -10.16
C ALA A 23 -1.21 -4.19 -10.75
N ILE A 24 -2.23 -3.36 -10.58
CA ILE A 24 -3.55 -3.68 -11.09
C ILE A 24 -4.01 -2.58 -12.04
N LYS A 25 -3.07 -1.71 -12.39
CA LYS A 25 -3.36 -0.61 -13.29
C LYS A 25 -4.66 0.06 -12.86
N ALA A 26 -4.64 0.61 -11.66
CA ALA A 26 -5.81 1.28 -11.12
C ALA A 26 -5.52 2.79 -11.01
N LYS A 27 -6.36 3.58 -11.67
CA LYS A 27 -6.20 5.02 -11.64
C LYS A 27 -7.07 5.60 -10.52
N GLY A 28 -7.33 4.76 -9.53
CA GLY A 28 -8.14 5.18 -8.40
C GLY A 28 -7.54 4.70 -7.08
N PRO A 29 -8.11 5.21 -5.96
CA PRO A 29 -7.62 4.84 -4.64
C PRO A 29 -8.09 3.43 -4.27
N VAL A 30 -7.13 2.55 -4.09
CA VAL A 30 -7.42 1.18 -3.73
C VAL A 30 -6.96 0.91 -2.30
N THR A 31 -7.43 -0.19 -1.75
CA THR A 31 -7.07 -0.57 -0.39
C THR A 31 -6.04 -1.69 -0.40
N ILE A 32 -5.15 -1.65 0.58
CA ILE A 32 -4.11 -2.66 0.69
C ILE A 32 -4.49 -3.66 1.79
N PRO A 33 -4.62 -4.94 1.37
CA PRO A 33 -4.98 -6.00 2.30
C PRO A 33 -3.78 -6.37 3.18
N TYR A 34 -3.89 -5.98 4.44
CA TYR A 34 -2.83 -6.26 5.40
C TYR A 34 -2.94 -7.70 5.93
N PRO A 35 -4.21 -8.14 6.12
CA PRO A 35 -4.47 -9.49 6.61
C PRO A 35 -4.23 -10.53 5.53
N LEU A 36 -5.10 -10.50 4.53
CA LEU A 36 -5.00 -11.44 3.41
C LEU A 36 -3.52 -11.68 3.09
N PHE A 37 -2.80 -10.59 2.93
CA PHE A 37 -1.38 -10.67 2.62
C PHE A 37 -0.66 -11.56 3.63
N GLN A 38 -0.88 -11.28 4.89
CA GLN A 38 -0.25 -12.04 5.96
C GLN A 38 -0.47 -13.55 5.73
N SER A 39 -1.65 -13.87 5.23
CA SER A 39 -1.99 -15.25 4.96
C SER A 39 -1.30 -15.73 3.69
N HIS A 40 -1.06 -14.77 2.79
CA HIS A 40 -0.41 -15.08 1.54
C HIS A 40 0.77 -14.12 1.32
N VAL A 41 1.79 -14.29 2.15
CA VAL A 41 2.96 -13.44 2.06
C VAL A 41 3.88 -13.97 0.96
N GLU A 42 3.56 -15.17 0.50
CA GLU A 42 4.36 -15.80 -0.55
C GLU A 42 3.97 -15.23 -1.92
N ASP A 43 2.69 -14.95 -2.06
CA ASP A 43 2.19 -14.39 -3.31
C ASP A 43 1.95 -12.89 -3.14
N LEU A 44 1.14 -12.56 -2.13
CA LEU A 44 0.84 -11.17 -1.85
C LEU A 44 1.86 -10.61 -0.85
N TYR A 45 2.67 -9.70 -1.36
CA TYR A 45 3.69 -9.08 -0.54
C TYR A 45 4.27 -7.84 -1.22
N VAL A 46 4.95 -7.02 -0.42
CA VAL A 46 5.55 -5.80 -0.93
C VAL A 46 7.07 -5.99 -1.01
N GLU A 47 7.66 -5.30 -1.97
CA GLU A 47 9.10 -5.37 -2.16
C GLU A 47 9.68 -3.98 -2.44
N GLY A 48 10.99 -3.95 -2.61
CA GLY A 48 11.68 -2.70 -2.89
C GLY A 48 11.82 -1.87 -1.62
N LEU A 49 11.35 -2.44 -0.51
CA LEU A 49 11.43 -1.77 0.77
C LEU A 49 12.88 -1.72 1.24
N PRO A 50 13.17 -0.69 2.08
CA PRO A 50 14.52 -0.52 2.60
C PRO A 50 14.82 -1.54 3.69
N GLU A 51 16.05 -1.48 4.20
CA GLU A 51 16.47 -2.39 5.25
C GLU A 51 15.90 -1.95 6.59
N GLY A 52 15.45 -2.94 7.36
CA GLY A 52 14.89 -2.67 8.68
C GLY A 52 13.53 -1.97 8.55
N ILE A 53 12.84 -2.27 7.46
CA ILE A 53 11.54 -1.68 7.21
C ILE A 53 10.70 -2.65 6.38
N PRO A 54 9.86 -3.44 7.10
CA PRO A 54 9.00 -4.41 6.44
C PRO A 54 7.81 -3.71 5.75
N PHE A 55 6.80 -4.51 5.45
CA PHE A 55 5.61 -3.99 4.79
C PHE A 55 4.42 -3.97 5.75
N ARG A 56 4.33 -2.90 6.52
CA ARG A 56 3.25 -2.75 7.48
C ARG A 56 2.68 -1.33 7.43
N ARG A 57 1.52 -1.17 8.03
CA ARG A 57 0.85 0.11 8.05
C ARG A 57 1.89 1.24 8.20
N PRO A 58 1.79 2.23 7.26
CA PRO A 58 2.71 3.36 7.28
C PRO A 58 2.36 4.33 8.41
N SER A 59 1.31 3.98 9.15
CA SER A 59 0.87 4.81 10.25
C SER A 59 1.47 4.31 11.57
N THR A 60 2.40 3.36 11.44
CA THR A 60 3.06 2.79 12.60
C THR A 60 4.57 2.85 12.44
N TYR A 61 5.00 3.47 11.35
CA TYR A 61 6.42 3.61 11.06
C TYR A 61 6.97 4.92 11.60
N GLY A 62 8.27 4.94 11.84
CA GLY A 62 8.93 6.12 12.35
C GLY A 62 9.10 7.18 11.25
N ILE A 63 9.37 8.40 11.69
CA ILE A 63 9.54 9.51 10.76
C ILE A 63 10.66 9.17 9.77
N PRO A 64 11.77 8.61 10.34
CA PRO A 64 12.91 8.23 9.51
C PRO A 64 12.62 6.96 8.73
N ARG A 65 11.83 6.08 9.34
CA ARG A 65 11.47 4.82 8.72
C ARG A 65 10.64 5.08 7.46
N LEU A 66 9.74 6.05 7.57
CA LEU A 66 8.88 6.39 6.45
C LEU A 66 9.72 7.01 5.34
N GLU A 67 10.51 8.00 5.71
CA GLU A 67 11.38 8.68 4.75
C GLU A 67 12.01 7.66 3.80
N ARG A 68 12.78 6.75 4.39
CA ARG A 68 13.45 5.73 3.61
C ARG A 68 12.48 5.09 2.62
N ILE A 69 11.35 4.63 3.16
CA ILE A 69 10.34 4.00 2.33
C ILE A 69 10.05 4.88 1.12
N LEU A 70 10.16 6.18 1.33
CA LEU A 70 9.90 7.15 0.27
C LEU A 70 11.16 7.25 -0.61
N LEU A 71 12.30 7.09 0.03
CA LEU A 71 13.57 7.16 -0.68
C LEU A 71 13.82 5.85 -1.42
N ALA A 72 13.04 4.84 -1.05
CA ALA A 72 13.17 3.54 -1.68
C ALA A 72 11.98 3.32 -2.63
N LYS A 73 11.09 4.29 -2.64
CA LYS A 73 9.91 4.21 -3.49
C LYS A 73 10.32 3.72 -4.88
N GLU A 74 11.39 4.31 -5.39
CA GLU A 74 11.89 3.95 -6.70
C GLU A 74 12.06 2.42 -6.79
N ARG A 75 12.39 1.83 -5.66
CA ARG A 75 12.58 0.38 -5.60
C ARG A 75 11.30 -0.30 -5.17
N ILE A 76 10.61 0.33 -4.22
CA ILE A 76 9.36 -0.21 -3.71
C ILE A 76 8.58 -0.83 -4.86
N ARG A 77 7.91 -1.94 -4.55
CA ARG A 77 7.12 -2.64 -5.54
C ARG A 77 6.11 -3.57 -4.85
N PHE A 78 4.95 -3.71 -5.49
CA PHE A 78 3.90 -4.55 -4.96
C PHE A 78 3.68 -5.78 -5.84
N VAL A 79 4.12 -6.93 -5.32
CA VAL A 79 3.98 -8.17 -6.05
C VAL A 79 2.59 -8.76 -5.79
N ILE A 80 1.82 -8.87 -6.86
CA ILE A 80 0.47 -9.41 -6.75
C ILE A 80 0.41 -10.76 -7.47
N LYS A 81 1.14 -11.73 -6.92
CA LYS A 81 1.19 -13.05 -7.50
C LYS A 81 -0.25 -13.58 -7.65
N LYS A 82 -0.98 -13.54 -6.55
CA LYS A 82 -2.36 -14.01 -6.54
C LYS A 82 -3.30 -12.81 -6.51
N HIS A 83 -4.08 -12.68 -7.58
CA HIS A 83 -5.03 -11.58 -7.68
C HIS A 83 -6.35 -11.98 -7.01
N GLU A 84 -6.88 -13.11 -7.45
CA GLU A 84 -8.14 -13.61 -6.91
C GLU A 84 -8.14 -13.50 -5.38
N LEU A 85 -7.02 -13.91 -4.80
CA LEU A 85 -6.88 -13.86 -3.35
C LEU A 85 -7.41 -12.52 -2.83
N LEU A 86 -7.34 -11.52 -3.69
CA LEU A 86 -7.80 -10.18 -3.34
C LEU A 86 -9.32 -10.19 -3.26
N ASN A 87 -9.95 -10.55 -4.38
CA ASN A 87 -11.40 -10.60 -4.44
C ASN A 87 -11.97 -9.28 -3.92
N SER A 88 -12.23 -8.37 -4.84
CA SER A 88 -12.77 -7.07 -4.49
C SER A 88 -13.36 -6.40 -5.74
N THR A 89 -14.65 -6.63 -5.93
CA THR A 89 -15.34 -6.05 -7.08
C THR A 89 -16.42 -5.06 -6.61
N ARG A 90 -15.97 -4.03 -5.92
CA ARG A 90 -16.87 -3.01 -5.41
C ARG A 90 -17.87 -3.64 -4.45
N GLU A 91 -17.52 -3.57 -3.17
CA GLU A 91 -18.38 -4.12 -2.13
C GLU A 91 -17.80 -3.80 -0.74
N ASP A 92 -18.24 -2.67 -0.20
CA ASP A 92 -17.77 -2.24 1.11
C ASP A 92 -18.03 -3.36 2.12
N LEU A 93 -16.96 -3.77 2.79
CA LEU A 93 -17.06 -4.82 3.79
C LEU A 93 -16.21 -4.45 5.00
N SER A 94 -16.90 -4.22 6.11
CA SER A 94 -16.22 -3.86 7.35
C SER A 94 -16.98 -4.41 8.55
N GLY A 95 -16.32 -5.32 9.26
CA GLY A 95 -16.92 -5.93 10.43
C GLY A 95 -16.07 -7.11 10.93
N PRO A 96 -16.20 -7.38 12.26
CA PRO A 96 -15.45 -8.48 12.87
C PRO A 96 -16.06 -9.83 12.49
N SER A 97 -15.34 -10.88 12.85
CA SER A 97 -15.79 -12.23 12.55
C SER A 97 -15.66 -13.10 13.80
N SER A 98 -16.80 -13.56 14.29
CA SER A 98 -16.84 -14.41 15.47
C SER A 98 -17.47 -15.76 15.14
N GLY A 99 -17.00 -16.78 15.83
CA GLY A 99 -17.50 -18.13 15.62
C GLY A 99 -16.68 -19.15 16.41
N GLY A 1 -0.89 16.37 -10.05
CA GLY A 1 -0.34 15.66 -8.91
C GLY A 1 -0.48 16.48 -7.63
N SER A 2 0.66 16.85 -7.07
CA SER A 2 0.67 17.64 -5.84
C SER A 2 1.76 18.71 -5.92
N SER A 3 1.66 19.67 -5.01
CA SER A 3 2.62 20.77 -4.97
C SER A 3 2.79 21.26 -3.53
N GLY A 4 3.62 20.54 -2.78
CA GLY A 4 3.87 20.90 -1.39
C GLY A 4 3.94 19.65 -0.51
N SER A 5 4.57 19.82 0.64
CA SER A 5 4.72 18.71 1.58
C SER A 5 3.42 18.50 2.34
N SER A 6 3.05 17.24 2.49
CA SER A 6 1.83 16.88 3.19
C SER A 6 2.16 16.16 4.49
N GLY A 7 2.82 15.02 4.34
CA GLY A 7 3.21 14.21 5.48
C GLY A 7 3.73 12.84 5.04
N LEU A 8 4.83 12.43 5.65
CA LEU A 8 5.43 11.15 5.33
C LEU A 8 4.33 10.09 5.19
N ARG A 9 3.71 9.79 6.32
CA ARG A 9 2.64 8.80 6.35
C ARG A 9 1.78 8.92 5.09
N LYS A 10 1.27 10.11 4.88
CA LYS A 10 0.43 10.37 3.71
C LYS A 10 1.19 9.99 2.45
N GLN A 11 2.42 10.46 2.37
CA GLN A 11 3.26 10.18 1.22
C GLN A 11 3.33 8.67 0.97
N VAL A 12 3.74 7.95 2.01
CA VAL A 12 3.85 6.50 1.91
C VAL A 12 2.47 5.91 1.64
N GLU A 13 1.49 6.43 2.36
CA GLU A 13 0.12 5.96 2.21
C GLU A 13 -0.27 5.92 0.73
N GLU A 14 -0.16 7.08 0.09
CA GLU A 14 -0.49 7.19 -1.32
C GLU A 14 0.41 6.29 -2.15
N LEU A 15 1.65 6.19 -1.72
CA LEU A 15 2.62 5.36 -2.42
C LEU A 15 2.20 3.89 -2.32
N PHE A 16 2.18 3.40 -1.10
CA PHE A 16 1.80 2.02 -0.85
C PHE A 16 0.65 1.59 -1.76
N GLU A 17 -0.44 2.35 -1.69
CA GLU A 17 -1.60 2.07 -2.49
C GLU A 17 -1.26 2.20 -3.98
N ARG A 18 -0.56 3.28 -4.30
CA ARG A 18 -0.16 3.54 -5.68
C ARG A 18 0.46 2.28 -6.29
N LYS A 19 1.58 1.86 -5.71
CA LYS A 19 2.28 0.68 -6.18
C LYS A 19 1.27 -0.45 -6.40
N TYR A 20 0.54 -0.76 -5.34
CA TYR A 20 -0.45 -1.82 -5.39
C TYR A 20 -1.43 -1.59 -6.55
N ALA A 21 -1.94 -0.37 -6.62
CA ALA A 21 -2.88 -0.01 -7.67
C ALA A 21 -2.23 -0.24 -9.04
N GLN A 22 -0.96 0.14 -9.11
CA GLN A 22 -0.21 -0.02 -10.35
C GLN A 22 -0.18 -1.48 -10.77
N ALA A 23 0.06 -2.35 -9.79
CA ALA A 23 0.12 -3.78 -10.04
C ALA A 23 -1.20 -4.24 -10.65
N ILE A 24 -2.25 -3.50 -10.34
CA ILE A 24 -3.58 -3.81 -10.84
C ILE A 24 -4.05 -2.69 -11.77
N LYS A 25 -3.10 -1.87 -12.18
CA LYS A 25 -3.40 -0.75 -13.06
C LYS A 25 -4.69 -0.07 -12.59
N ALA A 26 -4.66 0.36 -11.34
CA ALA A 26 -5.80 1.04 -10.76
C ALA A 26 -5.56 2.55 -10.76
N LYS A 27 -6.50 3.27 -11.35
CA LYS A 27 -6.40 4.72 -11.43
C LYS A 27 -7.25 5.34 -10.32
N GLY A 28 -7.40 4.58 -9.24
CA GLY A 28 -8.18 5.05 -8.11
C GLY A 28 -7.55 4.58 -6.79
N PRO A 29 -8.10 5.14 -5.66
CA PRO A 29 -7.60 4.79 -4.34
C PRO A 29 -8.07 3.40 -3.93
N VAL A 30 -7.11 2.50 -3.75
CA VAL A 30 -7.40 1.15 -3.35
C VAL A 30 -6.91 0.92 -1.92
N THR A 31 -7.43 -0.14 -1.31
CA THR A 31 -7.06 -0.48 0.04
C THR A 31 -6.09 -1.67 0.05
N ILE A 32 -5.15 -1.63 0.98
CA ILE A 32 -4.17 -2.69 1.10
C ILE A 32 -4.57 -3.62 2.24
N PRO A 33 -4.93 -4.88 1.86
CA PRO A 33 -5.33 -5.87 2.85
C PRO A 33 -4.12 -6.41 3.62
N TYR A 34 -4.09 -6.10 4.90
CA TYR A 34 -3.00 -6.55 5.75
C TYR A 34 -3.10 -8.06 6.03
N PRO A 35 -4.37 -8.53 6.16
CA PRO A 35 -4.61 -9.94 6.43
C PRO A 35 -4.38 -10.78 5.17
N LEU A 36 -5.14 -10.45 4.13
CA LEU A 36 -5.02 -11.16 2.86
C LEU A 36 -3.54 -11.34 2.51
N PHE A 37 -2.78 -10.30 2.77
CA PHE A 37 -1.36 -10.33 2.48
C PHE A 37 -0.59 -11.11 3.56
N GLN A 38 -1.13 -11.04 4.77
CA GLN A 38 -0.52 -11.74 5.89
C GLN A 38 -0.67 -13.26 5.73
N SER A 39 -1.90 -13.67 5.45
CA SER A 39 -2.20 -15.07 5.26
C SER A 39 -1.54 -15.58 3.98
N HIS A 40 -1.40 -14.69 3.02
CA HIS A 40 -0.80 -15.03 1.74
C HIS A 40 0.39 -14.11 1.48
N VAL A 41 1.48 -14.39 2.18
CA VAL A 41 2.69 -13.61 2.02
C VAL A 41 3.56 -14.22 0.91
N GLU A 42 3.22 -15.44 0.55
CA GLU A 42 3.96 -16.15 -0.49
C GLU A 42 3.43 -15.76 -1.87
N ASP A 43 2.37 -14.97 -1.86
CA ASP A 43 1.76 -14.52 -3.10
C ASP A 43 1.71 -12.99 -3.11
N LEU A 44 1.03 -12.44 -2.10
CA LEU A 44 0.91 -11.00 -1.98
C LEU A 44 1.93 -10.48 -0.97
N TYR A 45 2.83 -9.64 -1.48
CA TYR A 45 3.86 -9.08 -0.64
C TYR A 45 4.46 -7.83 -1.28
N VAL A 46 5.02 -6.97 -0.44
CA VAL A 46 5.63 -5.74 -0.92
C VAL A 46 7.15 -5.91 -0.97
N GLU A 47 7.74 -5.31 -1.99
CA GLU A 47 9.18 -5.39 -2.17
C GLU A 47 9.77 -4.00 -2.43
N GLY A 48 11.08 -3.96 -2.61
CA GLY A 48 11.76 -2.70 -2.85
C GLY A 48 11.90 -1.89 -1.57
N LEU A 49 11.42 -2.47 -0.48
CA LEU A 49 11.47 -1.81 0.82
C LEU A 49 12.93 -1.77 1.30
N PRO A 50 13.23 -0.74 2.13
CA PRO A 50 14.57 -0.58 2.66
C PRO A 50 14.85 -1.61 3.77
N GLU A 51 16.07 -1.57 4.27
CA GLU A 51 16.48 -2.49 5.32
C GLU A 51 15.91 -2.04 6.67
N GLY A 52 15.49 -3.01 7.46
CA GLY A 52 14.92 -2.73 8.76
C GLY A 52 13.57 -2.04 8.64
N ILE A 53 12.88 -2.33 7.54
CA ILE A 53 11.58 -1.74 7.29
C ILE A 53 10.74 -2.71 6.45
N PRO A 54 9.88 -3.49 7.18
CA PRO A 54 9.03 -4.46 6.52
C PRO A 54 7.85 -3.76 5.83
N PHE A 55 6.84 -4.56 5.51
CA PHE A 55 5.66 -4.03 4.84
C PHE A 55 4.47 -3.98 5.80
N ARG A 56 4.41 -2.90 6.56
CA ARG A 56 3.34 -2.71 7.53
C ARG A 56 2.79 -1.29 7.43
N ARG A 57 1.62 -1.10 8.03
CA ARG A 57 0.98 0.20 8.03
C ARG A 57 2.02 1.31 8.18
N PRO A 58 1.89 2.34 7.32
CA PRO A 58 2.82 3.47 7.35
C PRO A 58 2.53 4.38 8.54
N SER A 59 1.55 3.98 9.33
CA SER A 59 1.17 4.75 10.50
C SER A 59 1.84 4.17 11.75
N THR A 60 2.74 3.22 11.51
CA THR A 60 3.47 2.59 12.61
C THR A 60 4.97 2.70 12.39
N TYR A 61 5.34 3.43 11.34
CA TYR A 61 6.74 3.62 11.01
C TYR A 61 7.24 4.97 11.52
N GLY A 62 8.52 5.00 11.88
CA GLY A 62 9.14 6.21 12.38
C GLY A 62 9.24 7.27 11.29
N ILE A 63 9.47 8.51 11.71
CA ILE A 63 9.60 9.61 10.78
C ILE A 63 10.69 9.29 9.75
N PRO A 64 11.83 8.75 10.27
CA PRO A 64 12.94 8.39 9.41
C PRO A 64 12.66 7.11 8.63
N ARG A 65 11.91 6.23 9.28
CA ARG A 65 11.55 4.96 8.66
C ARG A 65 10.72 5.20 7.39
N LEU A 66 9.77 6.12 7.51
CA LEU A 66 8.92 6.46 6.39
C LEU A 66 9.76 7.07 5.27
N GLU A 67 10.52 8.09 5.63
CA GLU A 67 11.38 8.77 4.67
C GLU A 67 12.04 7.75 3.74
N ARG A 68 12.80 6.85 4.35
CA ARG A 68 13.50 5.83 3.58
C ARG A 68 12.53 5.15 2.60
N ILE A 69 11.41 4.70 3.15
CA ILE A 69 10.40 4.04 2.34
C ILE A 69 10.10 4.89 1.11
N LEU A 70 10.16 6.19 1.30
CA LEU A 70 9.89 7.13 0.22
C LEU A 70 11.13 7.23 -0.68
N LEU A 71 12.29 7.09 -0.06
CA LEU A 71 13.54 7.16 -0.79
C LEU A 71 13.76 5.84 -1.53
N ALA A 72 13.10 4.80 -1.04
CA ALA A 72 13.22 3.49 -1.65
C ALA A 72 12.05 3.27 -2.61
N LYS A 73 11.17 4.26 -2.65
CA LYS A 73 10.01 4.19 -3.53
C LYS A 73 10.46 3.76 -4.93
N GLU A 74 11.56 4.36 -5.37
CA GLU A 74 12.10 4.05 -6.69
C GLU A 74 12.33 2.54 -6.81
N ARG A 75 12.39 1.88 -5.68
CA ARG A 75 12.60 0.44 -5.65
C ARG A 75 11.33 -0.28 -5.21
N ILE A 76 10.63 0.34 -4.26
CA ILE A 76 9.40 -0.23 -3.74
C ILE A 76 8.61 -0.86 -4.89
N ARG A 77 7.95 -1.97 -4.59
CA ARG A 77 7.16 -2.67 -5.58
C ARG A 77 6.17 -3.61 -4.90
N PHE A 78 5.03 -3.79 -5.54
CA PHE A 78 3.99 -4.65 -5.01
C PHE A 78 3.75 -5.85 -5.93
N VAL A 79 4.24 -7.00 -5.48
CA VAL A 79 4.09 -8.23 -6.26
C VAL A 79 2.73 -8.84 -5.96
N ILE A 80 1.98 -9.10 -7.03
CA ILE A 80 0.66 -9.69 -6.89
C ILE A 80 0.64 -11.04 -7.61
N LYS A 81 1.01 -12.07 -6.86
CA LYS A 81 1.04 -13.41 -7.41
C LYS A 81 -0.39 -13.89 -7.65
N LYS A 82 -1.18 -13.85 -6.59
CA LYS A 82 -2.57 -14.28 -6.67
C LYS A 82 -3.49 -13.05 -6.61
N HIS A 83 -4.17 -12.80 -7.71
CA HIS A 83 -5.07 -11.67 -7.79
C HIS A 83 -6.41 -12.03 -7.14
N GLU A 84 -6.98 -13.13 -7.60
CA GLU A 84 -8.24 -13.60 -7.06
C GLU A 84 -8.26 -13.49 -5.54
N LEU A 85 -7.15 -13.92 -4.94
CA LEU A 85 -7.01 -13.89 -3.49
C LEU A 85 -7.53 -12.54 -2.97
N LEU A 86 -7.39 -11.52 -3.81
CA LEU A 86 -7.84 -10.20 -3.45
C LEU A 86 -9.36 -10.11 -3.57
N ASN A 87 -9.83 -10.30 -4.80
CA ASN A 87 -11.26 -10.26 -5.06
C ASN A 87 -11.78 -8.85 -4.81
N SER A 88 -12.13 -8.17 -5.88
CA SER A 88 -12.64 -6.82 -5.79
C SER A 88 -12.98 -6.28 -7.18
N THR A 89 -14.14 -6.70 -7.67
CA THR A 89 -14.59 -6.27 -8.98
C THR A 89 -15.18 -4.86 -8.92
N ARG A 90 -15.88 -4.60 -7.83
CA ARG A 90 -16.50 -3.30 -7.62
C ARG A 90 -16.42 -2.90 -6.14
N GLU A 91 -15.93 -1.69 -5.92
CA GLU A 91 -15.80 -1.18 -4.56
C GLU A 91 -16.76 -0.01 -4.34
N ASP A 92 -17.26 0.08 -3.12
CA ASP A 92 -18.18 1.15 -2.77
C ASP A 92 -17.89 1.61 -1.34
N LEU A 93 -17.84 2.93 -1.18
CA LEU A 93 -17.58 3.51 0.13
C LEU A 93 -18.15 4.93 0.17
N SER A 94 -19.30 5.06 0.82
CA SER A 94 -19.96 6.34 0.94
C SER A 94 -20.53 6.51 2.35
N GLY A 95 -20.57 7.75 2.79
CA GLY A 95 -21.09 8.06 4.11
C GLY A 95 -20.01 8.70 5.00
N PRO A 96 -20.22 10.00 5.32
CA PRO A 96 -19.27 10.72 6.14
C PRO A 96 -19.40 10.31 7.61
N SER A 97 -20.63 10.33 8.09
CA SER A 97 -20.89 9.96 9.47
C SER A 97 -19.97 10.73 10.42
N SER A 98 -20.51 11.80 10.98
CA SER A 98 -19.74 12.63 11.90
C SER A 98 -20.67 13.27 12.92
N GLY A 99 -20.23 13.26 14.17
CA GLY A 99 -21.01 13.84 15.26
C GLY A 99 -20.52 13.34 16.61
N GLY A 1 -12.57 14.15 11.79
CA GLY A 1 -11.74 13.19 12.51
C GLY A 1 -10.27 13.62 12.50
N SER A 2 -9.42 12.70 12.08
CA SER A 2 -7.99 12.96 12.01
C SER A 2 -7.68 13.84 10.80
N SER A 3 -6.91 14.88 11.03
CA SER A 3 -6.53 15.80 9.98
C SER A 3 -5.70 15.06 8.92
N GLY A 4 -5.60 15.68 7.76
CA GLY A 4 -4.85 15.10 6.66
C GLY A 4 -3.50 15.80 6.49
N SER A 5 -3.50 16.84 5.67
CA SER A 5 -2.29 17.59 5.42
C SER A 5 -1.21 16.68 4.83
N SER A 6 -0.16 17.30 4.30
CA SER A 6 0.93 16.57 3.70
C SER A 6 1.89 16.07 4.79
N GLY A 7 2.26 14.81 4.68
CA GLY A 7 3.16 14.21 5.65
C GLY A 7 3.74 12.89 5.11
N LEU A 8 4.93 12.56 5.62
CA LEU A 8 5.59 11.34 5.20
C LEU A 8 4.57 10.20 5.11
N ARG A 9 3.90 9.96 6.23
CA ARG A 9 2.90 8.90 6.29
C ARG A 9 1.99 8.98 5.07
N LYS A 10 1.35 10.13 4.90
CA LYS A 10 0.45 10.34 3.79
C LYS A 10 1.17 9.98 2.48
N GLN A 11 2.41 10.43 2.38
CA GLN A 11 3.21 10.16 1.20
C GLN A 11 3.30 8.65 0.96
N VAL A 12 3.65 7.92 2.01
CA VAL A 12 3.77 6.49 1.92
C VAL A 12 2.39 5.88 1.71
N GLU A 13 1.43 6.36 2.49
CA GLU A 13 0.07 5.86 2.41
C GLU A 13 -0.40 5.88 0.95
N GLU A 14 -0.24 7.03 0.32
CA GLU A 14 -0.65 7.19 -1.07
C GLU A 14 0.25 6.36 -1.98
N LEU A 15 1.54 6.38 -1.66
CA LEU A 15 2.51 5.64 -2.44
C LEU A 15 2.16 4.15 -2.42
N PHE A 16 2.08 3.62 -1.20
CA PHE A 16 1.76 2.21 -1.03
C PHE A 16 0.65 1.78 -2.00
N GLU A 17 -0.48 2.48 -1.91
CA GLU A 17 -1.61 2.18 -2.76
C GLU A 17 -1.21 2.27 -4.23
N ARG A 18 -0.57 3.39 -4.57
CA ARG A 18 -0.12 3.61 -5.93
C ARG A 18 0.48 2.33 -6.51
N LYS A 19 1.57 1.89 -5.91
CA LYS A 19 2.24 0.69 -6.35
C LYS A 19 1.21 -0.41 -6.58
N TYR A 20 0.46 -0.72 -5.54
CA TYR A 20 -0.56 -1.75 -5.63
C TYR A 20 -1.50 -1.49 -6.79
N ALA A 21 -1.94 -0.24 -6.89
CA ALA A 21 -2.85 0.16 -7.96
C ALA A 21 -2.17 -0.08 -9.31
N GLN A 22 -0.88 0.21 -9.35
CA GLN A 22 -0.10 0.03 -10.57
C GLN A 22 -0.08 -1.44 -10.97
N ALA A 23 0.13 -2.29 -9.98
CA ALA A 23 0.19 -3.72 -10.22
C ALA A 23 -1.15 -4.19 -10.81
N ILE A 24 -2.16 -3.34 -10.64
CA ILE A 24 -3.48 -3.65 -11.15
C ILE A 24 -3.94 -2.53 -12.09
N LYS A 25 -2.97 -1.71 -12.49
CA LYS A 25 -3.25 -0.60 -13.38
C LYS A 25 -4.54 0.09 -12.94
N ALA A 26 -4.53 0.57 -11.71
CA ALA A 26 -5.68 1.25 -11.15
C ALA A 26 -5.38 2.75 -11.04
N LYS A 27 -6.26 3.53 -11.64
CA LYS A 27 -6.11 4.98 -11.63
C LYS A 27 -6.96 5.56 -10.50
N GLY A 28 -7.42 4.68 -9.62
CA GLY A 28 -8.24 5.09 -8.50
C GLY A 28 -7.64 4.62 -7.18
N PRO A 29 -8.23 5.13 -6.06
CA PRO A 29 -7.75 4.77 -4.74
C PRO A 29 -8.20 3.36 -4.36
N VAL A 30 -7.22 2.49 -4.17
CA VAL A 30 -7.49 1.11 -3.81
C VAL A 30 -7.06 0.86 -2.37
N THR A 31 -7.56 -0.23 -1.81
CA THR A 31 -7.22 -0.58 -0.44
C THR A 31 -6.21 -1.73 -0.42
N ILE A 32 -5.28 -1.64 0.54
CA ILE A 32 -4.26 -2.66 0.67
C ILE A 32 -4.68 -3.66 1.74
N PRO A 33 -4.80 -4.95 1.31
CA PRO A 33 -5.20 -6.00 2.23
C PRO A 33 -4.04 -6.40 3.15
N TYR A 34 -4.17 -5.99 4.40
CA TYR A 34 -3.14 -6.29 5.38
C TYR A 34 -3.23 -7.73 5.85
N PRO A 35 -4.49 -8.23 5.97
CA PRO A 35 -4.73 -9.59 6.40
C PRO A 35 -4.41 -10.58 5.27
N LEU A 36 -5.20 -10.50 4.21
CA LEU A 36 -5.02 -11.38 3.08
C LEU A 36 -3.52 -11.59 2.83
N PHE A 37 -2.80 -10.47 2.81
CA PHE A 37 -1.37 -10.52 2.58
C PHE A 37 -0.67 -11.34 3.66
N GLN A 38 -1.03 -11.07 4.91
CA GLN A 38 -0.45 -11.77 6.04
C GLN A 38 -0.61 -13.28 5.86
N SER A 39 -1.75 -13.66 5.32
CA SER A 39 -2.04 -15.07 5.08
C SER A 39 -1.50 -15.50 3.73
N HIS A 40 -1.20 -14.51 2.90
CA HIS A 40 -0.66 -14.76 1.57
C HIS A 40 0.58 -13.91 1.34
N VAL A 41 1.59 -14.17 2.16
CA VAL A 41 2.84 -13.44 2.06
C VAL A 41 3.73 -14.09 1.00
N GLU A 42 3.33 -15.29 0.59
CA GLU A 42 4.07 -16.03 -0.42
C GLU A 42 3.64 -15.60 -1.81
N ASP A 43 2.53 -14.89 -1.87
CA ASP A 43 2.00 -14.40 -3.14
C ASP A 43 1.81 -12.88 -3.07
N LEU A 44 1.07 -12.47 -2.05
CA LEU A 44 0.81 -11.05 -1.85
C LEU A 44 1.81 -10.48 -0.85
N TYR A 45 2.67 -9.61 -1.35
CA TYR A 45 3.68 -8.98 -0.53
C TYR A 45 4.27 -7.75 -1.21
N VAL A 46 4.92 -6.92 -0.40
CA VAL A 46 5.53 -5.70 -0.91
C VAL A 46 7.05 -5.86 -0.95
N GLU A 47 7.65 -5.33 -2.01
CA GLU A 47 9.08 -5.42 -2.18
C GLU A 47 9.67 -4.03 -2.47
N GLY A 48 10.97 -4.01 -2.67
CA GLY A 48 11.66 -2.76 -2.96
C GLY A 48 11.84 -1.93 -1.68
N LEU A 49 11.36 -2.49 -0.58
CA LEU A 49 11.46 -1.80 0.70
C LEU A 49 12.92 -1.77 1.15
N PRO A 50 13.23 -0.76 2.01
CA PRO A 50 14.58 -0.60 2.53
C PRO A 50 14.90 -1.66 3.58
N GLU A 51 16.10 -1.56 4.12
CA GLU A 51 16.54 -2.50 5.14
C GLU A 51 15.97 -2.11 6.51
N GLY A 52 15.53 -3.12 7.24
CA GLY A 52 14.96 -2.90 8.56
C GLY A 52 13.61 -2.20 8.46
N ILE A 53 12.91 -2.46 7.36
CA ILE A 53 11.61 -1.85 7.14
C ILE A 53 10.76 -2.80 6.30
N PRO A 54 9.92 -3.61 7.01
CA PRO A 54 9.05 -4.55 6.33
C PRO A 54 7.86 -3.84 5.69
N PHE A 55 6.84 -4.63 5.39
CA PHE A 55 5.63 -4.08 4.77
C PHE A 55 4.46 -4.08 5.75
N ARG A 56 4.35 -2.99 6.49
CA ARG A 56 3.28 -2.85 7.46
C ARG A 56 2.72 -1.43 7.44
N ARG A 57 1.57 -1.26 8.07
CA ARG A 57 0.92 0.04 8.14
C ARG A 57 1.97 1.14 8.26
N PRO A 58 1.89 2.12 7.30
CA PRO A 58 2.82 3.24 7.30
C PRO A 58 2.48 4.23 8.41
N SER A 59 1.45 3.90 9.17
CA SER A 59 1.02 4.76 10.26
C SER A 59 1.65 4.28 11.58
N THR A 60 2.49 3.27 11.46
CA THR A 60 3.16 2.72 12.63
C THR A 60 4.67 2.85 12.49
N TYR A 61 5.09 3.25 11.30
CA TYR A 61 6.51 3.42 11.02
C TYR A 61 7.02 4.74 11.59
N GLY A 62 8.33 4.79 11.80
CA GLY A 62 8.96 5.99 12.33
C GLY A 62 9.10 7.07 11.26
N ILE A 63 9.34 8.29 11.72
CA ILE A 63 9.50 9.40 10.80
C ILE A 63 10.65 9.10 9.84
N PRO A 64 11.75 8.57 10.40
CA PRO A 64 12.91 8.23 9.60
C PRO A 64 12.68 6.97 8.77
N ARG A 65 11.89 6.07 9.35
CA ARG A 65 11.57 4.81 8.70
C ARG A 65 10.76 5.08 7.42
N LEU A 66 9.82 6.01 7.55
CA LEU A 66 8.96 6.36 6.42
C LEU A 66 9.82 6.99 5.32
N GLU A 67 10.61 7.98 5.73
CA GLU A 67 11.47 8.68 4.79
C GLU A 67 12.12 7.69 3.83
N ARG A 68 12.87 6.76 4.42
CA ARG A 68 13.56 5.76 3.63
C ARG A 68 12.60 5.11 2.64
N ILE A 69 11.46 4.67 3.16
CA ILE A 69 10.44 4.05 2.33
C ILE A 69 10.13 4.94 1.13
N LEU A 70 10.22 6.24 1.38
CA LEU A 70 9.94 7.22 0.34
C LEU A 70 11.16 7.33 -0.58
N LEU A 71 12.33 7.07 0.00
CA LEU A 71 13.57 7.14 -0.75
C LEU A 71 13.80 5.81 -1.47
N ALA A 72 13.02 4.81 -1.07
CA ALA A 72 13.14 3.50 -1.68
C ALA A 72 11.96 3.27 -2.63
N LYS A 73 11.06 4.25 -2.64
CA LYS A 73 9.89 4.18 -3.50
C LYS A 73 10.31 3.71 -4.91
N GLU A 74 11.40 4.28 -5.37
CA GLU A 74 11.92 3.94 -6.68
C GLU A 74 12.10 2.42 -6.80
N ARG A 75 12.40 1.81 -5.67
CA ARG A 75 12.60 0.37 -5.63
C ARG A 75 11.30 -0.33 -5.21
N ILE A 76 10.62 0.29 -4.25
CA ILE A 76 9.37 -0.27 -3.76
C ILE A 76 8.60 -0.89 -4.92
N ARG A 77 7.94 -2.00 -4.61
CA ARG A 77 7.16 -2.71 -5.62
C ARG A 77 6.14 -3.64 -4.94
N PHE A 78 4.99 -3.77 -5.57
CA PHE A 78 3.94 -4.62 -5.05
C PHE A 78 3.71 -5.83 -5.96
N VAL A 79 4.10 -6.98 -5.44
CA VAL A 79 3.95 -8.22 -6.20
C VAL A 79 2.57 -8.82 -5.91
N ILE A 80 1.79 -8.96 -6.98
CA ILE A 80 0.45 -9.52 -6.85
C ILE A 80 0.42 -10.91 -7.48
N LYS A 81 1.25 -11.79 -6.93
CA LYS A 81 1.32 -13.15 -7.42
C LYS A 81 -0.09 -13.69 -7.65
N LYS A 82 -0.88 -13.68 -6.59
CA LYS A 82 -2.25 -14.16 -6.66
C LYS A 82 -3.21 -12.96 -6.58
N HIS A 83 -4.03 -12.84 -7.61
CA HIS A 83 -4.99 -11.75 -7.68
C HIS A 83 -6.27 -12.16 -6.95
N GLU A 84 -6.87 -13.24 -7.42
CA GLU A 84 -8.09 -13.75 -6.82
C GLU A 84 -7.97 -13.76 -5.29
N LEU A 85 -6.80 -14.17 -4.82
CA LEU A 85 -6.54 -14.23 -3.40
C LEU A 85 -7.09 -12.97 -2.73
N LEU A 86 -7.08 -11.89 -3.49
CA LEU A 86 -7.58 -10.62 -2.98
C LEU A 86 -9.04 -10.78 -2.57
N ASN A 87 -9.91 -10.79 -3.56
CA ASN A 87 -11.33 -10.94 -3.31
C ASN A 87 -11.71 -10.12 -2.07
N SER A 88 -11.47 -8.82 -2.15
CA SER A 88 -11.77 -7.92 -1.05
C SER A 88 -12.37 -6.63 -1.58
N THR A 89 -13.49 -6.23 -0.99
CA THR A 89 -14.17 -5.01 -1.38
C THR A 89 -14.05 -3.94 -0.30
N ARG A 90 -13.99 -4.41 0.95
CA ARG A 90 -13.88 -3.52 2.07
C ARG A 90 -14.80 -2.30 1.89
N GLU A 91 -16.07 -2.51 2.19
CA GLU A 91 -17.05 -1.45 2.06
C GLU A 91 -17.38 -0.86 3.44
N ASP A 92 -16.44 -0.07 3.95
CA ASP A 92 -16.61 0.56 5.24
C ASP A 92 -16.14 2.01 5.17
N LEU A 93 -16.93 2.89 5.76
CA LEU A 93 -16.61 4.31 5.76
C LEU A 93 -17.10 4.94 7.06
N SER A 94 -16.16 5.49 7.81
CA SER A 94 -16.49 6.13 9.08
C SER A 94 -15.89 7.54 9.13
N GLY A 95 -16.74 8.52 8.83
CA GLY A 95 -16.30 9.90 8.84
C GLY A 95 -16.43 10.52 7.45
N PRO A 96 -16.30 11.87 7.41
CA PRO A 96 -16.40 12.60 6.15
C PRO A 96 -15.14 12.42 5.32
N SER A 97 -14.01 12.63 5.96
CA SER A 97 -12.72 12.50 5.28
C SER A 97 -12.61 13.53 4.16
N SER A 98 -11.54 14.32 4.23
CA SER A 98 -11.31 15.34 3.23
C SER A 98 -9.89 15.91 3.39
N GLY A 99 -9.42 16.53 2.32
CA GLY A 99 -8.10 17.13 2.33
C GLY A 99 -7.54 17.26 0.91
N GLY A 1 -8.23 9.77 8.10
CA GLY A 1 -7.53 10.89 8.70
C GLY A 1 -6.75 11.69 7.65
N SER A 2 -6.24 12.83 8.08
CA SER A 2 -5.49 13.69 7.18
C SER A 2 -4.84 14.83 7.98
N SER A 3 -3.60 15.13 7.61
CA SER A 3 -2.86 16.19 8.27
C SER A 3 -2.11 17.03 7.24
N GLY A 4 -2.69 18.18 6.92
CA GLY A 4 -2.09 19.09 5.96
C GLY A 4 -1.75 18.36 4.66
N SER A 5 -0.80 18.92 3.93
CA SER A 5 -0.37 18.32 2.67
C SER A 5 0.87 17.47 2.89
N SER A 6 1.94 18.12 3.30
CA SER A 6 3.19 17.43 3.55
C SER A 6 3.04 16.49 4.74
N GLY A 7 3.26 15.20 4.49
CA GLY A 7 3.14 14.20 5.52
C GLY A 7 3.72 12.86 5.05
N LEU A 8 4.86 12.50 5.64
CA LEU A 8 5.52 11.25 5.29
C LEU A 8 4.47 10.15 5.17
N ARG A 9 3.82 9.86 6.29
CA ARG A 9 2.80 8.83 6.33
C ARG A 9 1.90 8.93 5.09
N LYS A 10 1.37 10.12 4.87
CA LYS A 10 0.50 10.35 3.74
C LYS A 10 1.24 9.97 2.45
N GLN A 11 2.50 10.38 2.38
CA GLN A 11 3.32 10.09 1.22
C GLN A 11 3.37 8.58 0.98
N VAL A 12 3.72 7.86 2.03
CA VAL A 12 3.82 6.41 1.95
C VAL A 12 2.43 5.82 1.73
N GLU A 13 1.46 6.37 2.46
CA GLU A 13 0.10 5.92 2.34
C GLU A 13 -0.36 5.93 0.89
N GLU A 14 -0.21 7.09 0.27
CA GLU A 14 -0.60 7.25 -1.13
C GLU A 14 0.30 6.40 -2.03
N LEU A 15 1.57 6.33 -1.65
CA LEU A 15 2.53 5.56 -2.41
C LEU A 15 2.15 4.08 -2.37
N PHE A 16 2.08 3.55 -1.16
CA PHE A 16 1.72 2.15 -0.97
C PHE A 16 0.59 1.74 -1.92
N GLU A 17 -0.49 2.51 -1.88
CA GLU A 17 -1.64 2.23 -2.72
C GLU A 17 -1.23 2.32 -4.20
N ARG A 18 -0.58 3.42 -4.53
CA ARG A 18 -0.14 3.63 -5.90
C ARG A 18 0.47 2.35 -6.48
N LYS A 19 1.55 1.91 -5.85
CA LYS A 19 2.23 0.70 -6.29
C LYS A 19 1.20 -0.41 -6.48
N TYR A 20 0.43 -0.66 -5.43
CA TYR A 20 -0.59 -1.68 -5.47
C TYR A 20 -1.54 -1.46 -6.65
N ALA A 21 -1.97 -0.23 -6.80
CA ALA A 21 -2.88 0.13 -7.87
C ALA A 21 -2.22 -0.16 -9.22
N GLN A 22 -0.93 0.11 -9.28
CA GLN A 22 -0.16 -0.11 -10.50
C GLN A 22 -0.20 -1.60 -10.87
N ALA A 23 0.02 -2.43 -9.86
CA ALA A 23 0.02 -3.87 -10.07
C ALA A 23 -1.33 -4.30 -10.66
N ILE A 24 -2.33 -3.46 -10.42
CA ILE A 24 -3.66 -3.74 -10.93
C ILE A 24 -4.09 -2.61 -11.86
N LYS A 25 -3.11 -1.86 -12.34
CA LYS A 25 -3.36 -0.75 -13.24
C LYS A 25 -4.64 -0.03 -12.81
N ALA A 26 -4.61 0.46 -11.58
CA ALA A 26 -5.76 1.18 -11.04
C ALA A 26 -5.45 2.67 -10.98
N LYS A 27 -6.30 3.44 -11.64
CA LYS A 27 -6.12 4.89 -11.68
C LYS A 27 -6.95 5.53 -10.56
N GLY A 28 -7.16 4.75 -9.50
CA GLY A 28 -7.93 5.22 -8.37
C GLY A 28 -7.33 4.73 -7.05
N PRO A 29 -7.86 5.28 -5.93
CA PRO A 29 -7.39 4.89 -4.61
C PRO A 29 -7.92 3.51 -4.22
N VAL A 30 -6.99 2.59 -4.03
CA VAL A 30 -7.35 1.23 -3.66
C VAL A 30 -6.93 0.98 -2.21
N THR A 31 -7.45 -0.11 -1.66
CA THR A 31 -7.14 -0.47 -0.28
C THR A 31 -6.13 -1.61 -0.24
N ILE A 32 -5.25 -1.55 0.75
CA ILE A 32 -4.23 -2.57 0.91
C ILE A 32 -4.62 -3.51 2.06
N PRO A 33 -4.94 -4.77 1.70
CA PRO A 33 -5.33 -5.76 2.69
C PRO A 33 -4.11 -6.26 3.47
N TYR A 34 -4.14 -5.99 4.77
CA TYR A 34 -3.05 -6.40 5.63
C TYR A 34 -3.13 -7.90 5.95
N PRO A 35 -4.39 -8.39 6.04
CA PRO A 35 -4.61 -9.80 6.33
C PRO A 35 -4.32 -10.67 5.09
N LEU A 36 -5.18 -10.53 4.11
CA LEU A 36 -5.02 -11.29 2.87
C LEU A 36 -3.54 -11.42 2.54
N PHE A 37 -2.84 -10.30 2.64
CA PHE A 37 -1.42 -10.27 2.35
C PHE A 37 -0.63 -11.08 3.39
N GLN A 38 -0.98 -10.85 4.65
CA GLN A 38 -0.31 -11.53 5.75
C GLN A 38 -0.59 -13.03 5.67
N SER A 39 -1.78 -13.36 5.17
CA SER A 39 -2.17 -14.75 5.03
C SER A 39 -1.44 -15.39 3.85
N HIS A 40 -1.23 -14.60 2.81
CA HIS A 40 -0.55 -15.08 1.63
C HIS A 40 0.73 -14.26 1.41
N VAL A 41 1.64 -14.38 2.37
CA VAL A 41 2.90 -13.66 2.29
C VAL A 41 3.80 -14.33 1.25
N GLU A 42 3.37 -15.49 0.79
CA GLU A 42 4.12 -16.24 -0.20
C GLU A 42 3.66 -15.86 -1.61
N ASP A 43 2.53 -15.17 -1.67
CA ASP A 43 1.98 -14.74 -2.94
C ASP A 43 1.87 -13.22 -2.95
N LEU A 44 1.13 -12.69 -1.99
CA LEU A 44 0.96 -11.25 -1.88
C LEU A 44 1.96 -10.69 -0.88
N TYR A 45 2.83 -9.82 -1.39
CA TYR A 45 3.84 -9.21 -0.57
C TYR A 45 4.44 -7.97 -1.25
N VAL A 46 4.92 -7.05 -0.43
CA VAL A 46 5.51 -5.83 -0.95
C VAL A 46 7.03 -6.01 -1.06
N GLU A 47 7.60 -5.33 -2.05
CA GLU A 47 9.02 -5.41 -2.28
C GLU A 47 9.61 -4.02 -2.52
N GLY A 48 10.93 -3.98 -2.69
CA GLY A 48 11.61 -2.71 -2.93
C GLY A 48 11.74 -1.92 -1.64
N LEU A 49 11.25 -2.51 -0.55
CA LEU A 49 11.32 -1.87 0.75
C LEU A 49 12.77 -1.81 1.21
N PRO A 50 13.06 -0.78 2.06
CA PRO A 50 14.41 -0.60 2.58
C PRO A 50 14.71 -1.62 3.67
N GLU A 51 15.90 -1.51 4.24
CA GLU A 51 16.33 -2.41 5.28
C GLU A 51 15.77 -1.95 6.64
N GLY A 52 15.35 -2.93 7.43
CA GLY A 52 14.79 -2.64 8.74
C GLY A 52 13.43 -1.96 8.62
N ILE A 53 12.73 -2.28 7.54
CA ILE A 53 11.42 -1.71 7.29
C ILE A 53 10.59 -2.69 6.48
N PRO A 54 9.75 -3.48 7.22
CA PRO A 54 8.90 -4.47 6.57
C PRO A 54 7.71 -3.80 5.88
N PHE A 55 6.68 -4.60 5.63
CA PHE A 55 5.49 -4.10 4.97
C PHE A 55 4.31 -4.07 5.94
N ARG A 56 4.20 -2.94 6.65
CA ARG A 56 3.13 -2.78 7.62
C ARG A 56 2.58 -1.35 7.54
N ARG A 57 1.42 -1.16 8.16
CA ARG A 57 0.77 0.14 8.17
C ARG A 57 1.83 1.24 8.32
N PRO A 58 1.79 2.21 7.36
CA PRO A 58 2.72 3.32 7.37
C PRO A 58 2.35 4.33 8.45
N SER A 59 1.30 4.01 9.19
CA SER A 59 0.84 4.89 10.25
C SER A 59 1.56 4.54 11.56
N THR A 60 2.56 3.69 11.45
CA THR A 60 3.33 3.27 12.59
C THR A 60 4.82 3.60 12.39
N TYR A 61 5.28 3.33 11.18
CA TYR A 61 6.67 3.59 10.84
C TYR A 61 7.13 4.95 11.39
N GLY A 62 8.39 5.00 11.78
CA GLY A 62 8.96 6.23 12.32
C GLY A 62 9.14 7.28 11.23
N ILE A 63 9.34 8.51 11.67
CA ILE A 63 9.53 9.61 10.74
C ILE A 63 10.67 9.28 9.77
N PRO A 64 11.77 8.75 10.37
CA PRO A 64 12.94 8.39 9.58
C PRO A 64 12.69 7.09 8.80
N ARG A 65 11.90 6.22 9.40
CA ARG A 65 11.58 4.95 8.76
C ARG A 65 10.76 5.18 7.50
N LEU A 66 9.83 6.12 7.59
CA LEU A 66 8.97 6.45 6.47
C LEU A 66 9.83 7.04 5.34
N GLU A 67 10.59 8.07 5.70
CA GLU A 67 11.45 8.73 4.73
C GLU A 67 12.10 7.70 3.81
N ARG A 68 12.87 6.80 4.43
CA ARG A 68 13.55 5.76 3.68
C ARG A 68 12.59 5.10 2.68
N ILE A 69 11.48 4.62 3.21
CA ILE A 69 10.47 3.97 2.38
C ILE A 69 10.19 4.84 1.16
N LEU A 70 10.21 6.14 1.38
CA LEU A 70 9.95 7.09 0.31
C LEU A 70 11.18 7.17 -0.59
N LEU A 71 12.35 7.03 0.03
CA LEU A 71 13.60 7.08 -0.70
C LEU A 71 13.82 5.76 -1.43
N ALA A 72 13.01 4.78 -1.07
CA ALA A 72 13.11 3.46 -1.68
C ALA A 72 11.93 3.26 -2.63
N LYS A 73 11.03 4.24 -2.63
CA LYS A 73 9.86 4.17 -3.48
C LYS A 73 10.27 3.66 -4.87
N GLU A 74 11.30 4.30 -5.41
CA GLU A 74 11.79 3.93 -6.73
C GLU A 74 11.95 2.41 -6.83
N ARG A 75 12.31 1.81 -5.70
CA ARG A 75 12.50 0.38 -5.65
C ARG A 75 11.20 -0.32 -5.21
N ILE A 76 10.52 0.32 -4.27
CA ILE A 76 9.27 -0.23 -3.76
C ILE A 76 8.48 -0.84 -4.91
N ARG A 77 7.80 -1.94 -4.61
CA ARG A 77 7.00 -2.63 -5.61
C ARG A 77 6.04 -3.61 -4.93
N PHE A 78 4.88 -3.76 -5.53
CA PHE A 78 3.86 -4.66 -5.01
C PHE A 78 3.68 -5.88 -5.91
N VAL A 79 4.12 -7.03 -5.40
CA VAL A 79 4.01 -8.26 -6.14
C VAL A 79 2.67 -8.93 -5.84
N ILE A 80 1.82 -8.99 -6.85
CA ILE A 80 0.51 -9.60 -6.70
C ILE A 80 0.51 -10.98 -7.35
N LYS A 81 1.22 -11.90 -6.71
CA LYS A 81 1.31 -13.26 -7.22
C LYS A 81 -0.11 -13.79 -7.49
N LYS A 82 -0.90 -13.81 -6.43
CA LYS A 82 -2.27 -14.30 -6.54
C LYS A 82 -3.23 -13.11 -6.54
N HIS A 83 -4.01 -13.01 -7.60
CA HIS A 83 -4.97 -11.92 -7.73
C HIS A 83 -6.27 -12.31 -7.03
N GLU A 84 -6.87 -13.39 -7.51
CA GLU A 84 -8.12 -13.87 -6.94
C GLU A 84 -8.07 -13.80 -5.42
N LEU A 85 -6.91 -14.17 -4.88
CA LEU A 85 -6.71 -14.15 -3.44
C LEU A 85 -7.27 -12.85 -2.87
N LEU A 86 -7.03 -11.78 -3.60
CA LEU A 86 -7.51 -10.46 -3.17
C LEU A 86 -9.02 -10.50 -3.03
N ASN A 87 -9.69 -10.79 -4.13
CA ASN A 87 -11.14 -10.86 -4.14
C ASN A 87 -11.71 -9.63 -3.45
N SER A 88 -12.00 -8.61 -4.25
CA SER A 88 -12.54 -7.37 -3.73
C SER A 88 -13.81 -7.00 -4.48
N THR A 89 -14.71 -6.32 -3.77
CA THR A 89 -15.97 -5.90 -4.37
C THR A 89 -16.59 -4.77 -3.54
N ARG A 90 -15.86 -3.67 -3.46
CA ARG A 90 -16.34 -2.52 -2.71
C ARG A 90 -15.30 -1.39 -2.77
N GLU A 91 -15.80 -0.20 -3.10
CA GLU A 91 -14.94 0.96 -3.19
C GLU A 91 -15.59 2.16 -2.50
N ASP A 92 -15.27 2.31 -1.22
CA ASP A 92 -15.82 3.41 -0.45
C ASP A 92 -15.31 3.30 1.00
N LEU A 93 -14.53 4.29 1.39
CA LEU A 93 -13.97 4.32 2.73
C LEU A 93 -13.55 5.75 3.08
N SER A 94 -14.54 6.54 3.48
CA SER A 94 -14.29 7.93 3.83
C SER A 94 -13.31 8.56 2.84
N GLY A 95 -13.88 9.15 1.80
CA GLY A 95 -13.08 9.79 0.78
C GLY A 95 -12.07 10.76 1.39
N PRO A 96 -11.18 11.31 0.52
CA PRO A 96 -10.18 12.26 0.97
C PRO A 96 -10.80 13.63 1.25
N SER A 97 -10.99 13.90 2.53
CA SER A 97 -11.57 15.17 2.94
C SER A 97 -10.47 16.20 3.16
N SER A 98 -10.54 17.26 2.37
CA SER A 98 -9.56 18.33 2.47
C SER A 98 -9.59 18.95 3.87
N GLY A 99 -8.45 19.50 4.26
CA GLY A 99 -8.33 20.13 5.56
C GLY A 99 -7.74 21.53 5.45
N GLY A 1 -10.95 22.08 -1.22
CA GLY A 1 -9.90 21.68 -0.31
C GLY A 1 -8.95 22.84 0.00
N SER A 2 -7.83 22.49 0.62
CA SER A 2 -6.83 23.50 0.96
C SER A 2 -5.50 23.16 0.30
N SER A 3 -4.83 24.21 -0.15
CA SER A 3 -3.54 24.03 -0.81
C SER A 3 -2.42 23.99 0.23
N GLY A 4 -1.51 23.05 0.04
CA GLY A 4 -0.39 22.88 0.95
C GLY A 4 -0.53 21.59 1.76
N SER A 5 0.29 20.61 1.40
CA SER A 5 0.28 19.33 2.08
C SER A 5 1.63 18.64 1.93
N SER A 6 1.96 17.80 2.90
CA SER A 6 3.21 17.08 2.89
C SER A 6 3.40 16.32 4.20
N GLY A 7 3.33 15.00 4.11
CA GLY A 7 3.49 14.16 5.29
C GLY A 7 3.94 12.76 4.89
N LEU A 8 5.05 12.33 5.49
CA LEU A 8 5.58 11.01 5.21
C LEU A 8 4.44 10.00 5.10
N ARG A 9 3.81 9.74 6.24
CA ARG A 9 2.70 8.80 6.28
C ARG A 9 1.80 8.98 5.05
N LYS A 10 1.38 10.21 4.84
CA LYS A 10 0.52 10.54 3.71
C LYS A 10 1.24 10.14 2.42
N GLN A 11 2.51 10.49 2.35
CA GLN A 11 3.31 10.18 1.18
C GLN A 11 3.33 8.67 0.93
N VAL A 12 3.75 7.94 1.96
CA VAL A 12 3.82 6.49 1.87
C VAL A 12 2.42 5.93 1.64
N GLU A 13 1.47 6.45 2.41
CA GLU A 13 0.09 6.01 2.29
C GLU A 13 -0.35 6.02 0.83
N GLU A 14 -0.12 7.14 0.18
CA GLU A 14 -0.48 7.29 -1.23
C GLU A 14 0.40 6.40 -2.10
N LEU A 15 1.68 6.38 -1.75
CA LEU A 15 2.64 5.58 -2.50
C LEU A 15 2.23 4.11 -2.43
N PHE A 16 2.15 3.59 -1.22
CA PHE A 16 1.78 2.21 -1.01
C PHE A 16 0.66 1.80 -1.95
N GLU A 17 -0.44 2.54 -1.88
CA GLU A 17 -1.59 2.26 -2.73
C GLU A 17 -1.19 2.34 -4.20
N ARG A 18 -0.59 3.46 -4.56
CA ARG A 18 -0.16 3.67 -5.93
C ARG A 18 0.42 2.37 -6.51
N LYS A 19 1.50 1.92 -5.89
CA LYS A 19 2.16 0.70 -6.32
C LYS A 19 1.10 -0.38 -6.58
N TYR A 20 0.37 -0.72 -5.53
CA TYR A 20 -0.67 -1.73 -5.64
C TYR A 20 -1.64 -1.40 -6.77
N ALA A 21 -2.15 -0.18 -6.75
CA ALA A 21 -3.08 0.27 -7.77
C ALA A 21 -2.46 0.06 -9.14
N GLN A 22 -1.17 0.33 -9.22
CA GLN A 22 -0.44 0.18 -10.47
C GLN A 22 -0.36 -1.30 -10.87
N ALA A 23 -0.15 -2.13 -9.86
CA ALA A 23 -0.06 -3.57 -10.09
C ALA A 23 -1.39 -4.09 -10.62
N ILE A 24 -2.41 -3.25 -10.48
CA ILE A 24 -3.75 -3.62 -10.94
C ILE A 24 -4.24 -2.56 -11.92
N LYS A 25 -3.37 -1.59 -12.20
CA LYS A 25 -3.72 -0.52 -13.12
C LYS A 25 -5.01 0.16 -12.65
N ALA A 26 -4.93 0.73 -11.46
CA ALA A 26 -6.08 1.41 -10.88
C ALA A 26 -5.78 2.91 -10.79
N LYS A 27 -6.66 3.70 -11.39
CA LYS A 27 -6.49 5.14 -11.38
C LYS A 27 -7.31 5.73 -10.23
N GLY A 28 -7.52 4.91 -9.21
CA GLY A 28 -8.28 5.33 -8.06
C GLY A 28 -7.65 4.81 -6.77
N PRO A 29 -8.17 5.32 -5.61
CA PRO A 29 -7.66 4.92 -4.31
C PRO A 29 -8.16 3.52 -3.95
N VAL A 30 -7.21 2.61 -3.80
CA VAL A 30 -7.53 1.24 -3.46
C VAL A 30 -7.04 0.95 -2.04
N THR A 31 -7.52 -0.16 -1.49
CA THR A 31 -7.14 -0.57 -0.15
C THR A 31 -6.13 -1.71 -0.21
N ILE A 32 -5.17 -1.65 0.72
CA ILE A 32 -4.14 -2.68 0.78
C ILE A 32 -4.52 -3.71 1.85
N PRO A 33 -4.63 -4.99 1.40
CA PRO A 33 -4.98 -6.07 2.30
C PRO A 33 -3.80 -6.44 3.19
N TYR A 34 -3.92 -6.10 4.46
CA TYR A 34 -2.87 -6.39 5.43
C TYR A 34 -2.96 -7.84 5.91
N PRO A 35 -4.22 -8.31 6.09
CA PRO A 35 -4.46 -9.67 6.54
C PRO A 35 -4.20 -10.68 5.41
N LEU A 36 -5.06 -10.64 4.40
CA LEU A 36 -4.94 -11.53 3.27
C LEU A 36 -3.45 -11.75 2.95
N PHE A 37 -2.73 -10.64 2.89
CA PHE A 37 -1.30 -10.69 2.60
C PHE A 37 -0.57 -11.57 3.62
N GLN A 38 -0.82 -11.28 4.88
CA GLN A 38 -0.20 -12.04 5.96
C GLN A 38 -0.45 -13.53 5.77
N SER A 39 -1.68 -13.86 5.41
CA SER A 39 -2.07 -15.24 5.20
C SER A 39 -1.33 -15.81 3.98
N HIS A 40 -1.11 -14.94 3.01
CA HIS A 40 -0.43 -15.33 1.79
C HIS A 40 0.80 -14.44 1.57
N VAL A 41 1.79 -14.63 2.43
CA VAL A 41 3.01 -13.85 2.35
C VAL A 41 3.93 -14.47 1.29
N GLU A 42 3.52 -15.63 0.79
CA GLU A 42 4.30 -16.33 -0.21
C GLU A 42 3.87 -15.89 -1.61
N ASP A 43 2.70 -15.25 -1.67
CA ASP A 43 2.17 -14.77 -2.93
C ASP A 43 1.96 -13.26 -2.85
N LEU A 44 1.31 -12.83 -1.78
CA LEU A 44 1.04 -11.42 -1.58
C LEU A 44 2.09 -10.83 -0.63
N TYR A 45 2.75 -9.79 -1.11
CA TYR A 45 3.78 -9.14 -0.33
C TYR A 45 4.35 -7.93 -1.06
N VAL A 46 4.99 -7.05 -0.29
CA VAL A 46 5.59 -5.86 -0.86
C VAL A 46 7.10 -6.03 -0.95
N GLU A 47 7.69 -5.36 -1.91
CA GLU A 47 9.13 -5.43 -2.12
C GLU A 47 9.70 -4.04 -2.40
N GLY A 48 11.01 -4.00 -2.60
CA GLY A 48 11.69 -2.75 -2.87
C GLY A 48 11.85 -1.92 -1.60
N LEU A 49 11.38 -2.49 -0.49
CA LEU A 49 11.46 -1.81 0.79
C LEU A 49 12.93 -1.76 1.25
N PRO A 50 13.22 -0.76 2.10
CA PRO A 50 14.57 -0.58 2.62
C PRO A 50 14.89 -1.64 3.69
N GLU A 51 16.06 -1.49 4.28
CA GLU A 51 16.50 -2.41 5.32
C GLU A 51 15.91 -1.99 6.68
N GLY A 52 15.47 -3.00 7.42
CA GLY A 52 14.89 -2.76 8.73
C GLY A 52 13.53 -2.05 8.61
N ILE A 53 12.85 -2.34 7.51
CA ILE A 53 11.54 -1.75 7.27
C ILE A 53 10.70 -2.71 6.44
N PRO A 54 9.85 -3.49 7.16
CA PRO A 54 8.98 -4.46 6.51
C PRO A 54 7.80 -3.76 5.82
N PHE A 55 6.78 -4.54 5.52
CA PHE A 55 5.59 -4.01 4.87
C PHE A 55 4.41 -3.99 5.83
N ARG A 56 4.32 -2.91 6.60
CA ARG A 56 3.24 -2.76 7.56
C ARG A 56 2.68 -1.33 7.49
N ARG A 57 1.50 -1.17 8.09
CA ARG A 57 0.85 0.13 8.11
C ARG A 57 1.89 1.25 8.26
N PRO A 58 1.81 2.22 7.32
CA PRO A 58 2.73 3.35 7.33
C PRO A 58 2.37 4.34 8.43
N SER A 59 1.34 3.99 9.19
CA SER A 59 0.88 4.84 10.28
C SER A 59 1.49 4.36 11.60
N THR A 60 2.37 3.38 11.48
CA THR A 60 3.03 2.83 12.66
C THR A 60 4.55 2.92 12.51
N TYR A 61 4.97 3.41 11.34
CA TYR A 61 6.38 3.55 11.05
C TYR A 61 6.93 4.87 11.61
N GLY A 62 8.23 4.90 11.82
CA GLY A 62 8.88 6.09 12.35
C GLY A 62 9.01 7.17 11.27
N ILE A 63 9.28 8.39 11.72
CA ILE A 63 9.43 9.51 10.81
C ILE A 63 10.57 9.22 9.83
N PRO A 64 11.68 8.67 10.40
CA PRO A 64 12.85 8.34 9.59
C PRO A 64 12.59 7.08 8.77
N ARG A 65 11.76 6.20 9.31
CA ARG A 65 11.43 4.96 8.64
C ARG A 65 10.69 5.25 7.33
N LEU A 66 9.67 6.08 7.43
CA LEU A 66 8.88 6.44 6.27
C LEU A 66 9.79 7.06 5.20
N GLU A 67 10.47 8.12 5.61
CA GLU A 67 11.37 8.82 4.71
C GLU A 67 12.09 7.82 3.80
N ARG A 68 12.79 6.88 4.44
CA ARG A 68 13.52 5.87 3.71
C ARG A 68 12.60 5.16 2.70
N ILE A 69 11.47 4.71 3.21
CA ILE A 69 10.50 4.01 2.38
C ILE A 69 10.20 4.86 1.14
N LEU A 70 10.28 6.17 1.33
CA LEU A 70 10.02 7.11 0.24
C LEU A 70 11.24 7.17 -0.67
N LEU A 71 12.41 7.00 -0.05
CA LEU A 71 13.66 7.03 -0.79
C LEU A 71 13.87 5.70 -1.50
N ALA A 72 13.09 4.71 -1.08
CA ALA A 72 13.17 3.38 -1.67
C ALA A 72 12.00 3.19 -2.64
N LYS A 73 11.14 4.19 -2.69
CA LYS A 73 9.98 4.14 -3.56
C LYS A 73 10.42 3.70 -4.96
N GLU A 74 11.53 4.26 -5.41
CA GLU A 74 12.07 3.95 -6.72
C GLU A 74 12.29 2.44 -6.84
N ARG A 75 12.33 1.78 -5.68
CA ARG A 75 12.53 0.34 -5.66
C ARG A 75 11.26 -0.37 -5.20
N ILE A 76 10.57 0.27 -4.26
CA ILE A 76 9.33 -0.29 -3.73
C ILE A 76 8.54 -0.93 -4.87
N ARG A 77 7.87 -2.02 -4.54
CA ARG A 77 7.07 -2.74 -5.53
C ARG A 77 6.07 -3.65 -4.82
N PHE A 78 4.90 -3.79 -5.46
CA PHE A 78 3.85 -4.62 -4.90
C PHE A 78 3.63 -5.86 -5.77
N VAL A 79 4.08 -6.99 -5.24
CA VAL A 79 3.93 -8.26 -5.95
C VAL A 79 2.55 -8.85 -5.66
N ILE A 80 1.86 -9.22 -6.74
CA ILE A 80 0.53 -9.80 -6.61
C ILE A 80 0.52 -11.18 -7.26
N LYS A 81 1.30 -12.08 -6.67
CA LYS A 81 1.39 -13.44 -7.16
C LYS A 81 -0.02 -13.98 -7.42
N LYS A 82 -0.83 -13.93 -6.38
CA LYS A 82 -2.20 -14.41 -6.47
C LYS A 82 -3.15 -13.21 -6.54
N HIS A 83 -3.87 -13.13 -7.65
CA HIS A 83 -4.81 -12.05 -7.86
C HIS A 83 -6.18 -12.44 -7.29
N GLU A 84 -6.57 -13.68 -7.55
CA GLU A 84 -7.84 -14.18 -7.07
C GLU A 84 -7.95 -13.98 -5.56
N LEU A 85 -6.80 -13.86 -4.92
CA LEU A 85 -6.76 -13.66 -3.49
C LEU A 85 -7.30 -12.27 -3.15
N LEU A 86 -7.37 -11.43 -4.17
CA LEU A 86 -7.88 -10.08 -4.00
C LEU A 86 -9.25 -9.96 -4.66
N ASN A 87 -10.09 -10.95 -4.38
CA ASN A 87 -11.43 -10.97 -4.93
C ASN A 87 -12.44 -11.27 -3.83
N SER A 88 -13.71 -11.05 -4.15
CA SER A 88 -14.77 -11.29 -3.18
C SER A 88 -14.69 -10.28 -2.05
N THR A 89 -15.87 -9.88 -1.57
CA THR A 89 -15.95 -8.91 -0.50
C THR A 89 -14.88 -7.82 -0.67
N ARG A 90 -14.72 -7.39 -1.91
CA ARG A 90 -13.75 -6.36 -2.23
C ARG A 90 -14.05 -5.08 -1.45
N GLU A 91 -15.30 -4.98 -1.01
CA GLU A 91 -15.74 -3.82 -0.26
C GLU A 91 -15.27 -2.53 -0.95
N ASP A 92 -16.16 -1.97 -1.75
CA ASP A 92 -15.84 -0.75 -2.47
C ASP A 92 -16.96 0.27 -2.25
N LEU A 93 -16.67 1.52 -2.57
CA LEU A 93 -17.64 2.59 -2.42
C LEU A 93 -17.33 3.70 -3.42
N SER A 94 -18.24 4.66 -3.48
CA SER A 94 -18.08 5.78 -4.39
C SER A 94 -18.66 7.05 -3.77
N GLY A 95 -18.14 8.19 -4.22
CA GLY A 95 -18.60 9.47 -3.71
C GLY A 95 -18.11 10.61 -4.60
N PRO A 96 -19.07 11.24 -5.32
CA PRO A 96 -18.74 12.36 -6.21
C PRO A 96 -18.46 13.62 -5.40
N SER A 97 -17.80 14.57 -6.07
CA SER A 97 -17.47 15.84 -5.44
C SER A 97 -16.85 16.79 -6.46
N SER A 98 -15.78 16.31 -7.08
CA SER A 98 -15.09 17.11 -8.09
C SER A 98 -15.29 16.49 -9.48
N GLY A 99 -15.13 17.33 -10.49
CA GLY A 99 -15.29 16.89 -11.86
C GLY A 99 -16.59 17.45 -12.46
N GLY A 1 -4.51 25.59 9.10
CA GLY A 1 -4.58 25.63 7.65
C GLY A 1 -6.01 25.39 7.17
N SER A 2 -6.15 24.40 6.28
CA SER A 2 -7.44 24.07 5.74
C SER A 2 -7.62 22.55 5.73
N SER A 3 -6.71 21.88 5.04
CA SER A 3 -6.76 20.43 4.95
C SER A 3 -5.36 19.85 5.13
N GLY A 4 -4.46 20.25 4.24
CA GLY A 4 -3.09 19.79 4.29
C GLY A 4 -2.82 18.76 3.18
N SER A 5 -1.55 18.55 2.92
CA SER A 5 -1.15 17.59 1.89
C SER A 5 0.12 16.85 2.33
N SER A 6 1.17 17.63 2.56
CA SER A 6 2.44 17.06 2.99
C SER A 6 2.23 16.16 4.20
N GLY A 7 3.08 15.14 4.30
CA GLY A 7 3.00 14.20 5.39
C GLY A 7 3.58 12.84 5.00
N LEU A 8 4.71 12.52 5.61
CA LEU A 8 5.38 11.27 5.32
C LEU A 8 4.34 10.15 5.21
N ARG A 9 3.73 9.83 6.35
CA ARG A 9 2.72 8.79 6.39
C ARG A 9 1.83 8.86 5.14
N LYS A 10 1.28 10.04 4.92
CA LYS A 10 0.42 10.25 3.77
C LYS A 10 1.17 9.89 2.49
N GLN A 11 2.40 10.40 2.40
CA GLN A 11 3.23 10.14 1.24
C GLN A 11 3.34 8.63 0.99
N VAL A 12 3.62 7.90 2.06
CA VAL A 12 3.75 6.46 1.98
C VAL A 12 2.37 5.84 1.74
N GLU A 13 1.40 6.32 2.50
CA GLU A 13 0.03 5.82 2.38
C GLU A 13 -0.41 5.87 0.93
N GLU A 14 -0.21 7.03 0.31
CA GLU A 14 -0.60 7.22 -1.08
C GLU A 14 0.33 6.43 -2.00
N LEU A 15 1.62 6.45 -1.65
CA LEU A 15 2.62 5.74 -2.43
C LEU A 15 2.29 4.25 -2.45
N PHE A 16 2.11 3.71 -1.26
CA PHE A 16 1.79 2.30 -1.11
C PHE A 16 0.71 1.88 -2.09
N GLU A 17 -0.45 2.51 -1.96
CA GLU A 17 -1.58 2.21 -2.82
C GLU A 17 -1.15 2.30 -4.28
N ARG A 18 -0.54 3.43 -4.63
CA ARG A 18 -0.09 3.64 -5.99
C ARG A 18 0.49 2.35 -6.57
N LYS A 19 1.58 1.90 -5.97
CA LYS A 19 2.24 0.68 -6.41
C LYS A 19 1.18 -0.39 -6.65
N TYR A 20 0.46 -0.72 -5.60
CA TYR A 20 -0.58 -1.73 -5.67
C TYR A 20 -1.53 -1.45 -6.84
N ALA A 21 -1.94 -0.20 -6.95
CA ALA A 21 -2.84 0.21 -8.01
C ALA A 21 -2.16 -0.03 -9.36
N GLN A 22 -0.88 0.25 -9.40
CA GLN A 22 -0.11 0.07 -10.62
C GLN A 22 -0.10 -1.40 -11.03
N ALA A 23 0.13 -2.26 -10.05
CA ALA A 23 0.17 -3.70 -10.30
C ALA A 23 -1.17 -4.13 -10.90
N ILE A 24 -2.18 -3.29 -10.70
CA ILE A 24 -3.51 -3.58 -11.22
C ILE A 24 -3.96 -2.43 -12.13
N LYS A 25 -2.98 -1.64 -12.55
CA LYS A 25 -3.26 -0.51 -13.42
C LYS A 25 -4.57 0.15 -12.98
N ALA A 26 -4.57 0.64 -11.74
CA ALA A 26 -5.75 1.29 -11.19
C ALA A 26 -5.48 2.80 -11.08
N LYS A 27 -6.31 3.56 -11.76
CA LYS A 27 -6.18 5.00 -11.75
C LYS A 27 -7.06 5.58 -10.63
N GLY A 28 -7.33 4.74 -9.65
CA GLY A 28 -8.15 5.15 -8.52
C GLY A 28 -7.55 4.66 -7.20
N PRO A 29 -8.13 5.18 -6.08
CA PRO A 29 -7.66 4.81 -4.76
C PRO A 29 -8.12 3.40 -4.38
N VAL A 30 -7.15 2.52 -4.20
CA VAL A 30 -7.44 1.14 -3.85
C VAL A 30 -7.01 0.89 -2.40
N THR A 31 -7.51 -0.21 -1.85
CA THR A 31 -7.18 -0.59 -0.48
C THR A 31 -6.14 -1.70 -0.46
N ILE A 32 -5.26 -1.63 0.54
CA ILE A 32 -4.22 -2.63 0.69
C ILE A 32 -4.61 -3.62 1.78
N PRO A 33 -4.71 -4.91 1.36
CA PRO A 33 -5.07 -5.97 2.30
C PRO A 33 -3.91 -6.32 3.23
N TYR A 34 -4.02 -5.87 4.46
CA TYR A 34 -2.99 -6.14 5.45
C TYR A 34 -3.10 -7.55 6.01
N PRO A 35 -4.38 -8.01 6.16
CA PRO A 35 -4.63 -9.34 6.67
C PRO A 35 -4.33 -10.41 5.62
N LEU A 36 -5.17 -10.43 4.59
CA LEU A 36 -5.00 -11.38 3.51
C LEU A 36 -3.52 -11.60 3.25
N PHE A 37 -2.81 -10.51 3.02
CA PHE A 37 -1.39 -10.57 2.75
C PHE A 37 -0.67 -11.41 3.81
N GLN A 38 -1.00 -11.14 5.07
CA GLN A 38 -0.39 -11.86 6.17
C GLN A 38 -0.66 -13.36 6.03
N SER A 39 -1.84 -13.67 5.51
CA SER A 39 -2.23 -15.06 5.32
C SER A 39 -1.66 -15.58 3.99
N HIS A 40 -1.12 -14.66 3.21
CA HIS A 40 -0.55 -15.01 1.93
C HIS A 40 0.65 -14.10 1.63
N VAL A 41 1.71 -14.31 2.40
CA VAL A 41 2.91 -13.52 2.24
C VAL A 41 3.79 -14.17 1.17
N GLU A 42 3.43 -15.39 0.80
CA GLU A 42 4.18 -16.12 -0.21
C GLU A 42 3.65 -15.78 -1.61
N ASP A 43 2.54 -15.05 -1.62
CA ASP A 43 1.93 -14.66 -2.88
C ASP A 43 1.77 -13.14 -2.90
N LEU A 44 1.15 -12.62 -1.85
CA LEU A 44 0.93 -11.20 -1.74
C LEU A 44 1.97 -10.59 -0.79
N TYR A 45 2.84 -9.78 -1.35
CA TYR A 45 3.89 -9.13 -0.57
C TYR A 45 4.46 -7.92 -1.31
N VAL A 46 5.04 -7.02 -0.53
CA VAL A 46 5.62 -5.82 -1.10
C VAL A 46 7.14 -5.98 -1.20
N GLU A 47 7.71 -5.30 -2.17
CA GLU A 47 9.15 -5.37 -2.38
C GLU A 47 9.71 -3.97 -2.65
N GLY A 48 11.02 -3.92 -2.85
CA GLY A 48 11.69 -2.65 -3.12
C GLY A 48 11.84 -1.83 -1.83
N LEU A 49 11.39 -2.42 -0.74
CA LEU A 49 11.48 -1.77 0.55
C LEU A 49 12.93 -1.77 1.03
N PRO A 50 13.24 -0.79 1.92
CA PRO A 50 14.59 -0.66 2.46
C PRO A 50 14.86 -1.75 3.50
N GLU A 51 16.00 -1.62 4.16
CA GLU A 51 16.39 -2.57 5.17
C GLU A 51 15.83 -2.16 6.53
N GLY A 52 15.37 -3.16 7.27
CA GLY A 52 14.79 -2.91 8.59
C GLY A 52 13.45 -2.19 8.48
N ILE A 53 12.76 -2.46 7.37
CA ILE A 53 11.47 -1.85 7.14
C ILE A 53 10.61 -2.80 6.30
N PRO A 54 9.74 -3.58 7.00
CA PRO A 54 8.87 -4.52 6.34
C PRO A 54 7.71 -3.80 5.65
N PHE A 55 6.68 -4.58 5.34
CA PHE A 55 5.51 -4.03 4.69
C PHE A 55 4.31 -4.02 5.63
N ARG A 56 4.32 -3.06 6.54
CA ARG A 56 3.25 -2.93 7.51
C ARG A 56 2.66 -1.52 7.46
N ARG A 57 1.48 -1.37 8.08
CA ARG A 57 0.81 -0.09 8.11
C ARG A 57 1.84 1.04 8.23
N PRO A 58 1.76 2.00 7.27
CA PRO A 58 2.66 3.14 7.26
C PRO A 58 2.28 4.15 8.34
N SER A 59 1.24 3.81 9.09
CA SER A 59 0.76 4.67 10.16
C SER A 59 1.33 4.21 11.49
N THR A 60 2.28 3.28 11.42
CA THR A 60 2.91 2.76 12.61
C THR A 60 4.43 2.71 12.43
N TYR A 61 4.89 3.44 11.43
CA TYR A 61 6.32 3.50 11.15
C TYR A 61 6.93 4.78 11.70
N GLY A 62 8.25 4.75 11.85
CA GLY A 62 8.98 5.90 12.38
C GLY A 62 9.11 6.99 11.31
N ILE A 63 9.44 8.19 11.78
CA ILE A 63 9.61 9.32 10.89
C ILE A 63 10.71 8.99 9.86
N PRO A 64 11.83 8.42 10.38
CA PRO A 64 12.94 8.06 9.54
C PRO A 64 12.63 6.80 8.72
N ARG A 65 11.81 5.94 9.31
CA ARG A 65 11.43 4.71 8.65
C ARG A 65 10.63 5.01 7.38
N LEU A 66 9.69 5.92 7.51
CA LEU A 66 8.85 6.31 6.39
C LEU A 66 9.73 6.94 5.30
N GLU A 67 10.47 7.97 5.70
CA GLU A 67 11.34 8.67 4.78
C GLU A 67 12.02 7.67 3.83
N ARG A 68 12.77 6.75 4.44
CA ARG A 68 13.47 5.75 3.67
C ARG A 68 12.53 5.10 2.64
N ILE A 69 11.40 4.62 3.15
CA ILE A 69 10.41 3.99 2.31
C ILE A 69 10.14 4.88 1.09
N LEU A 70 10.16 6.18 1.33
CA LEU A 70 9.92 7.14 0.27
C LEU A 70 11.17 7.25 -0.62
N LEU A 71 12.31 7.10 0.02
CA LEU A 71 13.58 7.17 -0.70
C LEU A 71 13.81 5.87 -1.46
N ALA A 72 13.01 4.87 -1.12
CA ALA A 72 13.10 3.57 -1.76
C ALA A 72 11.91 3.37 -2.69
N LYS A 73 11.01 4.35 -2.68
CA LYS A 73 9.83 4.30 -3.52
C LYS A 73 10.23 3.92 -4.93
N GLU A 74 11.38 4.42 -5.34
CA GLU A 74 11.89 4.14 -6.68
C GLU A 74 12.08 2.64 -6.87
N ARG A 75 12.32 1.96 -5.76
CA ARG A 75 12.52 0.52 -5.79
C ARG A 75 11.25 -0.20 -5.34
N ILE A 76 10.58 0.40 -4.37
CA ILE A 76 9.35 -0.18 -3.84
C ILE A 76 8.55 -0.78 -4.99
N ARG A 77 7.89 -1.89 -4.69
CA ARG A 77 7.08 -2.58 -5.69
C ARG A 77 6.08 -3.51 -5.01
N PHE A 78 4.92 -3.65 -5.63
CA PHE A 78 3.87 -4.49 -5.11
C PHE A 78 3.66 -5.73 -5.99
N VAL A 79 4.12 -6.87 -5.47
CA VAL A 79 3.99 -8.12 -6.20
C VAL A 79 2.61 -8.73 -5.92
N ILE A 80 1.98 -9.20 -6.99
CA ILE A 80 0.67 -9.81 -6.87
C ILE A 80 0.69 -11.19 -7.51
N LYS A 81 1.31 -12.13 -6.80
CA LYS A 81 1.40 -13.49 -7.28
C LYS A 81 0.00 -14.05 -7.53
N LYS A 82 -0.84 -13.92 -6.51
CA LYS A 82 -2.19 -14.41 -6.60
C LYS A 82 -3.16 -13.21 -6.59
N HIS A 83 -3.99 -13.16 -7.63
CA HIS A 83 -4.95 -12.07 -7.75
C HIS A 83 -6.25 -12.46 -7.03
N GLU A 84 -6.78 -13.61 -7.41
CA GLU A 84 -8.01 -14.10 -6.82
C GLU A 84 -8.00 -13.88 -5.30
N LEU A 85 -6.87 -14.20 -4.70
CA LEU A 85 -6.70 -14.03 -3.26
C LEU A 85 -7.26 -12.66 -2.85
N LEU A 86 -7.00 -11.68 -3.68
CA LEU A 86 -7.46 -10.32 -3.42
C LEU A 86 -9.00 -10.32 -3.38
N ASN A 87 -9.59 -10.77 -4.48
CA ASN A 87 -11.03 -10.82 -4.57
C ASN A 87 -11.62 -9.47 -4.18
N SER A 88 -11.84 -8.64 -5.19
CA SER A 88 -12.40 -7.32 -4.95
C SER A 88 -12.60 -6.60 -6.29
N THR A 89 -13.75 -6.84 -6.90
CA THR A 89 -14.08 -6.23 -8.17
C THR A 89 -14.55 -4.78 -7.96
N ARG A 90 -15.33 -4.60 -6.91
CA ARG A 90 -15.84 -3.28 -6.59
C ARG A 90 -15.06 -2.67 -5.42
N GLU A 91 -14.91 -1.34 -5.47
CA GLU A 91 -14.18 -0.64 -4.43
C GLU A 91 -15.11 0.36 -3.74
N ASP A 92 -14.89 0.51 -2.44
CA ASP A 92 -15.68 1.44 -1.64
C ASP A 92 -15.03 1.63 -0.28
N LEU A 93 -15.04 2.87 0.18
CA LEU A 93 -14.45 3.21 1.46
C LEU A 93 -14.83 4.65 1.84
N SER A 94 -15.60 4.76 2.90
CA SER A 94 -16.04 6.07 3.37
C SER A 94 -16.87 5.91 4.64
N GLY A 95 -16.99 7.03 5.37
CA GLY A 95 -17.75 7.03 6.61
C GLY A 95 -17.81 8.43 7.20
N PRO A 96 -18.71 8.58 8.22
CA PRO A 96 -18.88 9.87 8.88
C PRO A 96 -17.71 10.16 9.82
N SER A 97 -17.38 11.44 9.92
CA SER A 97 -16.28 11.87 10.78
C SER A 97 -16.75 13.00 11.69
N SER A 98 -17.16 14.10 11.06
CA SER A 98 -17.63 15.25 11.80
C SER A 98 -18.52 16.12 10.90
N GLY A 99 -17.94 16.55 9.79
CA GLY A 99 -18.66 17.38 8.84
C GLY A 99 -18.02 18.75 8.72
N GLY A 1 1.66 26.85 3.54
CA GLY A 1 1.91 25.56 4.17
C GLY A 1 2.71 25.72 5.46
N SER A 2 3.99 25.36 5.36
CA SER A 2 4.88 25.47 6.51
C SER A 2 4.45 24.49 7.60
N SER A 3 4.89 23.24 7.45
CA SER A 3 4.55 22.21 8.40
C SER A 3 3.03 22.00 8.44
N GLY A 4 2.62 20.81 8.04
CA GLY A 4 1.21 20.46 8.02
C GLY A 4 0.87 19.60 6.80
N SER A 5 0.57 20.29 5.71
CA SER A 5 0.22 19.60 4.47
C SER A 5 1.37 18.68 4.04
N SER A 6 1.01 17.62 3.37
CA SER A 6 2.01 16.66 2.88
C SER A 6 2.78 16.08 4.08
N GLY A 7 2.46 14.83 4.40
CA GLY A 7 3.12 14.16 5.50
C GLY A 7 3.65 12.80 5.07
N LEU A 8 4.77 12.41 5.67
CA LEU A 8 5.39 11.13 5.36
C LEU A 8 4.30 10.07 5.22
N ARG A 9 3.67 9.75 6.34
CA ARG A 9 2.61 8.76 6.35
C ARG A 9 1.75 8.88 5.09
N LYS A 10 1.25 10.09 4.87
CA LYS A 10 0.42 10.35 3.72
C LYS A 10 1.18 9.99 2.44
N GLN A 11 2.43 10.44 2.39
CA GLN A 11 3.28 10.18 1.24
C GLN A 11 3.35 8.67 0.97
N VAL A 12 3.70 7.93 2.02
CA VAL A 12 3.80 6.48 1.90
C VAL A 12 2.42 5.89 1.64
N GLU A 13 1.44 6.39 2.39
CA GLU A 13 0.08 5.92 2.26
C GLU A 13 -0.33 5.93 0.78
N GLU A 14 -0.16 7.09 0.16
CA GLU A 14 -0.50 7.25 -1.25
C GLU A 14 0.40 6.37 -2.12
N LEU A 15 1.67 6.34 -1.75
CA LEU A 15 2.64 5.56 -2.48
C LEU A 15 2.25 4.09 -2.44
N PHE A 16 2.21 3.54 -1.23
CA PHE A 16 1.84 2.16 -1.04
C PHE A 16 0.73 1.74 -2.01
N GLU A 17 -0.38 2.47 -1.94
CA GLU A 17 -1.50 2.18 -2.81
C GLU A 17 -1.08 2.24 -4.28
N ARG A 18 -0.48 3.36 -4.64
CA ARG A 18 -0.02 3.56 -6.00
C ARG A 18 0.56 2.26 -6.57
N LYS A 19 1.65 1.82 -5.95
CA LYS A 19 2.30 0.60 -6.38
C LYS A 19 1.25 -0.47 -6.65
N TYR A 20 0.47 -0.78 -5.61
CA TYR A 20 -0.58 -1.78 -5.73
C TYR A 20 -1.52 -1.45 -6.88
N ALA A 21 -2.06 -0.23 -6.84
CA ALA A 21 -2.98 0.21 -7.87
C ALA A 21 -2.33 0.01 -9.24
N GLN A 22 -1.04 0.27 -9.30
CA GLN A 22 -0.30 0.13 -10.54
C GLN A 22 -0.22 -1.35 -10.94
N ALA A 23 -0.01 -2.19 -9.94
CA ALA A 23 0.08 -3.63 -10.18
C ALA A 23 -1.25 -4.13 -10.73
N ILE A 24 -2.28 -3.33 -10.53
CA ILE A 24 -3.61 -3.69 -11.00
C ILE A 24 -4.11 -2.62 -11.97
N LYS A 25 -3.20 -1.70 -12.30
CA LYS A 25 -3.54 -0.62 -13.22
C LYS A 25 -4.85 0.04 -12.78
N ALA A 26 -4.81 0.63 -11.60
CA ALA A 26 -5.98 1.30 -11.06
C ALA A 26 -5.72 2.80 -10.97
N LYS A 27 -6.58 3.57 -11.62
CA LYS A 27 -6.46 5.01 -11.62
C LYS A 27 -7.29 5.60 -10.49
N GLY A 28 -7.48 4.79 -9.45
CA GLY A 28 -8.25 5.21 -8.29
C GLY A 28 -7.61 4.72 -6.99
N PRO A 29 -8.13 5.24 -5.86
CA PRO A 29 -7.62 4.86 -4.55
C PRO A 29 -8.10 3.47 -4.17
N VAL A 30 -7.14 2.57 -4.01
CA VAL A 30 -7.44 1.20 -3.64
C VAL A 30 -6.96 0.93 -2.21
N THR A 31 -7.45 -0.14 -1.64
CA THR A 31 -7.08 -0.51 -0.28
C THR A 31 -6.08 -1.68 -0.31
N ILE A 32 -5.16 -1.64 0.65
CA ILE A 32 -4.15 -2.67 0.75
C ILE A 32 -4.53 -3.66 1.86
N PRO A 33 -4.71 -4.94 1.44
CA PRO A 33 -5.08 -5.98 2.38
C PRO A 33 -3.89 -6.39 3.24
N TYR A 34 -3.92 -5.95 4.49
CA TYR A 34 -2.86 -6.27 5.43
C TYR A 34 -2.99 -7.69 5.97
N PRO A 35 -4.28 -8.11 6.13
CA PRO A 35 -4.56 -9.44 6.64
C PRO A 35 -4.31 -10.51 5.56
N LEU A 36 -5.17 -10.49 4.55
CA LEU A 36 -5.06 -11.44 3.46
C LEU A 36 -3.59 -11.69 3.16
N PHE A 37 -2.86 -10.60 2.92
CA PHE A 37 -1.44 -10.70 2.62
C PHE A 37 -0.72 -11.53 3.67
N GLN A 38 -0.95 -11.18 4.93
CA GLN A 38 -0.32 -11.89 6.04
C GLN A 38 -0.55 -13.39 5.90
N SER A 39 -1.72 -13.73 5.36
CA SER A 39 -2.07 -15.13 5.17
C SER A 39 -1.42 -15.66 3.89
N HIS A 40 -1.18 -14.75 2.96
CA HIS A 40 -0.57 -15.12 1.69
C HIS A 40 0.65 -14.24 1.44
N VAL A 41 1.59 -14.29 2.39
CA VAL A 41 2.80 -13.50 2.28
C VAL A 41 3.71 -14.12 1.21
N GLU A 42 3.36 -15.33 0.80
CA GLU A 42 4.13 -16.04 -0.21
C GLU A 42 3.71 -15.57 -1.61
N ASP A 43 2.48 -15.10 -1.70
CA ASP A 43 1.95 -14.63 -2.97
C ASP A 43 1.83 -13.10 -2.93
N LEU A 44 1.11 -12.62 -1.94
CA LEU A 44 0.91 -11.18 -1.77
C LEU A 44 1.98 -10.63 -0.83
N TYR A 45 2.87 -9.83 -1.39
CA TYR A 45 3.93 -9.22 -0.60
C TYR A 45 4.52 -8.01 -1.33
N VAL A 46 5.02 -7.08 -0.53
CA VAL A 46 5.61 -5.86 -1.06
C VAL A 46 7.13 -6.03 -1.12
N GLU A 47 7.73 -5.38 -2.11
CA GLU A 47 9.17 -5.45 -2.29
C GLU A 47 9.74 -4.04 -2.53
N GLY A 48 11.04 -3.99 -2.73
CA GLY A 48 11.72 -2.73 -2.97
C GLY A 48 11.87 -1.94 -1.67
N LEU A 49 11.41 -2.54 -0.59
CA LEU A 49 11.48 -1.89 0.71
C LEU A 49 12.95 -1.84 1.17
N PRO A 50 13.25 -0.82 2.02
CA PRO A 50 14.59 -0.65 2.54
C PRO A 50 14.92 -1.70 3.60
N GLU A 51 16.06 -1.52 4.25
CA GLU A 51 16.49 -2.43 5.29
C GLU A 51 15.89 -2.03 6.63
N GLY A 52 15.44 -3.03 7.38
CA GLY A 52 14.85 -2.79 8.67
C GLY A 52 13.50 -2.09 8.55
N ILE A 53 12.83 -2.37 7.44
CA ILE A 53 11.53 -1.78 7.18
C ILE A 53 10.70 -2.75 6.32
N PRO A 54 9.85 -3.54 7.01
CA PRO A 54 9.00 -4.51 6.34
C PRO A 54 7.83 -3.81 5.64
N PHE A 55 6.81 -4.60 5.33
CA PHE A 55 5.63 -4.08 4.68
C PHE A 55 4.43 -4.07 5.62
N ARG A 56 4.36 -3.01 6.42
CA ARG A 56 3.28 -2.87 7.37
C ARG A 56 2.72 -1.44 7.34
N ARG A 57 1.56 -1.27 7.95
CA ARG A 57 0.91 0.03 7.99
C ARG A 57 1.96 1.13 8.15
N PRO A 58 1.85 2.15 7.25
CA PRO A 58 2.79 3.27 7.28
C PRO A 58 2.48 4.21 8.45
N SER A 59 1.49 3.82 9.24
CA SER A 59 1.09 4.61 10.39
C SER A 59 1.76 4.06 11.65
N THR A 60 2.64 3.10 11.45
CA THR A 60 3.35 2.49 12.57
C THR A 60 4.86 2.65 12.40
N TYR A 61 5.24 3.19 11.24
CA TYR A 61 6.64 3.40 10.94
C TYR A 61 7.11 4.75 11.50
N GLY A 62 8.40 4.80 11.84
CA GLY A 62 8.99 6.01 12.37
C GLY A 62 9.11 7.09 11.29
N ILE A 63 9.32 8.31 11.74
CA ILE A 63 9.46 9.44 10.83
C ILE A 63 10.58 9.14 9.84
N PRO A 64 11.71 8.61 10.38
CA PRO A 64 12.86 8.29 9.56
C PRO A 64 12.61 7.01 8.76
N ARG A 65 11.84 6.11 9.36
CA ARG A 65 11.52 4.86 8.70
C ARG A 65 10.70 5.11 7.44
N LEU A 66 9.72 5.98 7.58
CA LEU A 66 8.85 6.31 6.46
C LEU A 66 9.69 6.94 5.33
N GLU A 67 10.42 7.98 5.70
CA GLU A 67 11.26 8.67 4.74
C GLU A 67 11.95 7.66 3.81
N ARG A 68 12.74 6.79 4.42
CA ARG A 68 13.46 5.78 3.65
C ARG A 68 12.51 5.11 2.65
N ILE A 69 11.41 4.60 3.16
CA ILE A 69 10.42 3.93 2.33
C ILE A 69 10.12 4.80 1.11
N LEU A 70 10.07 6.11 1.36
CA LEU A 70 9.80 7.06 0.30
C LEU A 70 11.03 7.18 -0.61
N LEU A 71 12.20 7.04 0.01
CA LEU A 71 13.45 7.13 -0.72
C LEU A 71 13.68 5.84 -1.50
N ALA A 72 13.07 4.77 -1.00
CA ALA A 72 13.20 3.47 -1.64
C ALA A 72 12.02 3.27 -2.61
N LYS A 73 11.14 4.24 -2.61
CA LYS A 73 9.97 4.17 -3.47
C LYS A 73 10.39 3.70 -4.86
N GLU A 74 11.46 4.30 -5.36
CA GLU A 74 11.98 3.96 -6.67
C GLU A 74 12.14 2.44 -6.79
N ARG A 75 12.45 1.82 -5.66
CA ARG A 75 12.63 0.38 -5.63
C ARG A 75 11.33 -0.31 -5.21
N ILE A 76 10.66 0.30 -4.25
CA ILE A 76 9.40 -0.24 -3.75
C ILE A 76 8.62 -0.84 -4.92
N ARG A 77 7.96 -1.96 -4.63
CA ARG A 77 7.17 -2.64 -5.64
C ARG A 77 6.17 -3.59 -4.98
N PHE A 78 4.98 -3.65 -5.58
CA PHE A 78 3.93 -4.51 -5.04
C PHE A 78 3.71 -5.73 -5.96
N VAL A 79 4.11 -6.88 -5.45
CA VAL A 79 3.97 -8.12 -6.20
C VAL A 79 2.60 -8.74 -5.90
N ILE A 80 1.88 -9.05 -6.97
CA ILE A 80 0.55 -9.64 -6.83
C ILE A 80 0.55 -11.02 -7.49
N LYS A 81 1.10 -11.99 -6.77
CA LYS A 81 1.17 -13.35 -7.27
C LYS A 81 -0.25 -13.88 -7.50
N LYS A 82 -1.08 -13.71 -6.48
CA LYS A 82 -2.45 -14.16 -6.55
C LYS A 82 -3.39 -12.95 -6.55
N HIS A 83 -4.21 -12.87 -7.59
CA HIS A 83 -5.15 -11.77 -7.72
C HIS A 83 -6.44 -12.10 -6.98
N GLU A 84 -7.05 -13.21 -7.39
CA GLU A 84 -8.29 -13.65 -6.77
C GLU A 84 -8.23 -13.45 -5.26
N LEU A 85 -7.11 -13.87 -4.69
CA LEU A 85 -6.91 -13.74 -3.25
C LEU A 85 -7.35 -12.34 -2.79
N LEU A 86 -6.94 -11.35 -3.58
CA LEU A 86 -7.27 -9.97 -3.28
C LEU A 86 -8.80 -9.84 -3.15
N ASN A 87 -9.48 -10.13 -4.25
CA ASN A 87 -10.93 -10.04 -4.27
C ASN A 87 -11.51 -10.99 -3.23
N SER A 88 -12.82 -10.92 -3.07
CA SER A 88 -13.51 -11.76 -2.10
C SER A 88 -13.04 -11.43 -0.69
N THR A 89 -13.93 -10.82 0.07
CA THR A 89 -13.61 -10.46 1.44
C THR A 89 -14.84 -10.62 2.35
N ARG A 90 -15.96 -10.12 1.86
CA ARG A 90 -17.21 -10.21 2.60
C ARG A 90 -16.95 -10.04 4.10
N GLU A 91 -16.05 -9.13 4.41
CA GLU A 91 -15.70 -8.86 5.80
C GLU A 91 -15.75 -7.36 6.08
N ASP A 92 -16.86 -6.95 6.69
CA ASP A 92 -17.04 -5.54 7.02
C ASP A 92 -18.45 -5.34 7.58
N LEU A 93 -18.50 -4.82 8.80
CA LEU A 93 -19.77 -4.58 9.45
C LEU A 93 -20.12 -3.09 9.34
N SER A 94 -20.55 -2.71 8.15
CA SER A 94 -20.92 -1.32 7.90
C SER A 94 -22.07 -1.27 6.89
N GLY A 95 -23.28 -1.28 7.43
CA GLY A 95 -24.47 -1.22 6.60
C GLY A 95 -25.59 -0.43 7.29
N PRO A 96 -25.82 0.79 6.76
CA PRO A 96 -26.86 1.66 7.32
C PRO A 96 -28.25 1.17 6.91
N SER A 97 -28.71 0.13 7.59
CA SER A 97 -30.02 -0.44 7.32
C SER A 97 -30.50 -1.25 8.52
N SER A 98 -31.46 -0.68 9.24
CA SER A 98 -32.02 -1.35 10.40
C SER A 98 -33.54 -1.32 10.35
N GLY A 99 -34.11 -2.49 10.11
CA GLY A 99 -35.56 -2.61 10.03
C GLY A 99 -36.17 -2.73 11.42
N GLY A 1 -2.01 16.53 8.06
CA GLY A 1 -1.60 17.80 7.50
C GLY A 1 -2.69 18.38 6.60
N SER A 2 -3.36 19.39 7.12
CA SER A 2 -4.42 20.04 6.37
C SER A 2 -3.87 21.24 5.60
N SER A 3 -3.86 21.11 4.29
CA SER A 3 -3.37 22.17 3.42
C SER A 3 -1.87 22.37 3.67
N GLY A 4 -1.15 22.56 2.57
CA GLY A 4 0.29 22.77 2.66
C GLY A 4 1.05 21.47 2.39
N SER A 5 1.66 20.94 3.44
CA SER A 5 2.41 19.70 3.33
C SER A 5 1.50 18.50 3.61
N SER A 6 1.73 17.44 2.86
CA SER A 6 0.95 16.23 3.03
C SER A 6 1.39 15.48 4.28
N GLY A 7 2.60 14.96 4.22
CA GLY A 7 3.15 14.22 5.35
C GLY A 7 3.70 12.87 4.90
N LEU A 8 4.80 12.48 5.54
CA LEU A 8 5.43 11.20 5.22
C LEU A 8 4.37 10.12 5.12
N ARG A 9 3.74 9.85 6.25
CA ARG A 9 2.69 8.84 6.30
C ARG A 9 1.80 8.93 5.06
N LYS A 10 1.34 10.14 4.79
CA LYS A 10 0.49 10.37 3.64
C LYS A 10 1.23 9.99 2.36
N GLN A 11 2.49 10.40 2.30
CA GLN A 11 3.32 10.11 1.14
C GLN A 11 3.40 8.59 0.93
N VAL A 12 3.79 7.90 1.99
CA VAL A 12 3.92 6.45 1.93
C VAL A 12 2.53 5.83 1.72
N GLU A 13 1.57 6.36 2.45
CA GLU A 13 0.20 5.87 2.36
C GLU A 13 -0.28 5.89 0.91
N GLU A 14 -0.17 7.05 0.30
CA GLU A 14 -0.58 7.22 -1.08
C GLU A 14 0.33 6.41 -2.01
N LEU A 15 1.60 6.34 -1.62
CA LEU A 15 2.58 5.61 -2.41
C LEU A 15 2.22 4.12 -2.38
N PHE A 16 2.10 3.59 -1.17
CA PHE A 16 1.77 2.19 -0.99
C PHE A 16 0.64 1.77 -1.94
N GLU A 17 -0.48 2.46 -1.82
CA GLU A 17 -1.63 2.16 -2.65
C GLU A 17 -1.25 2.25 -4.13
N ARG A 18 -0.63 3.36 -4.47
CA ARG A 18 -0.21 3.58 -5.84
C ARG A 18 0.38 2.30 -6.44
N LYS A 19 1.51 1.89 -5.86
CA LYS A 19 2.17 0.68 -6.33
C LYS A 19 1.14 -0.42 -6.57
N TYR A 20 0.41 -0.75 -5.50
CA TYR A 20 -0.61 -1.77 -5.58
C TYR A 20 -1.58 -1.50 -6.73
N ALA A 21 -2.04 -0.25 -6.80
CA ALA A 21 -2.96 0.14 -7.85
C ALA A 21 -2.30 -0.07 -9.21
N GLN A 22 -1.01 0.22 -9.25
CA GLN A 22 -0.25 0.06 -10.49
C GLN A 22 -0.22 -1.41 -10.91
N ALA A 23 0.02 -2.26 -9.93
CA ALA A 23 0.08 -3.69 -10.18
C ALA A 23 -1.26 -4.16 -10.77
N ILE A 24 -2.27 -3.33 -10.57
CA ILE A 24 -3.60 -3.65 -11.06
C ILE A 24 -4.09 -2.52 -11.98
N LYS A 25 -3.14 -1.68 -12.37
CA LYS A 25 -3.45 -0.55 -13.24
C LYS A 25 -4.76 0.09 -12.78
N ALA A 26 -4.75 0.57 -11.55
CA ALA A 26 -5.93 1.22 -10.98
C ALA A 26 -5.69 2.72 -10.91
N LYS A 27 -6.58 3.46 -11.56
CA LYS A 27 -6.49 4.91 -11.58
C LYS A 27 -7.35 5.49 -10.46
N GLY A 28 -7.52 4.69 -9.40
CA GLY A 28 -8.32 5.11 -8.28
C GLY A 28 -7.69 4.64 -6.96
N PRO A 29 -8.26 5.16 -5.83
CA PRO A 29 -7.76 4.80 -4.52
C PRO A 29 -8.22 3.38 -4.13
N VAL A 30 -7.24 2.50 -3.96
CA VAL A 30 -7.52 1.13 -3.59
C VAL A 30 -7.05 0.88 -2.16
N THR A 31 -7.53 -0.21 -1.58
CA THR A 31 -7.17 -0.57 -0.23
C THR A 31 -6.16 -1.72 -0.23
N ILE A 32 -5.22 -1.65 0.70
CA ILE A 32 -4.20 -2.67 0.82
C ILE A 32 -4.61 -3.69 1.88
N PRO A 33 -4.71 -4.97 1.45
CA PRO A 33 -5.10 -6.04 2.35
C PRO A 33 -3.93 -6.41 3.27
N TYR A 34 -4.07 -6.03 4.53
CA TYR A 34 -3.04 -6.31 5.52
C TYR A 34 -3.16 -7.76 6.03
N PRO A 35 -4.43 -8.23 6.14
CA PRO A 35 -4.68 -9.57 6.60
C PRO A 35 -4.37 -10.60 5.51
N LEU A 36 -5.19 -10.59 4.47
CA LEU A 36 -5.01 -11.51 3.36
C LEU A 36 -3.51 -11.71 3.12
N PHE A 37 -2.82 -10.60 2.93
CA PHE A 37 -1.39 -10.64 2.69
C PHE A 37 -0.68 -11.51 3.74
N GLN A 38 -0.98 -11.22 4.99
CA GLN A 38 -0.37 -11.95 6.10
C GLN A 38 -0.63 -13.45 5.94
N SER A 39 -1.77 -13.76 5.32
CA SER A 39 -2.14 -15.14 5.09
C SER A 39 -1.43 -15.69 3.86
N HIS A 40 -1.12 -14.78 2.94
CA HIS A 40 -0.44 -15.16 1.71
C HIS A 40 0.77 -14.25 1.49
N VAL A 41 1.77 -14.42 2.35
CA VAL A 41 2.98 -13.62 2.26
C VAL A 41 3.90 -14.21 1.19
N GLU A 42 3.53 -15.39 0.72
CA GLU A 42 4.30 -16.07 -0.29
C GLU A 42 3.90 -15.58 -1.69
N ASP A 43 2.64 -15.22 -1.81
CA ASP A 43 2.12 -14.74 -3.08
C ASP A 43 1.98 -13.22 -3.01
N LEU A 44 1.27 -12.76 -1.99
CA LEU A 44 1.05 -11.34 -1.80
C LEU A 44 2.11 -10.79 -0.83
N TYR A 45 2.87 -9.82 -1.33
CA TYR A 45 3.91 -9.20 -0.53
C TYR A 45 4.49 -7.98 -1.24
N VAL A 46 5.04 -7.07 -0.43
CA VAL A 46 5.63 -5.86 -0.97
C VAL A 46 7.14 -6.05 -1.11
N GLU A 47 7.71 -5.30 -2.05
CA GLU A 47 9.14 -5.38 -2.29
C GLU A 47 9.71 -3.99 -2.57
N GLY A 48 11.02 -3.93 -2.70
CA GLY A 48 11.70 -2.68 -2.97
C GLY A 48 11.87 -1.86 -1.68
N LEU A 49 11.41 -2.45 -0.58
CA LEU A 49 11.50 -1.80 0.71
C LEU A 49 12.97 -1.72 1.13
N PRO A 50 13.27 -0.72 2.01
CA PRO A 50 14.62 -0.53 2.51
C PRO A 50 14.98 -1.59 3.54
N GLU A 51 16.06 -1.33 4.26
CA GLU A 51 16.52 -2.26 5.29
C GLU A 51 15.93 -1.88 6.65
N GLY A 52 15.50 -2.89 7.37
CA GLY A 52 14.91 -2.67 8.69
C GLY A 52 13.55 -2.00 8.58
N ILE A 53 12.87 -2.27 7.48
CA ILE A 53 11.56 -1.70 7.24
C ILE A 53 10.72 -2.68 6.43
N PRO A 54 9.87 -3.46 7.16
CA PRO A 54 9.01 -4.44 6.52
C PRO A 54 7.83 -3.75 5.82
N PHE A 55 6.79 -4.53 5.58
CA PHE A 55 5.60 -4.02 4.92
C PHE A 55 4.41 -3.99 5.88
N ARG A 56 4.34 -2.90 6.64
CA ARG A 56 3.27 -2.73 7.60
C ARG A 56 2.72 -1.31 7.54
N ARG A 57 1.56 -1.12 8.16
CA ARG A 57 0.92 0.19 8.17
C ARG A 57 1.98 1.28 8.33
N PRO A 58 1.94 2.25 7.37
CA PRO A 58 2.87 3.36 7.38
C PRO A 58 2.51 4.37 8.47
N SER A 59 1.45 4.05 9.19
CA SER A 59 0.99 4.93 10.26
C SER A 59 1.72 4.59 11.56
N THR A 60 2.64 3.64 11.46
CA THR A 60 3.41 3.23 12.62
C THR A 60 4.89 3.54 12.42
N TYR A 61 5.34 3.34 11.19
CA TYR A 61 6.73 3.59 10.85
C TYR A 61 7.18 4.95 11.39
N GLY A 62 8.44 4.99 11.82
CA GLY A 62 9.01 6.22 12.36
C GLY A 62 9.14 7.28 11.27
N ILE A 63 9.36 8.52 11.72
CA ILE A 63 9.51 9.62 10.79
C ILE A 63 10.65 9.31 9.82
N PRO A 64 11.77 8.79 10.39
CA PRO A 64 12.93 8.44 9.60
C PRO A 64 12.69 7.16 8.80
N ARG A 65 11.91 6.27 9.39
CA ARG A 65 11.60 5.01 8.75
C ARG A 65 10.81 5.25 7.46
N LEU A 66 9.83 6.14 7.56
CA LEU A 66 8.99 6.46 6.42
C LEU A 66 9.86 7.08 5.32
N GLU A 67 10.59 8.12 5.69
CA GLU A 67 11.46 8.81 4.76
C GLU A 67 12.15 7.79 3.83
N ARG A 68 12.83 6.84 4.46
CA ARG A 68 13.54 5.81 3.71
C ARG A 68 12.59 5.16 2.70
N ILE A 69 11.47 4.68 3.20
CA ILE A 69 10.48 4.03 2.36
C ILE A 69 10.22 4.90 1.14
N LEU A 70 10.25 6.21 1.36
CA LEU A 70 10.01 7.16 0.29
C LEU A 70 11.26 7.25 -0.60
N LEU A 71 12.41 7.05 0.04
CA LEU A 71 13.67 7.10 -0.68
C LEU A 71 13.87 5.79 -1.45
N ALA A 72 13.10 4.79 -1.06
CA ALA A 72 13.18 3.49 -1.70
C ALA A 72 12.00 3.32 -2.65
N LYS A 73 11.11 4.31 -2.63
CA LYS A 73 9.93 4.27 -3.48
C LYS A 73 10.34 3.86 -4.89
N GLU A 74 11.53 4.30 -5.28
CA GLU A 74 12.04 3.98 -6.60
C GLU A 74 12.16 2.46 -6.77
N ARG A 75 12.47 1.79 -5.68
CA ARG A 75 12.61 0.35 -5.69
C ARG A 75 11.30 -0.33 -5.26
N ILE A 76 10.63 0.32 -4.32
CA ILE A 76 9.38 -0.19 -3.82
C ILE A 76 8.57 -0.81 -4.97
N ARG A 77 7.92 -1.93 -4.66
CA ARG A 77 7.12 -2.61 -5.66
C ARG A 77 6.12 -3.55 -4.98
N PHE A 78 4.96 -3.67 -5.60
CA PHE A 78 3.91 -4.52 -5.07
C PHE A 78 3.68 -5.74 -5.97
N VAL A 79 4.09 -6.89 -5.46
CA VAL A 79 3.95 -8.13 -6.20
C VAL A 79 2.58 -8.74 -5.90
N ILE A 80 1.90 -9.15 -6.95
CA ILE A 80 0.59 -9.76 -6.81
C ILE A 80 0.59 -11.14 -7.46
N LYS A 81 1.30 -12.06 -6.81
CA LYS A 81 1.39 -13.42 -7.32
C LYS A 81 -0.02 -13.99 -7.51
N LYS A 82 -0.79 -13.93 -6.44
CA LYS A 82 -2.15 -14.43 -6.47
C LYS A 82 -3.13 -13.26 -6.55
N HIS A 83 -3.87 -13.21 -7.65
CA HIS A 83 -4.84 -12.15 -7.85
C HIS A 83 -6.18 -12.56 -7.25
N GLU A 84 -6.63 -13.75 -7.62
CA GLU A 84 -7.90 -14.26 -7.13
C GLU A 84 -8.05 -13.96 -5.64
N LEU A 85 -6.93 -14.12 -4.92
CA LEU A 85 -6.93 -13.87 -3.49
C LEU A 85 -7.69 -12.57 -3.20
N LEU A 86 -7.33 -11.54 -3.95
CA LEU A 86 -7.97 -10.24 -3.79
C LEU A 86 -9.48 -10.39 -3.99
N ASN A 87 -9.86 -10.66 -5.22
CA ASN A 87 -11.26 -10.83 -5.55
C ASN A 87 -11.99 -9.51 -5.34
N SER A 88 -12.46 -8.94 -6.44
CA SER A 88 -13.17 -7.67 -6.39
C SER A 88 -12.47 -6.70 -5.44
N THR A 89 -11.50 -5.99 -5.99
CA THR A 89 -10.74 -5.04 -5.20
C THR A 89 -11.64 -3.89 -4.75
N ARG A 90 -12.44 -3.40 -5.68
CA ARG A 90 -13.35 -2.30 -5.40
C ARG A 90 -14.20 -1.98 -6.63
N GLU A 91 -15.45 -1.63 -6.37
CA GLU A 91 -16.38 -1.30 -7.44
C GLU A 91 -17.67 -0.73 -6.87
N ASP A 92 -18.05 0.43 -7.38
CA ASP A 92 -19.26 1.09 -6.94
C ASP A 92 -19.56 2.28 -7.85
N LEU A 93 -20.84 2.60 -7.95
CA LEU A 93 -21.27 3.72 -8.78
C LEU A 93 -21.38 4.98 -7.93
N SER A 94 -20.27 5.36 -7.33
CA SER A 94 -20.23 6.54 -6.49
C SER A 94 -18.79 6.84 -6.08
N GLY A 95 -18.29 7.98 -6.55
CA GLY A 95 -16.94 8.40 -6.23
C GLY A 95 -16.88 9.14 -4.90
N PRO A 96 -16.05 8.59 -3.98
CA PRO A 96 -15.89 9.19 -2.67
C PRO A 96 -15.04 10.46 -2.73
N SER A 97 -15.08 11.22 -1.64
CA SER A 97 -14.32 12.46 -1.57
C SER A 97 -14.36 13.01 -0.14
N SER A 98 -13.27 13.68 0.22
CA SER A 98 -13.17 14.26 1.55
C SER A 98 -12.00 15.24 1.60
N GLY A 99 -12.25 16.39 2.23
CA GLY A 99 -11.23 17.41 2.35
C GLY A 99 -10.95 18.06 1.00
N GLY A 1 -8.34 13.98 -6.89
CA GLY A 1 -7.65 13.96 -5.61
C GLY A 1 -7.37 15.37 -5.12
N SER A 2 -7.19 15.48 -3.81
CA SER A 2 -6.92 16.77 -3.20
C SER A 2 -5.70 16.67 -2.28
N SER A 3 -5.08 17.81 -2.05
CA SER A 3 -3.91 17.86 -1.19
C SER A 3 -4.02 19.03 -0.21
N GLY A 4 -3.34 18.89 0.93
CA GLY A 4 -3.36 19.92 1.95
C GLY A 4 -2.12 19.84 2.83
N SER A 5 -2.32 19.33 4.04
CA SER A 5 -1.23 19.20 4.99
C SER A 5 -0.15 18.28 4.41
N SER A 6 -0.55 17.06 4.10
CA SER A 6 0.37 16.08 3.55
C SER A 6 1.50 15.79 4.55
N GLY A 7 2.23 14.72 4.28
CA GLY A 7 3.32 14.32 5.15
C GLY A 7 3.85 12.94 4.77
N LEU A 8 4.96 12.57 5.37
CA LEU A 8 5.58 11.29 5.11
C LEU A 8 4.50 10.21 5.03
N ARG A 9 3.88 9.96 6.17
CA ARG A 9 2.83 8.96 6.26
C ARG A 9 1.95 9.02 5.00
N LYS A 10 1.37 10.20 4.78
CA LYS A 10 0.50 10.40 3.63
C LYS A 10 1.25 9.97 2.36
N GLN A 11 2.47 10.44 2.24
CA GLN A 11 3.30 10.12 1.09
C GLN A 11 3.36 8.60 0.90
N VAL A 12 3.70 7.91 1.97
CA VAL A 12 3.80 6.46 1.94
C VAL A 12 2.41 5.87 1.69
N GLU A 13 1.44 6.37 2.43
CA GLU A 13 0.07 5.91 2.30
C GLU A 13 -0.35 5.90 0.83
N GLU A 14 -0.16 7.04 0.19
CA GLU A 14 -0.51 7.18 -1.22
C GLU A 14 0.42 6.32 -2.09
N LEU A 15 1.69 6.30 -1.69
CA LEU A 15 2.67 5.53 -2.43
C LEU A 15 2.29 4.04 -2.38
N PHE A 16 2.12 3.55 -1.17
CA PHE A 16 1.76 2.15 -0.98
C PHE A 16 0.65 1.73 -1.94
N GLU A 17 -0.49 2.41 -1.81
CA GLU A 17 -1.62 2.12 -2.65
C GLU A 17 -1.24 2.26 -4.13
N ARG A 18 -0.61 3.37 -4.44
CA ARG A 18 -0.18 3.63 -5.80
C ARG A 18 0.43 2.37 -6.42
N LYS A 19 1.52 1.91 -5.82
CA LYS A 19 2.19 0.72 -6.29
C LYS A 19 1.16 -0.38 -6.54
N TYR A 20 0.46 -0.75 -5.48
CA TYR A 20 -0.55 -1.79 -5.58
C TYR A 20 -1.51 -1.52 -6.74
N ALA A 21 -1.98 -0.27 -6.80
CA ALA A 21 -2.90 0.13 -7.85
C ALA A 21 -2.23 -0.07 -9.21
N GLN A 22 -0.95 0.26 -9.26
CA GLN A 22 -0.19 0.11 -10.50
C GLN A 22 -0.15 -1.36 -10.92
N ALA A 23 0.10 -2.22 -9.95
CA ALA A 23 0.16 -3.65 -10.21
C ALA A 23 -1.16 -4.11 -10.81
N ILE A 24 -2.19 -3.30 -10.59
CA ILE A 24 -3.52 -3.63 -11.10
C ILE A 24 -4.00 -2.49 -11.99
N LYS A 25 -3.06 -1.65 -12.40
CA LYS A 25 -3.38 -0.51 -13.25
C LYS A 25 -4.68 0.13 -12.77
N ALA A 26 -4.66 0.57 -11.53
CA ALA A 26 -5.83 1.21 -10.95
C ALA A 26 -5.61 2.72 -10.87
N LYS A 27 -6.48 3.45 -11.55
CA LYS A 27 -6.39 4.89 -11.57
C LYS A 27 -7.25 5.48 -10.45
N GLY A 28 -7.45 4.66 -9.42
CA GLY A 28 -8.25 5.08 -8.29
C GLY A 28 -7.63 4.61 -6.97
N PRO A 29 -8.20 5.13 -5.85
CA PRO A 29 -7.71 4.76 -4.53
C PRO A 29 -8.16 3.36 -4.14
N VAL A 30 -7.19 2.48 -3.96
CA VAL A 30 -7.47 1.11 -3.60
C VAL A 30 -7.00 0.85 -2.16
N THR A 31 -7.50 -0.22 -1.58
CA THR A 31 -7.15 -0.58 -0.22
C THR A 31 -6.15 -1.74 -0.22
N ILE A 32 -5.20 -1.68 0.70
CA ILE A 32 -4.19 -2.71 0.82
C ILE A 32 -4.60 -3.69 1.92
N PRO A 33 -4.78 -4.97 1.51
CA PRO A 33 -5.17 -6.01 2.45
C PRO A 33 -3.98 -6.43 3.33
N TYR A 34 -4.05 -6.05 4.59
CA TYR A 34 -2.99 -6.37 5.53
C TYR A 34 -3.11 -7.82 6.01
N PRO A 35 -4.39 -8.29 6.12
CA PRO A 35 -4.65 -9.65 6.58
C PRO A 35 -4.36 -10.65 5.45
N LEU A 36 -5.20 -10.62 4.44
CA LEU A 36 -5.04 -11.52 3.31
C LEU A 36 -3.55 -11.73 3.03
N PHE A 37 -2.86 -10.61 2.84
CA PHE A 37 -1.44 -10.66 2.57
C PHE A 37 -0.70 -11.51 3.61
N GLN A 38 -1.00 -11.23 4.87
CA GLN A 38 -0.38 -11.97 5.96
C GLN A 38 -0.65 -13.47 5.81
N SER A 39 -1.78 -13.78 5.19
CA SER A 39 -2.15 -15.17 4.98
C SER A 39 -1.49 -15.70 3.71
N HIS A 40 -1.17 -14.78 2.81
CA HIS A 40 -0.53 -15.15 1.55
C HIS A 40 0.67 -14.24 1.32
N VAL A 41 1.71 -14.46 2.11
CA VAL A 41 2.92 -13.67 2.00
C VAL A 41 3.82 -14.27 0.91
N GLU A 42 3.42 -15.46 0.46
CA GLU A 42 4.17 -16.15 -0.57
C GLU A 42 3.65 -15.77 -1.96
N ASP A 43 2.59 -14.98 -1.96
CA ASP A 43 1.99 -14.54 -3.21
C ASP A 43 1.89 -13.01 -3.20
N LEU A 44 1.16 -12.50 -2.22
CA LEU A 44 0.98 -11.06 -2.08
C LEU A 44 1.96 -10.52 -1.04
N TYR A 45 2.80 -9.60 -1.49
CA TYR A 45 3.80 -9.00 -0.61
C TYR A 45 4.40 -7.75 -1.25
N VAL A 46 4.90 -6.86 -0.40
CA VAL A 46 5.51 -5.64 -0.86
C VAL A 46 7.04 -5.80 -0.88
N GLU A 47 7.64 -5.31 -1.95
CA GLU A 47 9.08 -5.38 -2.10
C GLU A 47 9.66 -4.00 -2.39
N GLY A 48 10.97 -3.97 -2.59
CA GLY A 48 11.66 -2.73 -2.87
C GLY A 48 11.82 -1.89 -1.61
N LEU A 49 11.36 -2.45 -0.51
CA LEU A 49 11.45 -1.77 0.79
C LEU A 49 12.90 -1.74 1.23
N PRO A 50 13.22 -0.72 2.08
CA PRO A 50 14.57 -0.55 2.59
C PRO A 50 14.88 -1.60 3.67
N GLU A 51 16.05 -1.46 4.26
CA GLU A 51 16.47 -2.37 5.31
C GLU A 51 15.91 -1.93 6.66
N GLY A 52 15.48 -2.92 7.43
CA GLY A 52 14.92 -2.66 8.74
C GLY A 52 13.56 -1.96 8.63
N ILE A 53 12.86 -2.28 7.54
CA ILE A 53 11.55 -1.68 7.30
C ILE A 53 10.70 -2.67 6.49
N PRO A 54 9.86 -3.44 7.23
CA PRO A 54 8.99 -4.42 6.60
C PRO A 54 7.81 -3.73 5.90
N PHE A 55 6.80 -4.53 5.62
CA PHE A 55 5.61 -4.03 4.96
C PHE A 55 4.41 -4.00 5.92
N ARG A 56 4.32 -2.93 6.68
CA ARG A 56 3.24 -2.78 7.64
C ARG A 56 2.66 -1.36 7.57
N ARG A 57 1.49 -1.20 8.17
CA ARG A 57 0.83 0.08 8.18
C ARG A 57 1.85 1.21 8.32
N PRO A 58 1.77 2.19 7.38
CA PRO A 58 2.67 3.32 7.40
C PRO A 58 2.30 4.31 8.50
N SER A 59 1.27 3.95 9.25
CA SER A 59 0.80 4.80 10.34
C SER A 59 1.45 4.35 11.65
N THR A 60 2.39 3.43 11.54
CA THR A 60 3.08 2.92 12.70
C THR A 60 4.61 2.98 12.49
N TYR A 61 4.99 3.56 11.37
CA TYR A 61 6.40 3.69 11.04
C TYR A 61 6.97 5.00 11.58
N GLY A 62 8.27 4.98 11.84
CA GLY A 62 8.94 6.16 12.36
C GLY A 62 9.13 7.22 11.27
N ILE A 63 9.40 8.43 11.71
CA ILE A 63 9.60 9.54 10.79
C ILE A 63 10.72 9.19 9.81
N PRO A 64 11.82 8.61 10.38
CA PRO A 64 12.96 8.22 9.56
C PRO A 64 12.67 6.95 8.77
N ARG A 65 11.82 6.11 9.36
CA ARG A 65 11.44 4.86 8.71
C ARG A 65 10.59 5.14 7.46
N LEU A 66 9.72 6.12 7.60
CA LEU A 66 8.85 6.50 6.48
C LEU A 66 9.70 7.10 5.36
N GLU A 67 10.56 8.02 5.76
CA GLU A 67 11.43 8.69 4.79
C GLU A 67 12.05 7.66 3.84
N ARG A 68 12.86 6.78 4.41
CA ARG A 68 13.51 5.75 3.63
C ARG A 68 12.52 5.11 2.64
N ILE A 69 11.40 4.67 3.19
CA ILE A 69 10.37 4.04 2.39
C ILE A 69 10.06 4.93 1.17
N LEU A 70 10.18 6.24 1.40
CA LEU A 70 9.92 7.20 0.34
C LEU A 70 11.16 7.32 -0.54
N LEU A 71 12.31 7.10 0.07
CA LEU A 71 13.57 7.19 -0.65
C LEU A 71 13.86 5.85 -1.33
N ALA A 72 12.98 4.89 -1.08
CA ALA A 72 13.12 3.57 -1.66
C ALA A 72 11.97 3.32 -2.64
N LYS A 73 11.09 4.30 -2.74
CA LYS A 73 9.95 4.21 -3.63
C LYS A 73 10.43 3.75 -5.01
N GLU A 74 11.55 4.31 -5.43
CA GLU A 74 12.12 3.98 -6.72
C GLU A 74 12.36 2.47 -6.83
N ARG A 75 12.35 1.83 -5.67
CA ARG A 75 12.56 0.39 -5.61
C ARG A 75 11.28 -0.31 -5.18
N ILE A 76 10.57 0.32 -4.26
CA ILE A 76 9.33 -0.24 -3.76
C ILE A 76 8.56 -0.88 -4.91
N ARG A 77 7.95 -2.02 -4.61
CA ARG A 77 7.18 -2.74 -5.61
C ARG A 77 6.17 -3.67 -4.94
N PHE A 78 5.03 -3.83 -5.60
CA PHE A 78 3.97 -4.68 -5.07
C PHE A 78 3.76 -5.89 -5.96
N VAL A 79 4.20 -7.04 -5.46
CA VAL A 79 4.06 -8.28 -6.20
C VAL A 79 2.68 -8.88 -5.94
N ILE A 80 1.92 -9.02 -7.01
CA ILE A 80 0.58 -9.58 -6.91
C ILE A 80 0.54 -10.94 -7.60
N LYS A 81 1.13 -11.92 -6.93
CA LYS A 81 1.16 -13.28 -7.45
C LYS A 81 -0.27 -13.80 -7.63
N LYS A 82 -1.02 -13.73 -6.54
CA LYS A 82 -2.40 -14.20 -6.56
C LYS A 82 -3.33 -12.98 -6.51
N HIS A 83 -4.12 -12.84 -7.56
CA HIS A 83 -5.06 -11.74 -7.66
C HIS A 83 -6.38 -12.12 -6.97
N GLU A 84 -6.90 -13.28 -7.38
CA GLU A 84 -8.15 -13.77 -6.82
C GLU A 84 -8.12 -13.65 -5.29
N LEU A 85 -6.99 -14.05 -4.72
CA LEU A 85 -6.83 -14.00 -3.28
C LEU A 85 -7.37 -12.67 -2.75
N LEU A 86 -7.27 -11.65 -3.59
CA LEU A 86 -7.75 -10.33 -3.22
C LEU A 86 -9.28 -10.37 -3.09
N ASN A 87 -9.92 -10.70 -4.20
CA ASN A 87 -11.38 -10.78 -4.21
C ASN A 87 -11.96 -9.50 -3.61
N SER A 88 -12.29 -8.57 -4.51
CA SER A 88 -12.86 -7.30 -4.08
C SER A 88 -13.57 -6.63 -5.26
N THR A 89 -12.79 -6.35 -6.30
CA THR A 89 -13.34 -5.71 -7.49
C THR A 89 -14.34 -4.63 -7.11
N ARG A 90 -13.97 -3.87 -6.07
CA ARG A 90 -14.83 -2.79 -5.59
C ARG A 90 -14.03 -1.83 -4.71
N GLU A 91 -13.53 -0.78 -5.33
CA GLU A 91 -12.76 0.22 -4.62
C GLU A 91 -12.38 1.37 -5.55
N ASP A 92 -13.25 2.36 -5.58
CA ASP A 92 -13.03 3.53 -6.42
C ASP A 92 -14.21 4.49 -6.27
N LEU A 93 -13.94 5.62 -5.64
CA LEU A 93 -14.97 6.62 -5.44
C LEU A 93 -16.05 6.06 -4.52
N SER A 94 -16.69 6.96 -3.77
CA SER A 94 -17.74 6.57 -2.86
C SER A 94 -19.04 6.31 -3.62
N GLY A 95 -19.46 7.34 -4.36
CA GLY A 95 -20.67 7.23 -5.14
C GLY A 95 -21.83 7.96 -4.45
N PRO A 96 -22.78 8.47 -5.28
CA PRO A 96 -23.92 9.19 -4.76
C PRO A 96 -24.95 8.22 -4.16
N SER A 97 -25.88 8.79 -3.40
CA SER A 97 -26.91 7.98 -2.76
C SER A 97 -28.22 8.12 -3.53
N SER A 98 -28.30 7.39 -4.63
CA SER A 98 -29.49 7.41 -5.46
C SER A 98 -29.82 6.00 -5.96
N GLY A 99 -31.08 5.80 -6.32
CA GLY A 99 -31.53 4.52 -6.81
C GLY A 99 -33.03 4.53 -7.10
N GLY A 1 -7.13 18.97 -3.22
CA GLY A 1 -8.28 19.80 -2.88
C GLY A 1 -8.81 19.45 -1.49
N SER A 2 -9.98 18.85 -1.46
CA SER A 2 -10.61 18.47 -0.21
C SER A 2 -9.60 17.74 0.67
N SER A 3 -9.60 18.10 1.95
CA SER A 3 -8.69 17.49 2.90
C SER A 3 -7.25 17.77 2.50
N GLY A 4 -6.58 18.59 3.31
CA GLY A 4 -5.20 18.94 3.05
C GLY A 4 -4.26 18.28 4.06
N SER A 5 -3.15 18.95 4.32
CA SER A 5 -2.16 18.44 5.26
C SER A 5 -1.62 17.09 4.77
N SER A 6 -0.41 17.14 4.25
CA SER A 6 0.24 15.94 3.74
C SER A 6 1.62 15.79 4.37
N GLY A 7 1.86 14.59 4.91
CA GLY A 7 3.13 14.29 5.54
C GLY A 7 3.71 12.98 5.02
N LEU A 8 4.87 12.63 5.55
CA LEU A 8 5.53 11.40 5.16
C LEU A 8 4.51 10.27 5.06
N ARG A 9 3.94 9.94 6.21
CA ARG A 9 2.93 8.88 6.26
C ARG A 9 2.02 8.96 5.04
N LYS A 10 1.42 10.12 4.86
CA LYS A 10 0.52 10.34 3.73
C LYS A 10 1.23 9.97 2.44
N GLN A 11 2.48 10.40 2.35
CA GLN A 11 3.28 10.13 1.17
C GLN A 11 3.37 8.62 0.92
N VAL A 12 3.73 7.91 1.98
CA VAL A 12 3.87 6.46 1.90
C VAL A 12 2.48 5.84 1.69
N GLU A 13 1.52 6.34 2.44
CA GLU A 13 0.16 5.85 2.35
C GLU A 13 -0.30 5.86 0.88
N GLU A 14 -0.19 7.02 0.27
CA GLU A 14 -0.59 7.18 -1.12
C GLU A 14 0.31 6.34 -2.03
N LEU A 15 1.58 6.27 -1.64
CA LEU A 15 2.55 5.51 -2.42
C LEU A 15 2.17 4.03 -2.38
N PHE A 16 2.10 3.50 -1.17
CA PHE A 16 1.76 2.10 -0.98
C PHE A 16 0.63 1.68 -1.92
N GLU A 17 -0.44 2.46 -1.90
CA GLU A 17 -1.59 2.18 -2.74
C GLU A 17 -1.20 2.28 -4.21
N ARG A 18 -0.57 3.39 -4.56
CA ARG A 18 -0.14 3.63 -5.92
C ARG A 18 0.44 2.34 -6.52
N LYS A 19 1.52 1.87 -5.92
CA LYS A 19 2.17 0.66 -6.39
C LYS A 19 1.11 -0.43 -6.60
N TYR A 20 0.42 -0.76 -5.52
CA TYR A 20 -0.61 -1.79 -5.57
C TYR A 20 -1.58 -1.51 -6.71
N ALA A 21 -2.10 -0.29 -6.73
CA ALA A 21 -3.04 0.11 -7.76
C ALA A 21 -2.41 -0.12 -9.14
N GLN A 22 -1.13 0.20 -9.24
CA GLN A 22 -0.41 0.04 -10.48
C GLN A 22 -0.33 -1.45 -10.85
N ALA A 23 -0.12 -2.27 -9.84
CA ALA A 23 -0.02 -3.71 -10.05
C ALA A 23 -1.35 -4.23 -10.59
N ILE A 24 -2.37 -3.40 -10.46
CA ILE A 24 -3.70 -3.77 -10.92
C ILE A 24 -4.20 -2.70 -11.91
N LYS A 25 -3.31 -1.78 -12.23
CA LYS A 25 -3.64 -0.70 -13.16
C LYS A 25 -4.92 -0.01 -12.66
N ALA A 26 -4.85 0.51 -11.45
CA ALA A 26 -5.98 1.21 -10.86
C ALA A 26 -5.67 2.70 -10.79
N LYS A 27 -6.52 3.48 -11.46
CA LYS A 27 -6.34 4.93 -11.47
C LYS A 27 -7.17 5.55 -10.34
N GLY A 28 -7.43 4.73 -9.32
CA GLY A 28 -8.20 5.19 -8.18
C GLY A 28 -7.57 4.70 -6.88
N PRO A 29 -8.10 5.25 -5.74
CA PRO A 29 -7.59 4.89 -4.44
C PRO A 29 -8.09 3.49 -4.03
N VAL A 30 -7.13 2.59 -3.83
CA VAL A 30 -7.45 1.24 -3.45
C VAL A 30 -6.97 1.00 -2.01
N THR A 31 -7.52 -0.05 -1.40
CA THR A 31 -7.15 -0.40 -0.04
C THR A 31 -6.21 -1.60 -0.03
N ILE A 32 -5.20 -1.53 0.82
CA ILE A 32 -4.24 -2.61 0.94
C ILE A 32 -4.62 -3.52 2.10
N PRO A 33 -4.96 -4.79 1.74
CA PRO A 33 -5.36 -5.77 2.74
C PRO A 33 -4.15 -6.28 3.52
N TYR A 34 -4.17 -6.02 4.82
CA TYR A 34 -3.08 -6.44 5.69
C TYR A 34 -3.18 -7.93 6.00
N PRO A 35 -4.45 -8.42 6.10
CA PRO A 35 -4.69 -9.82 6.39
C PRO A 35 -4.41 -10.70 5.16
N LEU A 36 -5.26 -10.54 4.16
CA LEU A 36 -5.11 -11.31 2.93
C LEU A 36 -3.62 -11.47 2.61
N PHE A 37 -2.91 -10.35 2.75
CA PHE A 37 -1.48 -10.35 2.46
C PHE A 37 -0.71 -11.13 3.53
N GLN A 38 -1.07 -10.88 4.78
CA GLN A 38 -0.43 -11.54 5.89
C GLN A 38 -0.67 -13.05 5.83
N SER A 39 -1.86 -13.41 5.39
CA SER A 39 -2.23 -14.81 5.27
C SER A 39 -1.49 -15.44 4.10
N HIS A 40 -1.17 -14.60 3.11
CA HIS A 40 -0.47 -15.06 1.93
C HIS A 40 0.73 -14.15 1.65
N VAL A 41 1.72 -14.25 2.53
CA VAL A 41 2.92 -13.44 2.39
C VAL A 41 3.84 -14.09 1.36
N GLU A 42 3.47 -15.29 0.94
CA GLU A 42 4.26 -16.03 -0.03
C GLU A 42 3.82 -15.65 -1.45
N ASP A 43 2.65 -15.03 -1.52
CA ASP A 43 2.10 -14.62 -2.81
C ASP A 43 2.00 -13.10 -2.85
N LEU A 44 1.25 -12.55 -1.90
CA LEU A 44 1.06 -11.12 -1.82
C LEU A 44 2.07 -10.53 -0.84
N TYR A 45 2.98 -9.73 -1.37
CA TYR A 45 4.00 -9.10 -0.55
C TYR A 45 4.58 -7.88 -1.26
N VAL A 46 5.05 -6.93 -0.45
CA VAL A 46 5.63 -5.71 -0.98
C VAL A 46 7.15 -5.88 -1.08
N GLU A 47 7.71 -5.30 -2.13
CA GLU A 47 9.14 -5.37 -2.34
C GLU A 47 9.72 -3.98 -2.58
N GLY A 48 11.03 -3.93 -2.75
CA GLY A 48 11.72 -2.67 -2.98
C GLY A 48 11.85 -1.87 -1.69
N LEU A 49 11.37 -2.47 -0.61
CA LEU A 49 11.44 -1.84 0.70
C LEU A 49 12.89 -1.76 1.14
N PRO A 50 13.18 -0.74 2.00
CA PRO A 50 14.52 -0.55 2.52
C PRO A 50 14.85 -1.59 3.59
N GLU A 51 16.04 -1.44 4.17
CA GLU A 51 16.49 -2.35 5.20
C GLU A 51 15.92 -1.94 6.56
N GLY A 52 15.49 -2.94 7.32
CA GLY A 52 14.92 -2.70 8.64
C GLY A 52 13.56 -2.01 8.53
N ILE A 53 12.87 -2.31 7.44
CA ILE A 53 11.56 -1.73 7.19
C ILE A 53 10.72 -2.72 6.37
N PRO A 54 9.89 -3.52 7.10
CA PRO A 54 9.05 -4.50 6.45
C PRO A 54 7.85 -3.83 5.78
N PHE A 55 6.84 -4.63 5.49
CA PHE A 55 5.64 -4.12 4.85
C PHE A 55 4.46 -4.09 5.83
N ARG A 56 4.36 -2.98 6.55
CA ARG A 56 3.29 -2.82 7.52
C ARG A 56 2.74 -1.40 7.47
N ARG A 57 1.59 -1.22 8.09
CA ARG A 57 0.94 0.08 8.12
C ARG A 57 1.99 1.19 8.24
N PRO A 58 1.92 2.16 7.29
CA PRO A 58 2.86 3.27 7.30
C PRO A 58 2.52 4.28 8.39
N SER A 59 1.46 3.97 9.13
CA SER A 59 1.01 4.82 10.22
C SER A 59 1.62 4.36 11.54
N THR A 60 2.45 3.34 11.45
CA THR A 60 3.10 2.79 12.63
C THR A 60 4.62 2.93 12.50
N TYR A 61 5.07 3.29 11.32
CA TYR A 61 6.49 3.46 11.06
C TYR A 61 6.99 4.79 11.62
N GLY A 62 8.30 4.86 11.82
CA GLY A 62 8.91 6.07 12.36
C GLY A 62 9.06 7.13 11.26
N ILE A 63 9.29 8.36 11.71
CA ILE A 63 9.45 9.47 10.79
C ILE A 63 10.60 9.16 9.82
N PRO A 64 11.71 8.64 10.40
CA PRO A 64 12.88 8.29 9.61
C PRO A 64 12.64 7.01 8.81
N ARG A 65 11.88 6.12 9.40
CA ARG A 65 11.56 4.85 8.76
C ARG A 65 10.73 5.08 7.50
N LEU A 66 9.83 6.05 7.59
CA LEU A 66 8.98 6.39 6.47
C LEU A 66 9.81 7.02 5.36
N GLU A 67 10.62 8.01 5.76
CA GLU A 67 11.47 8.70 4.81
C GLU A 67 12.14 7.70 3.86
N ARG A 68 12.89 6.79 4.46
CA ARG A 68 13.59 5.77 3.69
C ARG A 68 12.64 5.12 2.69
N ILE A 69 11.51 4.65 3.20
CA ILE A 69 10.51 4.01 2.36
C ILE A 69 10.23 4.89 1.15
N LEU A 70 10.24 6.20 1.39
CA LEU A 70 9.97 7.15 0.33
C LEU A 70 11.20 7.23 -0.58
N LEU A 71 12.37 7.07 0.02
CA LEU A 71 13.61 7.12 -0.72
C LEU A 71 13.81 5.79 -1.47
N ALA A 72 13.04 4.80 -1.07
CA ALA A 72 13.12 3.49 -1.69
C ALA A 72 11.93 3.31 -2.63
N LYS A 73 11.05 4.30 -2.63
CA LYS A 73 9.87 4.26 -3.48
C LYS A 73 10.28 3.88 -4.90
N GLU A 74 11.40 4.45 -5.34
CA GLU A 74 11.91 4.17 -6.66
C GLU A 74 12.14 2.66 -6.85
N ARG A 75 12.28 1.98 -5.72
CA ARG A 75 12.51 0.55 -5.74
C ARG A 75 11.24 -0.19 -5.28
N ILE A 76 10.56 0.40 -4.33
CA ILE A 76 9.34 -0.18 -3.80
C ILE A 76 8.54 -0.80 -4.95
N ARG A 77 7.87 -1.91 -4.65
CA ARG A 77 7.08 -2.60 -5.64
C ARG A 77 6.11 -3.56 -4.95
N PHE A 78 4.93 -3.70 -5.56
CA PHE A 78 3.92 -4.59 -5.03
C PHE A 78 3.71 -5.81 -5.93
N VAL A 79 4.17 -6.95 -5.44
CA VAL A 79 4.04 -8.19 -6.19
C VAL A 79 2.71 -8.86 -5.84
N ILE A 80 1.86 -8.99 -6.84
CA ILE A 80 0.56 -9.61 -6.66
C ILE A 80 0.59 -11.02 -7.27
N LYS A 81 1.37 -11.89 -6.64
CA LYS A 81 1.48 -13.26 -7.11
C LYS A 81 0.08 -13.82 -7.39
N LYS A 82 -0.72 -13.86 -6.33
CA LYS A 82 -2.08 -14.37 -6.45
C LYS A 82 -3.05 -13.19 -6.49
N HIS A 83 -3.80 -13.14 -7.58
CA HIS A 83 -4.77 -12.06 -7.76
C HIS A 83 -6.11 -12.48 -7.13
N GLU A 84 -6.65 -13.57 -7.62
CA GLU A 84 -7.92 -14.08 -7.12
C GLU A 84 -7.95 -13.99 -5.58
N LEU A 85 -6.80 -14.27 -4.98
CA LEU A 85 -6.68 -14.21 -3.54
C LEU A 85 -7.34 -12.94 -3.02
N LEU A 86 -7.11 -11.86 -3.75
CA LEU A 86 -7.67 -10.58 -3.38
C LEU A 86 -9.20 -10.65 -3.45
N ASN A 87 -9.68 -11.02 -4.63
CA ASN A 87 -11.11 -11.13 -4.85
C ASN A 87 -11.68 -12.23 -3.95
N SER A 88 -13.00 -12.25 -3.84
CA SER A 88 -13.68 -13.22 -3.02
C SER A 88 -15.09 -13.46 -3.53
N THR A 89 -15.86 -12.38 -3.55
CA THR A 89 -17.25 -12.45 -4.02
C THR A 89 -17.94 -13.69 -3.45
N ARG A 90 -17.62 -13.98 -2.20
CA ARG A 90 -18.21 -15.13 -1.53
C ARG A 90 -17.55 -16.43 -2.04
N GLU A 91 -16.61 -16.92 -1.26
CA GLU A 91 -15.91 -18.14 -1.62
C GLU A 91 -16.77 -19.36 -1.29
N ASP A 92 -16.80 -20.29 -2.23
CA ASP A 92 -17.58 -21.50 -2.06
C ASP A 92 -17.06 -22.58 -3.02
N LEU A 93 -16.70 -23.71 -2.44
CA LEU A 93 -16.18 -24.83 -3.23
C LEU A 93 -14.88 -24.40 -3.90
N SER A 94 -14.12 -25.40 -4.32
CA SER A 94 -12.85 -25.15 -4.99
C SER A 94 -13.08 -24.33 -6.26
N GLY A 95 -13.90 -24.89 -7.14
CA GLY A 95 -14.21 -24.23 -8.40
C GLY A 95 -15.23 -23.11 -8.20
N PRO A 96 -14.80 -21.87 -8.55
CA PRO A 96 -15.69 -20.72 -8.42
C PRO A 96 -16.75 -20.71 -9.51
N SER A 97 -17.60 -19.69 -9.45
CA SER A 97 -18.67 -19.56 -10.42
C SER A 97 -19.25 -18.14 -10.36
N SER A 98 -19.44 -17.57 -11.54
CA SER A 98 -19.98 -16.22 -11.65
C SER A 98 -20.49 -15.97 -13.06
N GLY A 99 -19.59 -16.10 -14.02
CA GLY A 99 -19.94 -15.89 -15.41
C GLY A 99 -20.11 -14.41 -15.72
N GLY A 1 -5.21 9.34 1.40
CA GLY A 1 -6.15 10.33 0.91
C GLY A 1 -5.95 10.56 -0.60
N SER A 2 -6.54 11.64 -1.08
CA SER A 2 -6.44 11.99 -2.49
C SER A 2 -6.32 13.51 -2.66
N SER A 3 -5.83 13.90 -3.82
CA SER A 3 -5.66 15.31 -4.12
C SER A 3 -4.59 15.91 -3.21
N GLY A 4 -3.38 15.99 -3.75
CA GLY A 4 -2.26 16.54 -3.01
C GLY A 4 -1.49 15.43 -2.28
N SER A 5 -0.42 15.84 -1.61
CA SER A 5 0.40 14.90 -0.87
C SER A 5 1.27 15.65 0.13
N SER A 6 0.97 15.44 1.40
CA SER A 6 1.71 16.10 2.47
C SER A 6 1.77 15.18 3.70
N GLY A 7 2.98 14.94 4.17
CA GLY A 7 3.17 14.10 5.34
C GLY A 7 3.72 12.73 4.93
N LEU A 8 4.86 12.38 5.52
CA LEU A 8 5.50 11.12 5.24
C LEU A 8 4.43 10.02 5.15
N ARG A 9 3.78 9.78 6.27
CA ARG A 9 2.75 8.77 6.34
C ARG A 9 1.85 8.83 5.10
N LYS A 10 1.32 10.03 4.86
CA LYS A 10 0.45 10.24 3.72
C LYS A 10 1.20 9.86 2.44
N GLN A 11 2.42 10.35 2.35
CA GLN A 11 3.25 10.06 1.19
C GLN A 11 3.36 8.56 0.96
N VAL A 12 3.72 7.86 2.03
CA VAL A 12 3.86 6.41 1.96
C VAL A 12 2.49 5.78 1.72
N GLU A 13 1.51 6.28 2.45
CA GLU A 13 0.16 5.76 2.32
C GLU A 13 -0.29 5.80 0.87
N GLU A 14 -0.19 6.98 0.26
CA GLU A 14 -0.58 7.15 -1.12
C GLU A 14 0.37 6.35 -2.04
N LEU A 15 1.61 6.24 -1.60
CA LEU A 15 2.60 5.50 -2.37
C LEU A 15 2.26 4.02 -2.34
N PHE A 16 2.15 3.47 -1.15
CA PHE A 16 1.83 2.07 -0.98
C PHE A 16 0.71 1.65 -1.95
N GLU A 17 -0.40 2.37 -1.86
CA GLU A 17 -1.54 2.08 -2.71
C GLU A 17 -1.14 2.16 -4.18
N ARG A 18 -0.54 3.28 -4.54
CA ARG A 18 -0.11 3.49 -5.91
C ARG A 18 0.46 2.19 -6.49
N LYS A 19 1.56 1.75 -5.89
CA LYS A 19 2.21 0.54 -6.34
C LYS A 19 1.16 -0.55 -6.55
N TYR A 20 0.44 -0.84 -5.48
CA TYR A 20 -0.60 -1.86 -5.53
C TYR A 20 -1.57 -1.60 -6.68
N ALA A 21 -2.17 -0.42 -6.65
CA ALA A 21 -3.12 -0.04 -7.68
C ALA A 21 -2.49 -0.24 -9.05
N GLN A 22 -1.21 0.13 -9.15
CA GLN A 22 -0.48 -0.03 -10.40
C GLN A 22 -0.39 -1.50 -10.78
N ALA A 23 -0.16 -2.33 -9.78
CA ALA A 23 -0.05 -3.76 -9.99
C ALA A 23 -1.36 -4.29 -10.57
N ILE A 24 -2.43 -3.57 -10.28
CA ILE A 24 -3.75 -3.97 -10.76
C ILE A 24 -4.24 -2.92 -11.77
N LYS A 25 -3.35 -2.01 -12.11
CA LYS A 25 -3.68 -0.96 -13.06
C LYS A 25 -4.97 -0.26 -12.62
N ALA A 26 -4.90 0.30 -11.41
CA ALA A 26 -6.05 1.00 -10.86
C ALA A 26 -5.77 2.51 -10.86
N LYS A 27 -6.67 3.24 -11.50
CA LYS A 27 -6.53 4.69 -11.59
C LYS A 27 -7.36 5.34 -10.48
N GLY A 28 -7.55 4.58 -9.41
CA GLY A 28 -8.32 5.07 -8.28
C GLY A 28 -7.69 4.63 -6.95
N PRO A 29 -8.22 5.21 -5.85
CA PRO A 29 -7.71 4.88 -4.53
C PRO A 29 -8.20 3.50 -4.07
N VAL A 30 -7.25 2.61 -3.86
CA VAL A 30 -7.57 1.26 -3.44
C VAL A 30 -7.04 1.04 -2.02
N THR A 31 -7.56 -0.01 -1.39
CA THR A 31 -7.16 -0.33 -0.03
C THR A 31 -6.19 -1.52 -0.04
N ILE A 32 -5.24 -1.47 0.88
CA ILE A 32 -4.25 -2.53 1.00
C ILE A 32 -4.63 -3.46 2.14
N PRO A 33 -4.95 -4.73 1.77
CA PRO A 33 -5.33 -5.73 2.76
C PRO A 33 -4.11 -6.21 3.55
N TYR A 34 -4.16 -5.95 4.84
CA TYR A 34 -3.06 -6.35 5.72
C TYR A 34 -3.14 -7.85 6.04
N PRO A 35 -4.40 -8.35 6.13
CA PRO A 35 -4.63 -9.76 6.42
C PRO A 35 -4.32 -10.63 5.20
N LEU A 36 -5.17 -10.49 4.19
CA LEU A 36 -5.00 -11.26 2.96
C LEU A 36 -3.50 -11.39 2.66
N PHE A 37 -2.80 -10.27 2.78
CA PHE A 37 -1.38 -10.26 2.51
C PHE A 37 -0.61 -11.02 3.60
N GLN A 38 -0.99 -10.77 4.84
CA GLN A 38 -0.34 -11.42 5.96
C GLN A 38 -0.57 -12.94 5.89
N SER A 39 -1.80 -13.31 5.57
CA SER A 39 -2.16 -14.71 5.48
C SER A 39 -1.45 -15.34 4.27
N HIS A 40 -1.27 -14.53 3.24
CA HIS A 40 -0.62 -14.99 2.03
C HIS A 40 0.57 -14.08 1.71
N VAL A 41 1.61 -14.22 2.52
CA VAL A 41 2.81 -13.41 2.34
C VAL A 41 3.69 -14.06 1.27
N GLU A 42 3.33 -15.28 0.91
CA GLU A 42 4.07 -16.02 -0.10
C GLU A 42 3.50 -15.73 -1.49
N ASP A 43 2.44 -14.95 -1.51
CA ASP A 43 1.80 -14.58 -2.76
C ASP A 43 1.75 -13.06 -2.88
N LEU A 44 1.18 -12.44 -1.86
CA LEU A 44 1.06 -10.99 -1.85
C LEU A 44 2.06 -10.42 -0.84
N TYR A 45 2.99 -9.62 -1.37
CA TYR A 45 4.01 -9.01 -0.53
C TYR A 45 4.60 -7.76 -1.21
N VAL A 46 5.05 -6.85 -0.37
CA VAL A 46 5.64 -5.61 -0.87
C VAL A 46 7.16 -5.78 -0.96
N GLU A 47 7.71 -5.28 -2.05
CA GLU A 47 9.15 -5.36 -2.28
C GLU A 47 9.73 -3.96 -2.55
N GLY A 48 11.04 -3.93 -2.73
CA GLY A 48 11.72 -2.68 -3.01
C GLY A 48 11.89 -1.86 -1.72
N LEU A 49 11.42 -2.43 -0.62
CA LEU A 49 11.51 -1.78 0.67
C LEU A 49 12.98 -1.71 1.10
N PRO A 50 13.27 -0.71 1.98
CA PRO A 50 14.63 -0.51 2.46
C PRO A 50 14.99 -1.59 3.50
N GLU A 51 16.12 -1.37 4.16
CA GLU A 51 16.59 -2.30 5.17
C GLU A 51 16.03 -1.92 6.53
N GLY A 52 15.62 -2.95 7.28
CA GLY A 52 15.07 -2.73 8.60
C GLY A 52 13.70 -2.05 8.52
N ILE A 53 13.00 -2.34 7.43
CA ILE A 53 11.68 -1.76 7.22
C ILE A 53 10.82 -2.73 6.42
N PRO A 54 10.00 -3.53 7.16
CA PRO A 54 9.13 -4.50 6.52
C PRO A 54 7.94 -3.82 5.86
N PHE A 55 6.92 -4.62 5.58
CA PHE A 55 5.72 -4.11 4.94
C PHE A 55 4.54 -4.08 5.93
N ARG A 56 4.45 -3.00 6.67
CA ARG A 56 3.40 -2.83 7.65
C ARG A 56 2.82 -1.43 7.58
N ARG A 57 1.66 -1.26 8.21
CA ARG A 57 0.99 0.03 8.23
C ARG A 57 2.03 1.16 8.35
N PRO A 58 1.93 2.13 7.40
CA PRO A 58 2.84 3.26 7.39
C PRO A 58 2.50 4.26 8.49
N SER A 59 1.47 3.91 9.26
CA SER A 59 1.02 4.76 10.35
C SER A 59 1.64 4.29 11.67
N THR A 60 2.56 3.34 11.54
CA THR A 60 3.23 2.80 12.72
C THR A 60 4.74 2.88 12.55
N TYR A 61 5.15 3.43 11.41
CA TYR A 61 6.57 3.57 11.12
C TYR A 61 7.11 4.90 11.65
N GLY A 62 8.42 4.92 11.88
CA GLY A 62 9.07 6.11 12.39
C GLY A 62 9.20 7.18 11.29
N ILE A 63 9.47 8.40 11.74
CA ILE A 63 9.61 9.50 10.81
C ILE A 63 10.72 9.18 9.80
N PRO A 64 11.84 8.64 10.34
CA PRO A 64 12.97 8.29 9.51
C PRO A 64 12.70 7.00 8.72
N ARG A 65 11.92 6.12 9.34
CA ARG A 65 11.57 4.86 8.70
C ARG A 65 10.73 5.11 7.45
N LEU A 66 9.82 6.07 7.57
CA LEU A 66 8.95 6.42 6.46
C LEU A 66 9.77 7.06 5.35
N GLU A 67 10.57 8.04 5.74
CA GLU A 67 11.42 8.74 4.78
C GLU A 67 12.10 7.75 3.85
N ARG A 68 12.90 6.87 4.45
CA ARG A 68 13.62 5.87 3.68
C ARG A 68 12.68 5.19 2.68
N ILE A 69 11.55 4.73 3.20
CA ILE A 69 10.57 4.06 2.35
C ILE A 69 10.26 4.94 1.13
N LEU A 70 10.19 6.24 1.39
CA LEU A 70 9.91 7.19 0.33
C LEU A 70 11.14 7.31 -0.58
N LEU A 71 12.30 7.09 0.01
CA LEU A 71 13.54 7.16 -0.74
C LEU A 71 13.76 5.85 -1.49
N ALA A 72 13.01 4.83 -1.08
CA ALA A 72 13.12 3.53 -1.70
C ALA A 72 11.94 3.32 -2.65
N LYS A 73 11.04 4.30 -2.64
CA LYS A 73 9.86 4.24 -3.49
C LYS A 73 10.28 3.83 -4.91
N GLU A 74 11.36 4.45 -5.37
CA GLU A 74 11.87 4.16 -6.70
C GLU A 74 12.11 2.65 -6.86
N ARG A 75 12.29 1.99 -5.73
CA ARG A 75 12.52 0.55 -5.73
C ARG A 75 11.26 -0.19 -5.28
N ILE A 76 10.57 0.41 -4.32
CA ILE A 76 9.35 -0.19 -3.78
C ILE A 76 8.56 -0.81 -4.94
N ARG A 77 7.90 -1.92 -4.63
CA ARG A 77 7.11 -2.63 -5.62
C ARG A 77 6.14 -3.59 -4.94
N PHE A 78 4.98 -3.74 -5.56
CA PHE A 78 3.95 -4.63 -5.01
C PHE A 78 3.74 -5.84 -5.93
N VAL A 79 4.21 -6.98 -5.48
CA VAL A 79 4.08 -8.21 -6.25
C VAL A 79 2.73 -8.87 -5.90
N ILE A 80 1.90 -8.99 -6.92
CA ILE A 80 0.60 -9.61 -6.74
C ILE A 80 0.60 -10.99 -7.38
N LYS A 81 1.18 -11.94 -6.67
CA LYS A 81 1.26 -13.32 -7.15
C LYS A 81 -0.16 -13.84 -7.41
N LYS A 82 -0.96 -13.87 -6.36
CA LYS A 82 -2.32 -14.34 -6.46
C LYS A 82 -3.26 -13.14 -6.58
N HIS A 83 -3.93 -13.06 -7.72
CA HIS A 83 -4.86 -11.97 -7.96
C HIS A 83 -6.24 -12.34 -7.42
N GLU A 84 -6.71 -13.52 -7.82
CA GLU A 84 -8.00 -14.00 -7.38
C GLU A 84 -8.13 -13.86 -5.86
N LEU A 85 -7.07 -14.24 -5.16
CA LEU A 85 -7.07 -14.15 -3.71
C LEU A 85 -7.63 -12.80 -3.28
N LEU A 86 -7.40 -11.80 -4.12
CA LEU A 86 -7.88 -10.46 -3.84
C LEU A 86 -9.29 -10.30 -4.40
N ASN A 87 -9.36 -10.23 -5.73
CA ASN A 87 -10.63 -10.06 -6.40
C ASN A 87 -11.22 -8.68 -6.08
N SER A 88 -11.21 -7.83 -7.09
CA SER A 88 -11.73 -6.48 -6.94
C SER A 88 -12.21 -5.94 -8.28
N THR A 89 -13.49 -5.64 -8.34
CA THR A 89 -14.09 -5.12 -9.56
C THR A 89 -15.12 -4.03 -9.22
N ARG A 90 -14.65 -3.01 -8.51
CA ARG A 90 -15.52 -1.91 -8.13
C ARG A 90 -15.11 -0.64 -8.87
N GLU A 91 -16.09 0.23 -9.06
CA GLU A 91 -15.86 1.49 -9.75
C GLU A 91 -16.96 2.50 -9.41
N ASP A 92 -16.79 3.14 -8.26
CA ASP A 92 -17.76 4.13 -7.83
C ASP A 92 -17.13 5.53 -7.89
N LEU A 93 -17.99 6.52 -8.03
CA LEU A 93 -17.53 7.90 -8.11
C LEU A 93 -18.60 8.83 -7.51
N SER A 94 -18.15 10.00 -7.10
CA SER A 94 -19.06 10.98 -6.51
C SER A 94 -18.61 12.39 -6.90
N GLY A 95 -17.33 12.66 -6.69
CA GLY A 95 -16.77 13.96 -7.00
C GLY A 95 -16.77 14.87 -5.77
N PRO A 96 -15.92 15.93 -5.83
CA PRO A 96 -15.83 16.88 -4.74
C PRO A 96 -17.04 17.82 -4.72
N SER A 97 -17.73 17.79 -3.59
CA SER A 97 -18.91 18.63 -3.42
C SER A 97 -19.19 18.86 -1.93
N SER A 98 -18.60 19.90 -1.39
CA SER A 98 -18.77 20.22 0.01
C SER A 98 -20.26 20.41 0.32
N GLY A 99 -20.58 20.30 1.60
CA GLY A 99 -21.96 20.44 2.04
C GLY A 99 -22.57 19.09 2.39
N GLY A 1 -14.17 14.74 -0.30
CA GLY A 1 -13.27 15.30 -1.30
C GLY A 1 -11.83 14.92 -1.00
N SER A 2 -11.17 15.75 -0.21
CA SER A 2 -9.78 15.51 0.15
C SER A 2 -8.91 15.56 -1.09
N SER A 3 -7.69 16.06 -0.90
CA SER A 3 -6.75 16.18 -2.00
C SER A 3 -5.42 16.76 -1.49
N GLY A 4 -4.37 16.50 -2.25
CA GLY A 4 -3.05 16.99 -1.89
C GLY A 4 -2.30 15.97 -1.04
N SER A 5 -1.01 16.21 -0.88
CA SER A 5 -0.16 15.32 -0.10
C SER A 5 0.81 16.14 0.75
N SER A 6 0.63 16.03 2.06
CA SER A 6 1.48 16.75 2.99
C SER A 6 1.66 15.95 4.28
N GLY A 7 2.72 15.13 4.29
CA GLY A 7 3.00 14.30 5.44
C GLY A 7 3.58 12.95 5.02
N LEU A 8 4.73 12.63 5.59
CA LEU A 8 5.40 11.38 5.28
C LEU A 8 4.36 10.26 5.17
N ARG A 9 3.74 9.97 6.30
CA ARG A 9 2.73 8.93 6.35
C ARG A 9 1.85 8.98 5.10
N LYS A 10 1.32 10.17 4.84
CA LYS A 10 0.46 10.38 3.68
C LYS A 10 1.21 9.98 2.42
N GLN A 11 2.46 10.43 2.35
CA GLN A 11 3.30 10.14 1.21
C GLN A 11 3.38 8.62 0.99
N VAL A 12 3.70 7.92 2.06
CA VAL A 12 3.82 6.47 2.00
C VAL A 12 2.43 5.86 1.77
N GLU A 13 1.48 6.31 2.58
CA GLU A 13 0.12 5.82 2.48
C GLU A 13 -0.35 5.86 1.03
N GLU A 14 -0.14 7.02 0.41
CA GLU A 14 -0.54 7.21 -0.98
C GLU A 14 0.37 6.39 -1.91
N LEU A 15 1.65 6.40 -1.58
CA LEU A 15 2.63 5.67 -2.37
C LEU A 15 2.27 4.18 -2.37
N PHE A 16 2.12 3.64 -1.17
CA PHE A 16 1.77 2.24 -1.02
C PHE A 16 0.66 1.84 -1.99
N GLU A 17 -0.47 2.51 -1.87
CA GLU A 17 -1.61 2.24 -2.72
C GLU A 17 -1.20 2.31 -4.19
N ARG A 18 -0.52 3.39 -4.53
CA ARG A 18 -0.07 3.60 -5.90
C ARG A 18 0.50 2.30 -6.46
N LYS A 19 1.60 1.86 -5.85
CA LYS A 19 2.26 0.64 -6.27
C LYS A 19 1.19 -0.44 -6.54
N TYR A 20 0.49 -0.80 -5.48
CA TYR A 20 -0.55 -1.81 -5.59
C TYR A 20 -1.50 -1.50 -6.75
N ALA A 21 -1.87 -0.23 -6.85
CA ALA A 21 -2.77 0.21 -7.91
C ALA A 21 -2.10 -0.03 -9.27
N GLN A 22 -0.79 0.22 -9.31
CA GLN A 22 -0.03 0.04 -10.53
C GLN A 22 -0.06 -1.43 -10.96
N ALA A 23 0.18 -2.30 -9.99
CA ALA A 23 0.20 -3.73 -10.25
C ALA A 23 -1.15 -4.14 -10.86
N ILE A 24 -2.15 -3.29 -10.65
CA ILE A 24 -3.47 -3.55 -11.16
C ILE A 24 -3.90 -2.40 -12.08
N LYS A 25 -2.92 -1.63 -12.50
CA LYS A 25 -3.17 -0.49 -13.37
C LYS A 25 -4.46 0.19 -12.93
N ALA A 26 -4.45 0.69 -11.70
CA ALA A 26 -5.60 1.37 -11.14
C ALA A 26 -5.30 2.85 -11.04
N LYS A 27 -6.19 3.65 -11.62
CA LYS A 27 -6.03 5.10 -11.60
C LYS A 27 -6.85 5.68 -10.44
N GLY A 28 -7.31 4.79 -9.58
CA GLY A 28 -8.10 5.19 -8.43
C GLY A 28 -7.47 4.68 -7.12
N PRO A 29 -8.01 5.19 -5.98
CA PRO A 29 -7.51 4.80 -4.68
C PRO A 29 -7.99 3.38 -4.31
N VAL A 30 -7.03 2.49 -4.16
CA VAL A 30 -7.34 1.11 -3.82
C VAL A 30 -6.90 0.85 -2.36
N THR A 31 -7.41 -0.26 -1.83
CA THR A 31 -7.08 -0.63 -0.46
C THR A 31 -6.05 -1.77 -0.46
N ILE A 32 -5.19 -1.73 0.55
CA ILE A 32 -4.15 -2.74 0.69
C ILE A 32 -4.56 -3.75 1.77
N PRO A 33 -4.71 -5.03 1.35
CA PRO A 33 -5.09 -6.08 2.27
C PRO A 33 -3.92 -6.47 3.17
N TYR A 34 -4.03 -6.09 4.43
CA TYR A 34 -2.99 -6.38 5.41
C TYR A 34 -3.12 -7.83 5.90
N PRO A 35 -4.39 -8.28 6.05
CA PRO A 35 -4.65 -9.63 6.52
C PRO A 35 -4.39 -10.66 5.42
N LEU A 36 -5.24 -10.63 4.41
CA LEU A 36 -5.11 -11.55 3.29
C LEU A 36 -3.63 -11.78 3.00
N PHE A 37 -2.91 -10.68 2.84
CA PHE A 37 -1.48 -10.74 2.56
C PHE A 37 -0.76 -11.64 3.58
N GLN A 38 -1.02 -11.36 4.84
CA GLN A 38 -0.40 -12.12 5.91
C GLN A 38 -0.60 -13.62 5.67
N SER A 39 -1.79 -13.97 5.22
CA SER A 39 -2.11 -15.35 4.94
C SER A 39 -1.39 -15.82 3.68
N HIS A 40 -1.16 -14.86 2.79
CA HIS A 40 -0.49 -15.16 1.53
C HIS A 40 0.71 -14.21 1.36
N VAL A 41 1.73 -14.45 2.16
CA VAL A 41 2.93 -13.64 2.11
C VAL A 41 3.87 -14.18 1.02
N GLU A 42 3.55 -15.39 0.57
CA GLU A 42 4.36 -16.02 -0.46
C GLU A 42 3.92 -15.54 -1.85
N ASP A 43 2.69 -15.06 -1.91
CA ASP A 43 2.14 -14.57 -3.17
C ASP A 43 1.92 -13.06 -3.06
N LEU A 44 1.17 -12.67 -2.03
CA LEU A 44 0.88 -11.27 -1.80
C LEU A 44 1.91 -10.69 -0.82
N TYR A 45 2.73 -9.79 -1.34
CA TYR A 45 3.76 -9.16 -0.53
C TYR A 45 4.36 -7.96 -1.25
N VAL A 46 4.94 -7.06 -0.47
CA VAL A 46 5.56 -5.86 -1.02
C VAL A 46 7.08 -6.05 -1.06
N GLU A 47 7.70 -5.36 -2.00
CA GLU A 47 9.14 -5.44 -2.17
C GLU A 47 9.72 -4.05 -2.43
N GLY A 48 11.03 -4.02 -2.62
CA GLY A 48 11.72 -2.77 -2.88
C GLY A 48 11.86 -1.94 -1.61
N LEU A 49 11.38 -2.50 -0.51
CA LEU A 49 11.44 -1.82 0.77
C LEU A 49 12.89 -1.77 1.24
N PRO A 50 13.17 -0.75 2.10
CA PRO A 50 14.51 -0.58 2.63
C PRO A 50 14.82 -1.63 3.71
N GLU A 51 15.98 -1.46 4.33
CA GLU A 51 16.39 -2.38 5.37
C GLU A 51 15.81 -1.96 6.72
N GLY A 52 15.36 -2.94 7.48
CA GLY A 52 14.77 -2.69 8.78
C GLY A 52 13.42 -2.01 8.65
N ILE A 53 12.75 -2.28 7.54
CA ILE A 53 11.45 -1.70 7.28
C ILE A 53 10.61 -2.67 6.43
N PRO A 54 9.78 -3.47 7.14
CA PRO A 54 8.94 -4.45 6.46
C PRO A 54 7.75 -3.77 5.78
N PHE A 55 6.75 -4.56 5.45
CA PHE A 55 5.56 -4.05 4.80
C PHE A 55 4.37 -4.03 5.77
N ARG A 56 4.35 -3.01 6.61
CA ARG A 56 3.28 -2.87 7.58
C ARG A 56 2.72 -1.45 7.54
N ARG A 57 1.55 -1.29 8.16
CA ARG A 57 0.90 0.00 8.20
C ARG A 57 1.93 1.12 8.36
N PRO A 58 1.87 2.10 7.41
CA PRO A 58 2.79 3.23 7.42
C PRO A 58 2.42 4.22 8.53
N SER A 59 1.39 3.86 9.28
CA SER A 59 0.93 4.71 10.37
C SER A 59 1.57 4.26 11.69
N THR A 60 2.51 3.34 11.57
CA THR A 60 3.20 2.83 12.73
C THR A 60 4.71 2.93 12.55
N TYR A 61 5.11 3.50 11.41
CA TYR A 61 6.51 3.66 11.10
C TYR A 61 7.03 5.01 11.61
N GLY A 62 8.34 5.05 11.87
CA GLY A 62 8.97 6.26 12.36
C GLY A 62 9.08 7.30 11.24
N ILE A 63 9.33 8.54 11.65
CA ILE A 63 9.46 9.63 10.70
C ILE A 63 10.58 9.30 9.71
N PRO A 64 11.71 8.77 10.26
CA PRO A 64 12.85 8.41 9.44
C PRO A 64 12.58 7.11 8.67
N ARG A 65 11.81 6.24 9.29
CA ARG A 65 11.48 4.96 8.69
C ARG A 65 10.65 5.18 7.43
N LEU A 66 9.75 6.15 7.50
CA LEU A 66 8.89 6.47 6.38
C LEU A 66 9.73 7.08 5.26
N GLU A 67 10.54 8.06 5.63
CA GLU A 67 11.40 8.73 4.67
C GLU A 67 12.07 7.71 3.75
N ARG A 68 12.87 6.85 4.36
CA ARG A 68 13.58 5.82 3.62
C ARG A 68 12.63 5.14 2.62
N ILE A 69 11.50 4.68 3.14
CA ILE A 69 10.51 4.01 2.31
C ILE A 69 10.22 4.88 1.09
N LEU A 70 10.16 6.18 1.33
CA LEU A 70 9.89 7.13 0.24
C LEU A 70 11.12 7.21 -0.67
N LEU A 71 12.28 7.05 -0.07
CA LEU A 71 13.52 7.11 -0.82
C LEU A 71 13.75 5.77 -1.53
N ALA A 72 13.00 4.77 -1.08
CA ALA A 72 13.10 3.44 -1.66
C ALA A 72 11.93 3.22 -2.64
N LYS A 73 11.04 4.19 -2.66
CA LYS A 73 9.87 4.11 -3.53
C LYS A 73 10.32 3.66 -4.93
N GLU A 74 11.34 4.33 -5.44
CA GLU A 74 11.85 4.01 -6.76
C GLU A 74 12.13 2.50 -6.86
N ARG A 75 12.29 1.88 -5.71
CA ARG A 75 12.55 0.45 -5.66
C ARG A 75 11.28 -0.30 -5.22
N ILE A 76 10.57 0.30 -4.28
CA ILE A 76 9.35 -0.30 -3.76
C ILE A 76 8.58 -0.93 -4.92
N ARG A 77 7.92 -2.04 -4.61
CA ARG A 77 7.13 -2.74 -5.62
C ARG A 77 6.13 -3.68 -4.93
N PHE A 78 4.97 -3.81 -5.57
CA PHE A 78 3.92 -4.65 -5.04
C PHE A 78 3.71 -5.89 -5.92
N VAL A 79 4.14 -7.03 -5.39
CA VAL A 79 4.02 -8.28 -6.12
C VAL A 79 2.65 -8.90 -5.83
N ILE A 80 1.77 -8.81 -6.81
CA ILE A 80 0.44 -9.37 -6.67
C ILE A 80 0.38 -10.75 -7.33
N LYS A 81 1.19 -11.65 -6.81
CA LYS A 81 1.25 -13.00 -7.34
C LYS A 81 -0.18 -13.51 -7.57
N LYS A 82 -0.97 -13.49 -6.51
CA LYS A 82 -2.34 -13.94 -6.58
C LYS A 82 -3.27 -12.73 -6.56
N HIS A 83 -4.09 -12.63 -7.60
CA HIS A 83 -5.03 -11.53 -7.72
C HIS A 83 -6.34 -11.89 -7.02
N GLU A 84 -6.93 -12.99 -7.49
CA GLU A 84 -8.18 -13.46 -6.91
C GLU A 84 -8.14 -13.38 -5.38
N LEU A 85 -7.00 -13.76 -4.84
CA LEU A 85 -6.80 -13.73 -3.40
C LEU A 85 -7.34 -12.41 -2.84
N LEU A 86 -7.05 -11.34 -3.57
CA LEU A 86 -7.50 -10.02 -3.16
C LEU A 86 -9.02 -10.03 -2.99
N ASN A 87 -9.69 -10.42 -4.06
CA ASN A 87 -11.14 -10.47 -4.05
C ASN A 87 -11.59 -11.73 -3.31
N SER A 88 -11.99 -11.52 -2.06
CA SER A 88 -12.45 -12.62 -1.23
C SER A 88 -12.99 -12.08 0.10
N THR A 89 -14.31 -12.01 0.18
CA THR A 89 -14.96 -11.53 1.38
C THR A 89 -16.48 -11.53 1.21
N ARG A 90 -16.91 -11.21 0.00
CA ARG A 90 -18.32 -11.17 -0.32
C ARG A 90 -19.04 -10.18 0.60
N GLU A 91 -19.27 -8.98 0.06
CA GLU A 91 -19.93 -7.94 0.81
C GLU A 91 -21.37 -7.77 0.31
N ASP A 92 -22.31 -8.09 1.18
CA ASP A 92 -23.71 -7.97 0.84
C ASP A 92 -24.57 -8.32 2.06
N LEU A 93 -24.93 -7.29 2.82
CA LEU A 93 -25.73 -7.48 4.00
C LEU A 93 -26.24 -6.12 4.49
N SER A 94 -27.54 -6.07 4.74
CA SER A 94 -28.16 -4.84 5.22
C SER A 94 -27.91 -4.67 6.71
N GLY A 95 -27.52 -3.45 7.07
CA GLY A 95 -27.24 -3.15 8.47
C GLY A 95 -26.31 -1.94 8.59
N PRO A 96 -26.74 -0.96 9.42
CA PRO A 96 -25.96 0.25 9.63
C PRO A 96 -24.75 -0.03 10.53
N SER A 97 -23.92 0.98 10.69
CA SER A 97 -22.74 0.86 11.53
C SER A 97 -22.41 2.21 12.18
N SER A 98 -21.87 2.13 13.38
CA SER A 98 -21.51 3.33 14.12
C SER A 98 -20.59 2.97 15.29
N GLY A 99 -19.98 4.01 15.86
CA GLY A 99 -19.08 3.81 16.99
C GLY A 99 -17.62 3.85 16.53
N GLY A 1 -12.52 9.51 -3.43
CA GLY A 1 -11.60 10.62 -3.65
C GLY A 1 -10.34 10.48 -2.79
N SER A 2 -10.07 11.51 -2.01
CA SER A 2 -8.90 11.51 -1.14
C SER A 2 -7.64 11.30 -1.97
N SER A 3 -7.03 12.42 -2.36
CA SER A 3 -5.81 12.36 -3.16
C SER A 3 -4.91 13.54 -2.79
N GLY A 4 -3.61 13.27 -2.83
CA GLY A 4 -2.62 14.29 -2.51
C GLY A 4 -1.59 13.77 -1.51
N SER A 5 -0.86 14.70 -0.91
CA SER A 5 0.16 14.34 0.06
C SER A 5 0.55 15.57 0.88
N SER A 6 1.19 15.31 2.01
CA SER A 6 1.63 16.38 2.89
C SER A 6 2.73 15.88 3.83
N GLY A 7 2.40 14.81 4.54
CA GLY A 7 3.34 14.22 5.47
C GLY A 7 3.85 12.87 4.96
N LEU A 8 4.97 12.44 5.53
CA LEU A 8 5.56 11.18 5.14
C LEU A 8 4.47 10.11 5.06
N ARG A 9 3.87 9.83 6.21
CA ARG A 9 2.82 8.84 6.29
C ARG A 9 1.94 8.90 5.03
N LYS A 10 1.39 10.09 4.81
CA LYS A 10 0.53 10.30 3.65
C LYS A 10 1.27 9.90 2.38
N GLN A 11 2.49 10.41 2.26
CA GLN A 11 3.31 10.11 1.11
C GLN A 11 3.42 8.60 0.89
N VAL A 12 3.70 7.90 1.98
CA VAL A 12 3.83 6.44 1.92
C VAL A 12 2.44 5.84 1.68
N GLU A 13 1.47 6.33 2.43
CA GLU A 13 0.11 5.84 2.30
C GLU A 13 -0.33 5.85 0.84
N GLU A 14 -0.17 7.01 0.22
CA GLU A 14 -0.54 7.18 -1.18
C GLU A 14 0.37 6.33 -2.07
N LEU A 15 1.63 6.23 -1.65
CA LEU A 15 2.61 5.47 -2.40
C LEU A 15 2.22 3.98 -2.37
N PHE A 16 2.10 3.46 -1.15
CA PHE A 16 1.74 2.07 -0.97
C PHE A 16 0.62 1.67 -1.92
N GLU A 17 -0.48 2.40 -1.84
CA GLU A 17 -1.63 2.13 -2.68
C GLU A 17 -1.25 2.25 -4.16
N ARG A 18 -0.59 3.35 -4.48
CA ARG A 18 -0.16 3.60 -5.85
C ARG A 18 0.44 2.33 -6.45
N LYS A 19 1.52 1.86 -5.82
CA LYS A 19 2.20 0.66 -6.28
C LYS A 19 1.16 -0.44 -6.51
N TYR A 20 0.45 -0.77 -5.45
CA TYR A 20 -0.57 -1.81 -5.53
C TYR A 20 -1.53 -1.54 -6.69
N ALA A 21 -2.09 -0.35 -6.69
CA ALA A 21 -3.03 0.05 -7.73
C ALA A 21 -2.39 -0.16 -9.09
N GLN A 22 -1.11 0.17 -9.16
CA GLN A 22 -0.37 0.02 -10.40
C GLN A 22 -0.24 -1.45 -10.78
N ALA A 23 -0.04 -2.28 -9.76
CA ALA A 23 0.09 -3.70 -9.97
C ALA A 23 -1.22 -4.26 -10.52
N ILE A 24 -2.26 -3.44 -10.45
CA ILE A 24 -3.57 -3.84 -10.94
C ILE A 24 -4.07 -2.79 -11.93
N LYS A 25 -3.21 -1.81 -12.20
CA LYS A 25 -3.56 -0.75 -13.13
C LYS A 25 -4.85 -0.06 -12.66
N ALA A 26 -4.80 0.46 -11.45
CA ALA A 26 -5.95 1.14 -10.88
C ALA A 26 -5.68 2.64 -10.84
N LYS A 27 -6.54 3.39 -11.51
CA LYS A 27 -6.41 4.84 -11.55
C LYS A 27 -7.26 5.46 -10.44
N GLY A 28 -7.43 4.69 -9.36
CA GLY A 28 -8.21 5.14 -8.23
C GLY A 28 -7.59 4.66 -6.91
N PRO A 29 -8.13 5.22 -5.80
CA PRO A 29 -7.65 4.86 -4.47
C PRO A 29 -8.14 3.47 -4.06
N VAL A 30 -7.20 2.57 -3.87
CA VAL A 30 -7.52 1.21 -3.48
C VAL A 30 -7.03 0.96 -2.05
N THR A 31 -7.58 -0.09 -1.45
CA THR A 31 -7.21 -0.45 -0.09
C THR A 31 -6.27 -1.66 -0.09
N ILE A 32 -5.33 -1.62 0.84
CA ILE A 32 -4.36 -2.70 0.96
C ILE A 32 -4.79 -3.65 2.07
N PRO A 33 -5.05 -4.93 1.67
CA PRO A 33 -5.46 -5.94 2.63
C PRO A 33 -4.29 -6.42 3.48
N TYR A 34 -4.39 -6.14 4.77
CA TYR A 34 -3.35 -6.53 5.71
C TYR A 34 -3.43 -8.02 6.03
N PRO A 35 -4.69 -8.54 6.06
CA PRO A 35 -4.92 -9.94 6.36
C PRO A 35 -4.55 -10.82 5.16
N LEU A 36 -5.35 -10.70 4.10
CA LEU A 36 -5.11 -11.48 2.89
C LEU A 36 -3.60 -11.59 2.66
N PHE A 37 -2.92 -10.47 2.80
CA PHE A 37 -1.49 -10.44 2.60
C PHE A 37 -0.76 -11.16 3.73
N GLN A 38 -1.21 -10.90 4.95
CA GLN A 38 -0.61 -11.52 6.12
C GLN A 38 -0.68 -13.05 6.00
N SER A 39 -1.87 -13.54 5.69
CA SER A 39 -2.09 -14.96 5.55
C SER A 39 -1.43 -15.47 4.26
N HIS A 40 -1.21 -14.54 3.35
CA HIS A 40 -0.59 -14.87 2.07
C HIS A 40 0.61 -13.95 1.84
N VAL A 41 1.66 -14.19 2.59
CA VAL A 41 2.87 -13.38 2.48
C VAL A 41 3.82 -14.05 1.49
N GLU A 42 3.43 -15.25 1.05
CA GLU A 42 4.24 -16.00 0.10
C GLU A 42 3.91 -15.55 -1.33
N ASP A 43 2.67 -15.12 -1.51
CA ASP A 43 2.22 -14.67 -2.82
C ASP A 43 2.07 -13.15 -2.81
N LEU A 44 1.37 -12.65 -1.80
CA LEU A 44 1.16 -11.22 -1.66
C LEU A 44 2.22 -10.64 -0.73
N TYR A 45 3.03 -9.75 -1.29
CA TYR A 45 4.09 -9.11 -0.51
C TYR A 45 4.64 -7.90 -1.25
N VAL A 46 5.11 -6.94 -0.46
CA VAL A 46 5.66 -5.72 -1.03
C VAL A 46 7.18 -5.87 -1.16
N GLU A 47 7.73 -5.18 -2.14
CA GLU A 47 9.17 -5.22 -2.38
C GLU A 47 9.71 -3.81 -2.62
N GLY A 48 11.02 -3.75 -2.84
CA GLY A 48 11.68 -2.47 -3.08
C GLY A 48 11.83 -1.69 -1.78
N LEU A 49 11.39 -2.30 -0.68
CA LEU A 49 11.48 -1.67 0.62
C LEU A 49 12.94 -1.62 1.07
N PRO A 50 13.24 -0.62 1.94
CA PRO A 50 14.59 -0.46 2.44
C PRO A 50 14.91 -1.52 3.50
N GLU A 51 16.11 -1.41 4.06
CA GLU A 51 16.55 -2.35 5.07
C GLU A 51 16.00 -1.95 6.44
N GLY A 52 15.57 -2.97 7.19
CA GLY A 52 15.02 -2.73 8.51
C GLY A 52 13.66 -2.05 8.42
N ILE A 53 12.97 -2.33 7.33
CA ILE A 53 11.65 -1.74 7.12
C ILE A 53 10.81 -2.69 6.27
N PRO A 54 10.00 -3.52 6.98
CA PRO A 54 9.14 -4.49 6.31
C PRO A 54 7.93 -3.80 5.67
N PHE A 55 6.93 -4.61 5.36
CA PHE A 55 5.72 -4.08 4.75
C PHE A 55 4.55 -4.10 5.74
N ARG A 56 4.46 -3.00 6.50
CA ARG A 56 3.41 -2.88 7.49
C ARG A 56 2.84 -1.45 7.48
N ARG A 57 1.69 -1.30 8.12
CA ARG A 57 1.04 -0.01 8.19
C ARG A 57 2.08 1.11 8.31
N PRO A 58 1.96 2.09 7.38
CA PRO A 58 2.89 3.22 7.37
C PRO A 58 2.57 4.20 8.50
N SER A 59 1.55 3.85 9.28
CA SER A 59 1.14 4.68 10.39
C SER A 59 1.75 4.15 11.69
N THR A 60 2.65 3.19 11.54
CA THR A 60 3.32 2.61 12.69
C THR A 60 4.84 2.68 12.52
N TYR A 61 5.24 3.33 11.44
CA TYR A 61 6.67 3.48 11.15
C TYR A 61 7.20 4.80 11.71
N GLY A 62 8.51 4.84 11.88
CA GLY A 62 9.16 6.04 12.41
C GLY A 62 9.27 7.12 11.34
N ILE A 63 9.52 8.34 11.79
CA ILE A 63 9.66 9.46 10.88
C ILE A 63 10.77 9.16 9.87
N PRO A 64 11.90 8.62 10.40
CA PRO A 64 13.04 8.28 9.55
C PRO A 64 12.77 7.02 8.74
N ARG A 65 12.01 6.11 9.35
CA ARG A 65 11.67 4.86 8.70
C ARG A 65 10.83 5.12 7.45
N LEU A 66 9.91 6.07 7.59
CA LEU A 66 9.03 6.42 6.49
C LEU A 66 9.86 7.05 5.36
N GLU A 67 10.62 8.07 5.74
CA GLU A 67 11.46 8.76 4.78
C GLU A 67 12.10 7.77 3.81
N ARG A 68 12.88 6.85 4.39
CA ARG A 68 13.56 5.83 3.59
C ARG A 68 12.57 5.19 2.61
N ILE A 69 11.46 4.72 3.16
CA ILE A 69 10.44 4.09 2.34
C ILE A 69 10.14 4.97 1.13
N LEU A 70 10.21 6.27 1.35
CA LEU A 70 9.93 7.23 0.29
C LEU A 70 11.17 7.34 -0.61
N LEU A 71 12.32 7.13 0.00
CA LEU A 71 13.58 7.20 -0.73
C LEU A 71 13.78 5.91 -1.53
N ALA A 72 13.06 4.88 -1.11
CA ALA A 72 13.15 3.59 -1.76
C ALA A 72 11.97 3.42 -2.73
N LYS A 73 11.12 4.46 -2.75
CA LYS A 73 9.95 4.44 -3.61
C LYS A 73 10.37 4.04 -5.04
N GLU A 74 11.53 4.57 -5.43
CA GLU A 74 12.05 4.28 -6.76
C GLU A 74 12.28 2.78 -6.93
N ARG A 75 12.25 2.07 -5.81
CA ARG A 75 12.45 0.64 -5.81
C ARG A 75 11.18 -0.07 -5.35
N ILE A 76 10.51 0.55 -4.39
CA ILE A 76 9.28 -0.02 -3.85
C ILE A 76 8.47 -0.63 -4.98
N ARG A 77 7.82 -1.75 -4.66
CA ARG A 77 7.01 -2.45 -5.64
C ARG A 77 6.06 -3.43 -4.94
N PHE A 78 4.87 -3.56 -5.51
CA PHE A 78 3.86 -4.44 -4.95
C PHE A 78 3.64 -5.66 -5.86
N VAL A 79 4.15 -6.79 -5.41
CA VAL A 79 4.01 -8.01 -6.18
C VAL A 79 2.66 -8.65 -5.88
N ILE A 80 2.03 -9.18 -6.93
CA ILE A 80 0.74 -9.82 -6.78
C ILE A 80 0.79 -11.22 -7.40
N LYS A 81 1.44 -12.13 -6.70
CA LYS A 81 1.57 -13.49 -7.17
C LYS A 81 0.18 -14.08 -7.38
N LYS A 82 -0.64 -13.96 -6.35
CA LYS A 82 -2.00 -14.48 -6.41
C LYS A 82 -2.99 -13.31 -6.52
N HIS A 83 -3.72 -13.29 -7.62
CA HIS A 83 -4.69 -12.24 -7.85
C HIS A 83 -6.03 -12.65 -7.25
N GLU A 84 -6.49 -13.83 -7.65
CA GLU A 84 -7.76 -14.34 -7.16
C GLU A 84 -7.92 -14.05 -5.67
N LEU A 85 -6.82 -14.23 -4.94
CA LEU A 85 -6.82 -13.99 -3.51
C LEU A 85 -7.55 -12.67 -3.22
N LEU A 86 -7.26 -11.68 -4.05
CA LEU A 86 -7.87 -10.37 -3.89
C LEU A 86 -9.38 -10.50 -4.09
N ASN A 87 -9.77 -10.77 -5.33
CA ASN A 87 -11.18 -10.92 -5.66
C ASN A 87 -11.85 -9.55 -5.60
N SER A 88 -11.82 -8.96 -4.42
CA SER A 88 -12.43 -7.65 -4.23
C SER A 88 -11.42 -6.55 -4.55
N THR A 89 -11.95 -5.37 -4.84
CA THR A 89 -11.12 -4.23 -5.16
C THR A 89 -11.88 -2.92 -4.97
N ARG A 90 -12.29 -2.69 -3.72
CA ARG A 90 -13.03 -1.49 -3.39
C ARG A 90 -12.44 -0.28 -4.12
N GLU A 91 -13.32 0.46 -4.77
CA GLU A 91 -12.90 1.64 -5.51
C GLU A 91 -13.60 2.88 -4.96
N ASP A 92 -13.29 3.22 -3.72
CA ASP A 92 -13.88 4.37 -3.07
C ASP A 92 -13.22 4.59 -1.72
N LEU A 93 -12.71 5.81 -1.53
CA LEU A 93 -12.05 6.16 -0.29
C LEU A 93 -12.94 7.10 0.51
N SER A 94 -13.53 6.56 1.57
CA SER A 94 -14.40 7.33 2.42
C SER A 94 -15.33 8.20 1.57
N GLY A 95 -16.40 7.57 1.09
CA GLY A 95 -17.37 8.27 0.26
C GLY A 95 -18.75 7.64 0.38
N PRO A 96 -19.74 8.49 0.79
CA PRO A 96 -21.11 8.03 0.95
C PRO A 96 -21.79 7.83 -0.41
N SER A 97 -21.60 8.82 -1.27
CA SER A 97 -22.19 8.77 -2.60
C SER A 97 -23.72 8.71 -2.49
N SER A 98 -24.37 9.54 -3.31
CA SER A 98 -25.81 9.58 -3.32
C SER A 98 -26.38 8.28 -3.90
N GLY A 99 -25.98 7.99 -5.13
CA GLY A 99 -26.44 6.79 -5.80
C GLY A 99 -27.03 7.12 -7.17
N GLY A 1 -8.14 9.62 -3.20
CA GLY A 1 -7.05 10.57 -3.35
C GLY A 1 -7.49 11.76 -4.21
N SER A 2 -6.68 12.81 -4.15
CA SER A 2 -6.97 14.01 -4.92
C SER A 2 -5.69 14.85 -5.09
N SER A 3 -5.10 15.21 -3.96
CA SER A 3 -3.88 15.99 -3.97
C SER A 3 -3.38 16.21 -2.54
N GLY A 4 -2.07 16.06 -2.37
CA GLY A 4 -1.47 16.23 -1.06
C GLY A 4 -0.52 17.44 -1.06
N SER A 5 0.47 17.36 -0.17
CA SER A 5 1.43 18.45 -0.05
C SER A 5 2.61 17.99 0.81
N SER A 6 2.30 17.64 2.05
CA SER A 6 3.32 17.18 2.98
C SER A 6 2.74 16.14 3.92
N GLY A 7 3.62 15.28 4.43
CA GLY A 7 3.20 14.24 5.34
C GLY A 7 3.75 12.87 4.91
N LEU A 8 4.93 12.55 5.43
CA LEU A 8 5.57 11.29 5.11
C LEU A 8 4.51 10.18 5.05
N ARG A 9 3.87 9.96 6.18
CA ARG A 9 2.84 8.95 6.28
C ARG A 9 1.92 9.00 5.06
N LYS A 10 1.38 10.19 4.83
CA LYS A 10 0.48 10.40 3.69
C LYS A 10 1.20 10.00 2.41
N GLN A 11 2.44 10.45 2.29
CA GLN A 11 3.24 10.15 1.12
C GLN A 11 3.32 8.63 0.89
N VAL A 12 3.71 7.94 1.95
CA VAL A 12 3.82 6.49 1.90
C VAL A 12 2.43 5.88 1.71
N GLU A 13 1.49 6.39 2.47
CA GLU A 13 0.11 5.90 2.40
C GLU A 13 -0.36 5.87 0.95
N GLU A 14 -0.20 7.00 0.29
CA GLU A 14 -0.60 7.12 -1.10
C GLU A 14 0.29 6.26 -2.00
N LEU A 15 1.58 6.28 -1.68
CA LEU A 15 2.56 5.52 -2.44
C LEU A 15 2.19 4.03 -2.36
N PHE A 16 2.09 3.53 -1.15
CA PHE A 16 1.76 2.14 -0.92
C PHE A 16 0.63 1.69 -1.87
N GLU A 17 -0.49 2.41 -1.78
CA GLU A 17 -1.64 2.09 -2.61
C GLU A 17 -1.26 2.18 -4.08
N ARG A 18 -0.65 3.31 -4.45
CA ARG A 18 -0.24 3.52 -5.83
C ARG A 18 0.37 2.25 -6.40
N LYS A 19 1.46 1.81 -5.79
CA LYS A 19 2.15 0.61 -6.23
C LYS A 19 1.12 -0.51 -6.42
N TYR A 20 0.36 -0.76 -5.37
CA TYR A 20 -0.65 -1.81 -5.40
C TYR A 20 -1.63 -1.58 -6.56
N ALA A 21 -2.16 -0.36 -6.62
CA ALA A 21 -3.09 -0.01 -7.67
C ALA A 21 -2.43 -0.22 -9.04
N GLN A 22 -1.17 0.19 -9.12
CA GLN A 22 -0.43 0.04 -10.36
C GLN A 22 -0.32 -1.43 -10.74
N ALA A 23 -0.10 -2.26 -9.74
CA ALA A 23 0.03 -3.69 -9.95
C ALA A 23 -1.26 -4.22 -10.57
N ILE A 24 -2.37 -3.67 -10.11
CA ILE A 24 -3.68 -4.08 -10.60
C ILE A 24 -4.17 -3.07 -11.64
N LYS A 25 -3.28 -2.16 -12.00
CA LYS A 25 -3.60 -1.13 -12.97
C LYS A 25 -4.90 -0.44 -12.57
N ALA A 26 -4.88 0.16 -11.39
CA ALA A 26 -6.06 0.85 -10.88
C ALA A 26 -5.78 2.35 -10.84
N LYS A 27 -6.67 3.10 -11.48
CA LYS A 27 -6.54 4.54 -11.53
C LYS A 27 -7.36 5.17 -10.40
N GLY A 28 -7.53 4.41 -9.33
CA GLY A 28 -8.28 4.87 -8.19
C GLY A 28 -7.64 4.41 -6.87
N PRO A 29 -8.16 4.97 -5.75
CA PRO A 29 -7.65 4.62 -4.44
C PRO A 29 -8.12 3.24 -4.01
N VAL A 30 -7.16 2.34 -3.83
CA VAL A 30 -7.47 0.99 -3.41
C VAL A 30 -6.98 0.77 -1.98
N THR A 31 -7.50 -0.29 -1.37
CA THR A 31 -7.13 -0.62 -0.01
C THR A 31 -6.14 -1.78 0.02
N ILE A 32 -5.21 -1.71 0.96
CA ILE A 32 -4.20 -2.74 1.11
C ILE A 32 -4.64 -3.73 2.18
N PRO A 33 -4.88 -5.00 1.74
CA PRO A 33 -5.30 -6.04 2.65
C PRO A 33 -4.12 -6.53 3.51
N TYR A 34 -4.23 -6.25 4.80
CA TYR A 34 -3.19 -6.64 5.74
C TYR A 34 -3.29 -8.14 6.07
N PRO A 35 -4.56 -8.62 6.10
CA PRO A 35 -4.80 -10.03 6.41
C PRO A 35 -4.45 -10.91 5.22
N LEU A 36 -5.26 -10.82 4.17
CA LEU A 36 -5.03 -11.60 2.97
C LEU A 36 -3.52 -11.74 2.73
N PHE A 37 -2.84 -10.60 2.77
CA PHE A 37 -1.40 -10.58 2.56
C PHE A 37 -0.68 -11.42 3.63
N GLN A 38 -1.07 -11.19 4.87
CA GLN A 38 -0.47 -11.91 5.99
C GLN A 38 -0.70 -13.42 5.82
N SER A 39 -1.83 -13.75 5.23
CA SER A 39 -2.18 -15.14 5.01
C SER A 39 -1.34 -15.72 3.87
N HIS A 40 -1.08 -14.88 2.87
CA HIS A 40 -0.30 -15.29 1.73
C HIS A 40 0.90 -14.34 1.55
N VAL A 41 1.80 -14.41 2.52
CA VAL A 41 2.98 -13.56 2.49
C VAL A 41 3.98 -14.13 1.47
N GLU A 42 3.66 -15.32 0.99
CA GLU A 42 4.51 -15.98 0.01
C GLU A 42 4.15 -15.53 -1.40
N ASP A 43 2.92 -15.05 -1.55
CA ASP A 43 2.44 -14.59 -2.84
C ASP A 43 2.21 -13.08 -2.77
N LEU A 44 1.38 -12.68 -1.83
CA LEU A 44 1.06 -11.28 -1.65
C LEU A 44 2.04 -10.66 -0.66
N TYR A 45 2.87 -9.77 -1.17
CA TYR A 45 3.86 -9.10 -0.35
C TYR A 45 4.42 -7.86 -1.06
N VAL A 46 5.04 -6.99 -0.27
CA VAL A 46 5.62 -5.78 -0.80
C VAL A 46 7.14 -5.94 -0.89
N GLU A 47 7.71 -5.29 -1.91
CA GLU A 47 9.14 -5.36 -2.11
C GLU A 47 9.70 -3.96 -2.40
N GLY A 48 11.01 -3.91 -2.62
CA GLY A 48 11.67 -2.65 -2.89
C GLY A 48 11.83 -1.82 -1.62
N LEU A 49 11.38 -2.40 -0.51
CA LEU A 49 11.47 -1.72 0.77
C LEU A 49 12.94 -1.63 1.20
N PRO A 50 13.22 -0.59 2.03
CA PRO A 50 14.58 -0.37 2.50
C PRO A 50 14.94 -1.39 3.59
N GLU A 51 16.18 -1.28 4.07
CA GLU A 51 16.66 -2.18 5.11
C GLU A 51 16.12 -1.75 6.47
N GLY A 52 15.71 -2.75 7.25
CA GLY A 52 15.17 -2.49 8.57
C GLY A 52 13.80 -1.81 8.49
N ILE A 53 13.08 -2.13 7.41
CA ILE A 53 11.76 -1.56 7.20
C ILE A 53 10.91 -2.55 6.41
N PRO A 54 10.09 -3.33 7.15
CA PRO A 54 9.23 -4.32 6.54
C PRO A 54 8.02 -3.65 5.87
N PHE A 55 7.00 -4.46 5.61
CA PHE A 55 5.80 -3.96 4.98
C PHE A 55 4.63 -3.95 5.96
N ARG A 56 4.53 -2.85 6.71
CA ARG A 56 3.47 -2.69 7.68
C ARG A 56 2.89 -1.28 7.62
N ARG A 57 1.74 -1.12 8.26
CA ARG A 57 1.07 0.17 8.29
C ARG A 57 2.11 1.29 8.37
N PRO A 58 1.99 2.25 7.41
CA PRO A 58 2.90 3.38 7.37
C PRO A 58 2.57 4.39 8.47
N SER A 59 1.57 4.06 9.26
CA SER A 59 1.14 4.92 10.34
C SER A 59 1.78 4.47 11.65
N THR A 60 2.66 3.48 11.54
CA THR A 60 3.34 2.94 12.71
C THR A 60 4.85 3.06 12.54
N TYR A 61 5.26 3.53 11.37
CA TYR A 61 6.66 3.69 11.07
C TYR A 61 7.19 5.03 11.60
N GLY A 62 8.50 5.07 11.81
CA GLY A 62 9.14 6.27 12.31
C GLY A 62 9.27 7.33 11.21
N ILE A 63 9.53 8.55 11.63
CA ILE A 63 9.68 9.65 10.70
C ILE A 63 10.81 9.33 9.72
N PRO A 64 11.92 8.79 10.28
CA PRO A 64 13.07 8.44 9.47
C PRO A 64 12.81 7.15 8.68
N ARG A 65 12.02 6.27 9.29
CA ARG A 65 11.69 5.01 8.66
C ARG A 65 10.87 5.24 7.40
N LEU A 66 9.91 6.16 7.51
CA LEU A 66 9.05 6.49 6.40
C LEU A 66 9.89 7.09 5.27
N GLU A 67 10.66 8.11 5.64
CA GLU A 67 11.51 8.79 4.68
C GLU A 67 12.14 7.77 3.72
N ARG A 68 12.88 6.84 4.30
CA ARG A 68 13.55 5.81 3.53
C ARG A 68 12.55 5.16 2.56
N ILE A 69 11.43 4.74 3.12
CA ILE A 69 10.39 4.09 2.32
C ILE A 69 10.08 4.97 1.10
N LEU A 70 10.21 6.28 1.30
CA LEU A 70 9.94 7.22 0.23
C LEU A 70 11.16 7.31 -0.68
N LEU A 71 12.33 7.07 -0.09
CA LEU A 71 13.57 7.13 -0.84
C LEU A 71 13.76 5.81 -1.59
N ALA A 72 13.08 4.78 -1.10
CA ALA A 72 13.16 3.47 -1.72
C ALA A 72 11.98 3.27 -2.67
N LYS A 73 11.12 4.28 -2.70
CA LYS A 73 9.95 4.22 -3.56
C LYS A 73 10.37 3.77 -4.96
N GLU A 74 11.47 4.34 -5.42
CA GLU A 74 11.98 4.00 -6.74
C GLU A 74 12.19 2.49 -6.86
N ARG A 75 12.30 1.85 -5.71
CA ARG A 75 12.50 0.41 -5.66
C ARG A 75 11.23 -0.29 -5.20
N ILE A 76 10.54 0.35 -4.26
CA ILE A 76 9.31 -0.20 -3.73
C ILE A 76 8.51 -0.85 -4.86
N ARG A 77 7.87 -1.95 -4.53
CA ARG A 77 7.07 -2.67 -5.51
C ARG A 77 6.11 -3.64 -4.80
N PHE A 78 4.93 -3.79 -5.39
CA PHE A 78 3.93 -4.67 -4.83
C PHE A 78 3.75 -5.92 -5.71
N VAL A 79 4.24 -7.04 -5.20
CA VAL A 79 4.13 -8.30 -5.92
C VAL A 79 2.78 -8.94 -5.62
N ILE A 80 1.93 -8.95 -6.64
CA ILE A 80 0.60 -9.54 -6.49
C ILE A 80 0.59 -10.94 -7.11
N LYS A 81 1.45 -11.79 -6.56
CA LYS A 81 1.55 -13.16 -7.04
C LYS A 81 0.14 -13.73 -7.25
N LYS A 82 -0.64 -13.71 -6.18
CA LYS A 82 -1.99 -14.22 -6.23
C LYS A 82 -2.97 -13.04 -6.34
N HIS A 83 -3.52 -12.88 -7.54
CA HIS A 83 -4.46 -11.81 -7.79
C HIS A 83 -5.87 -12.26 -7.39
N GLU A 84 -6.17 -13.50 -7.71
CA GLU A 84 -7.47 -14.06 -7.38
C GLU A 84 -7.79 -13.83 -5.90
N LEU A 85 -6.73 -13.75 -5.11
CA LEU A 85 -6.89 -13.54 -3.67
C LEU A 85 -7.48 -12.15 -3.43
N LEU A 86 -7.19 -11.25 -4.37
CA LEU A 86 -7.69 -9.88 -4.27
C LEU A 86 -8.89 -9.71 -5.21
N ASN A 87 -9.85 -10.60 -5.05
CA ASN A 87 -11.05 -10.56 -5.88
C ASN A 87 -11.99 -9.46 -5.35
N SER A 88 -11.90 -8.30 -5.97
CA SER A 88 -12.73 -7.18 -5.59
C SER A 88 -12.69 -6.10 -6.67
N THR A 89 -13.77 -6.05 -7.45
CA THR A 89 -13.88 -5.08 -8.51
C THR A 89 -14.98 -4.08 -8.21
N ARG A 90 -16.12 -4.60 -7.78
CA ARG A 90 -17.26 -3.76 -7.45
C ARG A 90 -17.50 -2.72 -8.55
N GLU A 91 -18.21 -3.14 -9.58
CA GLU A 91 -18.50 -2.26 -10.70
C GLU A 91 -19.88 -1.63 -10.52
N ASP A 92 -19.96 -0.35 -10.88
CA ASP A 92 -21.21 0.37 -10.76
C ASP A 92 -21.01 1.80 -11.29
N LEU A 93 -21.97 2.23 -12.10
CA LEU A 93 -21.91 3.57 -12.68
C LEU A 93 -23.34 4.10 -12.85
N SER A 94 -23.62 5.16 -12.11
CA SER A 94 -24.94 5.78 -12.17
C SER A 94 -24.84 7.18 -12.78
N GLY A 95 -25.90 7.58 -13.46
CA GLY A 95 -25.94 8.89 -14.08
C GLY A 95 -27.36 9.27 -14.48
N PRO A 96 -28.01 10.07 -13.58
CA PRO A 96 -29.37 10.51 -13.82
C PRO A 96 -29.42 11.60 -14.89
N SER A 97 -29.95 11.24 -16.05
CA SER A 97 -30.05 12.18 -17.15
C SER A 97 -31.08 11.68 -18.17
N SER A 98 -32.33 11.93 -17.87
CA SER A 98 -33.41 11.51 -18.75
C SER A 98 -33.37 9.99 -18.93
N GLY A 99 -34.50 9.46 -19.41
CA GLY A 99 -34.60 8.02 -19.63
C GLY A 99 -34.51 7.26 -18.31
N GLY A 1 -13.61 11.03 3.85
CA GLY A 1 -12.39 10.74 3.12
C GLY A 1 -11.29 11.73 3.52
N SER A 2 -10.57 11.37 4.57
CA SER A 2 -9.48 12.21 5.05
C SER A 2 -8.45 12.42 3.94
N SER A 3 -7.99 11.32 3.38
CA SER A 3 -7.01 11.36 2.32
C SER A 3 -5.68 11.88 2.86
N GLY A 4 -5.60 13.20 2.98
CA GLY A 4 -4.40 13.84 3.48
C GLY A 4 -3.63 14.53 2.35
N SER A 5 -2.52 15.15 2.73
CA SER A 5 -1.69 15.85 1.76
C SER A 5 -0.23 15.86 2.24
N SER A 6 -0.04 16.47 3.40
CA SER A 6 1.30 16.57 3.97
C SER A 6 1.49 15.48 5.03
N GLY A 7 2.75 15.12 5.25
CA GLY A 7 3.08 14.10 6.22
C GLY A 7 3.65 12.86 5.54
N LEU A 8 4.85 12.48 5.96
CA LEU A 8 5.51 11.32 5.40
C LEU A 8 4.51 10.17 5.30
N ARG A 9 3.92 9.83 6.44
CA ARG A 9 2.95 8.76 6.49
C ARG A 9 2.09 8.76 5.23
N LYS A 10 1.45 9.89 4.98
CA LYS A 10 0.59 10.03 3.82
C LYS A 10 1.39 9.67 2.56
N GLN A 11 2.44 10.45 2.32
CA GLN A 11 3.28 10.22 1.17
C GLN A 11 3.47 8.72 0.92
N VAL A 12 3.64 7.99 2.01
CA VAL A 12 3.83 6.55 1.94
C VAL A 12 2.47 5.89 1.69
N GLU A 13 1.48 6.34 2.44
CA GLU A 13 0.14 5.80 2.31
C GLU A 13 -0.31 5.84 0.85
N GLU A 14 -0.13 7.01 0.25
CA GLU A 14 -0.52 7.20 -1.14
C GLU A 14 0.38 6.38 -2.06
N LEU A 15 1.67 6.37 -1.73
CA LEU A 15 2.64 5.63 -2.51
C LEU A 15 2.28 4.14 -2.48
N PHE A 16 2.10 3.63 -1.27
CA PHE A 16 1.76 2.23 -1.08
C PHE A 16 0.65 1.80 -2.05
N GLU A 17 -0.45 2.55 -2.00
CA GLU A 17 -1.59 2.26 -2.86
C GLU A 17 -1.17 2.35 -4.33
N ARG A 18 -0.51 3.44 -4.66
CA ARG A 18 -0.05 3.65 -6.02
C ARG A 18 0.52 2.35 -6.59
N LYS A 19 1.60 1.89 -5.99
CA LYS A 19 2.25 0.67 -6.44
C LYS A 19 1.19 -0.39 -6.72
N TYR A 20 0.45 -0.74 -5.67
CA TYR A 20 -0.59 -1.74 -5.79
C TYR A 20 -1.55 -1.40 -6.93
N ALA A 21 -2.07 -0.18 -6.89
CA ALA A 21 -2.99 0.28 -7.92
C ALA A 21 -2.37 0.08 -9.29
N GLN A 22 -1.05 0.33 -9.35
CA GLN A 22 -0.33 0.18 -10.60
C GLN A 22 -0.25 -1.29 -10.99
N ALA A 23 -0.07 -2.13 -9.99
CA ALA A 23 0.02 -3.56 -10.22
C ALA A 23 -1.31 -4.08 -10.78
N ILE A 24 -2.33 -3.25 -10.62
CA ILE A 24 -3.66 -3.61 -11.10
C ILE A 24 -4.14 -2.54 -12.09
N LYS A 25 -3.26 -1.58 -12.35
CA LYS A 25 -3.59 -0.50 -13.26
C LYS A 25 -4.87 0.19 -12.81
N ALA A 26 -4.81 0.78 -11.63
CA ALA A 26 -5.96 1.47 -11.07
C ALA A 26 -5.64 2.96 -10.98
N LYS A 27 -6.51 3.75 -11.60
CA LYS A 27 -6.34 5.20 -11.59
C LYS A 27 -7.17 5.80 -10.44
N GLY A 28 -7.37 4.99 -9.41
CA GLY A 28 -8.13 5.42 -8.26
C GLY A 28 -7.52 4.90 -6.97
N PRO A 29 -8.04 5.43 -5.83
CA PRO A 29 -7.56 5.01 -4.52
C PRO A 29 -8.08 3.62 -4.15
N VAL A 30 -7.14 2.70 -4.00
CA VAL A 30 -7.49 1.33 -3.66
C VAL A 30 -7.00 1.03 -2.23
N THR A 31 -7.51 -0.08 -1.69
CA THR A 31 -7.15 -0.48 -0.34
C THR A 31 -6.15 -1.64 -0.39
N ILE A 32 -5.19 -1.60 0.52
CA ILE A 32 -4.18 -2.63 0.60
C ILE A 32 -4.57 -3.65 1.68
N PRO A 33 -4.66 -4.94 1.24
CA PRO A 33 -5.03 -6.01 2.15
C PRO A 33 -3.86 -6.36 3.08
N TYR A 34 -3.99 -5.94 4.33
CA TYR A 34 -2.96 -6.21 5.32
C TYR A 34 -3.08 -7.63 5.86
N PRO A 35 -4.36 -8.07 6.04
CA PRO A 35 -4.62 -9.40 6.55
C PRO A 35 -4.35 -10.47 5.49
N LEU A 36 -5.20 -10.46 4.46
CA LEU A 36 -5.06 -11.42 3.38
C LEU A 36 -3.58 -11.67 3.10
N PHE A 37 -2.85 -10.58 2.88
CA PHE A 37 -1.42 -10.67 2.61
C PHE A 37 -0.73 -11.53 3.66
N GLN A 38 -1.00 -11.22 4.92
CA GLN A 38 -0.40 -11.94 6.03
C GLN A 38 -0.66 -13.44 5.88
N SER A 39 -1.85 -13.76 5.38
CA SER A 39 -2.23 -15.14 5.18
C SER A 39 -1.57 -15.70 3.93
N HIS A 40 -1.27 -14.80 3.00
CA HIS A 40 -0.63 -15.18 1.75
C HIS A 40 0.60 -14.30 1.52
N VAL A 41 1.59 -14.49 2.39
CA VAL A 41 2.82 -13.73 2.29
C VAL A 41 3.73 -14.37 1.23
N GLU A 42 3.32 -15.55 0.79
CA GLU A 42 4.08 -16.27 -0.22
C GLU A 42 3.67 -15.80 -1.62
N ASP A 43 2.49 -15.21 -1.70
CA ASP A 43 1.99 -14.72 -2.97
C ASP A 43 1.85 -13.19 -2.91
N LEU A 44 1.19 -12.73 -1.85
CA LEU A 44 0.99 -11.31 -1.66
C LEU A 44 2.07 -10.76 -0.72
N TYR A 45 2.85 -9.83 -1.24
CA TYR A 45 3.92 -9.22 -0.46
C TYR A 45 4.50 -8.00 -1.18
N VAL A 46 5.02 -7.08 -0.39
CA VAL A 46 5.61 -5.87 -0.94
C VAL A 46 7.12 -6.06 -1.04
N GLU A 47 7.71 -5.36 -2.01
CA GLU A 47 9.15 -5.44 -2.23
C GLU A 47 9.71 -4.04 -2.49
N GLY A 48 11.03 -3.99 -2.60
CA GLY A 48 11.72 -2.73 -2.85
C GLY A 48 11.83 -1.91 -1.56
N LEU A 49 11.34 -2.49 -0.47
CA LEU A 49 11.39 -1.84 0.82
C LEU A 49 12.84 -1.78 1.30
N PRO A 50 13.13 -0.75 2.14
CA PRO A 50 14.47 -0.58 2.69
C PRO A 50 14.75 -1.59 3.80
N GLU A 51 16.00 -1.63 4.22
CA GLU A 51 16.40 -2.54 5.27
C GLU A 51 15.84 -2.10 6.62
N GLY A 52 15.43 -3.07 7.41
CA GLY A 52 14.87 -2.79 8.73
C GLY A 52 13.51 -2.09 8.60
N ILE A 53 12.82 -2.38 7.51
CA ILE A 53 11.52 -1.78 7.26
C ILE A 53 10.67 -2.75 6.43
N PRO A 54 9.81 -3.51 7.15
CA PRO A 54 8.95 -4.48 6.48
C PRO A 54 7.78 -3.77 5.77
N PHE A 55 6.76 -4.56 5.46
CA PHE A 55 5.59 -4.02 4.79
C PHE A 55 4.38 -3.98 5.73
N ARG A 56 4.37 -2.97 6.58
CA ARG A 56 3.29 -2.80 7.54
C ARG A 56 2.75 -1.37 7.48
N ARG A 57 1.58 -1.19 8.08
CA ARG A 57 0.94 0.11 8.10
C ARG A 57 1.99 1.21 8.27
N PRO A 58 1.96 2.19 7.34
CA PRO A 58 2.89 3.30 7.38
C PRO A 58 2.52 4.29 8.49
N SER A 59 1.48 3.94 9.23
CA SER A 59 1.02 4.79 10.31
C SER A 59 1.67 4.35 11.63
N THR A 60 2.53 3.35 11.52
CA THR A 60 3.22 2.83 12.69
C THR A 60 4.73 2.98 12.52
N TYR A 61 5.12 3.36 11.32
CA TYR A 61 6.54 3.54 11.01
C TYR A 61 7.04 4.89 11.56
N GLY A 62 8.34 4.91 11.84
CA GLY A 62 8.96 6.12 12.36
C GLY A 62 9.09 7.19 11.27
N ILE A 63 9.34 8.41 11.71
CA ILE A 63 9.48 9.53 10.80
C ILE A 63 10.61 9.22 9.80
N PRO A 64 11.73 8.67 10.35
CA PRO A 64 12.87 8.33 9.53
C PRO A 64 12.61 7.05 8.73
N ARG A 65 11.83 6.16 9.34
CA ARG A 65 11.50 4.91 8.69
C ARG A 65 10.68 5.16 7.42
N LEU A 66 9.76 6.11 7.53
CA LEU A 66 8.90 6.46 6.41
C LEU A 66 9.75 7.08 5.31
N GLU A 67 10.53 8.08 5.69
CA GLU A 67 11.39 8.76 4.75
C GLU A 67 12.07 7.75 3.80
N ARG A 68 12.81 6.83 4.41
CA ARG A 68 13.50 5.81 3.65
C ARG A 68 12.55 5.16 2.64
N ILE A 69 11.42 4.70 3.16
CA ILE A 69 10.42 4.06 2.33
C ILE A 69 10.14 4.94 1.11
N LEU A 70 10.09 6.24 1.36
CA LEU A 70 9.82 7.20 0.30
C LEU A 70 11.06 7.30 -0.60
N LEU A 71 12.21 7.04 0.00
CA LEU A 71 13.47 7.10 -0.73
C LEU A 71 13.66 5.80 -1.51
N ALA A 72 13.03 4.75 -1.02
CA ALA A 72 13.12 3.45 -1.66
C ALA A 72 11.95 3.26 -2.61
N LYS A 73 11.07 4.24 -2.61
CA LYS A 73 9.89 4.20 -3.46
C LYS A 73 10.31 3.78 -4.88
N GLU A 74 11.45 4.30 -5.29
CA GLU A 74 11.98 3.98 -6.62
C GLU A 74 12.15 2.46 -6.77
N ARG A 75 12.39 1.81 -5.64
CA ARG A 75 12.58 0.37 -5.63
C ARG A 75 11.28 -0.33 -5.20
N ILE A 76 10.61 0.29 -4.25
CA ILE A 76 9.36 -0.27 -3.74
C ILE A 76 8.57 -0.88 -4.90
N ARG A 77 7.90 -1.97 -4.60
CA ARG A 77 7.10 -2.67 -5.60
C ARG A 77 6.08 -3.58 -4.92
N PHE A 78 4.92 -3.69 -5.55
CA PHE A 78 3.86 -4.53 -5.03
C PHE A 78 3.64 -5.76 -5.90
N VAL A 79 4.07 -6.91 -5.38
CA VAL A 79 3.92 -8.16 -6.10
C VAL A 79 2.56 -8.77 -5.80
N ILE A 80 1.88 -9.20 -6.85
CA ILE A 80 0.57 -9.81 -6.71
C ILE A 80 0.59 -11.18 -7.38
N LYS A 81 1.25 -12.12 -6.73
CA LYS A 81 1.34 -13.47 -7.24
C LYS A 81 -0.07 -14.03 -7.48
N LYS A 82 -0.90 -13.88 -6.44
CA LYS A 82 -2.27 -14.35 -6.52
C LYS A 82 -3.22 -13.15 -6.60
N HIS A 83 -4.00 -13.13 -7.67
CA HIS A 83 -4.95 -12.05 -7.88
C HIS A 83 -6.28 -12.38 -7.17
N GLU A 84 -6.88 -13.48 -7.60
CA GLU A 84 -8.14 -13.92 -7.03
C GLU A 84 -8.10 -13.78 -5.51
N LEU A 85 -6.96 -14.16 -4.94
CA LEU A 85 -6.78 -14.07 -3.49
C LEU A 85 -7.31 -12.73 -3.00
N LEU A 86 -7.03 -11.69 -3.78
CA LEU A 86 -7.47 -10.36 -3.43
C LEU A 86 -8.98 -10.36 -3.15
N ASN A 87 -9.74 -10.71 -4.19
CA ASN A 87 -11.17 -10.76 -4.08
C ASN A 87 -11.56 -11.72 -2.96
N SER A 88 -11.16 -12.98 -3.13
CA SER A 88 -11.46 -14.00 -2.15
C SER A 88 -11.18 -13.48 -0.74
N THR A 89 -11.99 -13.91 0.20
CA THR A 89 -11.84 -13.49 1.58
C THR A 89 -12.91 -14.14 2.46
N ARG A 90 -14.10 -14.27 1.89
CA ARG A 90 -15.22 -14.87 2.61
C ARG A 90 -15.64 -13.97 3.78
N GLU A 91 -16.84 -13.42 3.65
CA GLU A 91 -17.36 -12.54 4.68
C GLU A 91 -18.90 -12.65 4.73
N ASP A 92 -19.36 -13.58 5.56
CA ASP A 92 -20.78 -13.80 5.71
C ASP A 92 -21.47 -12.47 6.02
N LEU A 93 -22.60 -12.25 5.36
CA LEU A 93 -23.35 -11.02 5.56
C LEU A 93 -24.83 -11.37 5.70
N SER A 94 -25.33 -11.20 6.92
CA SER A 94 -26.72 -11.49 7.21
C SER A 94 -27.21 -10.61 8.35
N GLY A 95 -28.50 -10.32 8.33
CA GLY A 95 -29.11 -9.49 9.34
C GLY A 95 -29.23 -8.03 8.87
N PRO A 96 -29.86 -7.19 9.74
CA PRO A 96 -30.04 -5.79 9.42
C PRO A 96 -28.73 -5.01 9.56
N SER A 97 -28.11 -5.20 10.71
CA SER A 97 -26.84 -4.52 11.00
C SER A 97 -27.05 -3.01 10.97
N SER A 98 -26.70 -2.38 12.09
CA SER A 98 -26.85 -0.94 12.21
C SER A 98 -25.63 -0.25 11.58
N GLY A 99 -24.46 -0.58 12.11
CA GLY A 99 -23.23 -0.01 11.60
C GLY A 99 -22.01 -0.68 12.22
N GLY A 1 -12.43 16.77 -4.56
CA GLY A 1 -12.15 17.76 -3.54
C GLY A 1 -10.73 17.61 -2.99
N SER A 2 -9.89 18.57 -3.37
CA SER A 2 -8.51 18.56 -2.92
C SER A 2 -7.83 19.89 -3.29
N SER A 3 -6.92 20.30 -2.43
CA SER A 3 -6.20 21.55 -2.64
C SER A 3 -4.71 21.35 -2.37
N GLY A 4 -4.41 20.96 -1.14
CA GLY A 4 -3.04 20.72 -0.74
C GLY A 4 -2.96 19.71 0.40
N SER A 5 -1.85 18.98 0.44
CA SER A 5 -1.66 17.97 1.47
C SER A 5 -0.17 17.62 1.56
N SER A 6 0.20 17.02 2.68
CA SER A 6 1.58 16.62 2.91
C SER A 6 1.67 15.75 4.16
N GLY A 7 2.79 15.05 4.27
CA GLY A 7 3.02 14.18 5.41
C GLY A 7 3.60 12.84 4.96
N LEU A 8 4.76 12.51 5.52
CA LEU A 8 5.42 11.27 5.19
C LEU A 8 4.39 10.15 5.09
N ARG A 9 3.75 9.88 6.22
CA ARG A 9 2.73 8.84 6.27
C ARG A 9 1.86 8.89 5.01
N LYS A 10 1.43 10.09 4.68
CA LYS A 10 0.59 10.29 3.51
C LYS A 10 1.38 9.92 2.25
N GLN A 11 2.60 10.42 2.17
CA GLN A 11 3.46 10.14 1.04
C GLN A 11 3.55 8.64 0.80
N VAL A 12 3.70 7.90 1.89
CA VAL A 12 3.80 6.45 1.82
C VAL A 12 2.42 5.86 1.56
N GLU A 13 1.44 6.37 2.31
CA GLU A 13 0.08 5.89 2.16
C GLU A 13 -0.35 5.94 0.70
N GLU A 14 -0.04 7.07 0.06
CA GLU A 14 -0.39 7.25 -1.34
C GLU A 14 0.48 6.35 -2.22
N LEU A 15 1.72 6.18 -1.79
CA LEU A 15 2.66 5.35 -2.54
C LEU A 15 2.22 3.89 -2.45
N PHE A 16 2.16 3.39 -1.23
CA PHE A 16 1.76 2.02 -0.98
C PHE A 16 0.62 1.62 -1.92
N GLU A 17 -0.43 2.42 -1.92
CA GLU A 17 -1.58 2.16 -2.76
C GLU A 17 -1.18 2.23 -4.24
N ARG A 18 -0.49 3.30 -4.58
CA ARG A 18 -0.05 3.49 -5.96
C ARG A 18 0.52 2.19 -6.52
N LYS A 19 1.60 1.74 -5.89
CA LYS A 19 2.25 0.50 -6.32
C LYS A 19 1.19 -0.58 -6.54
N TYR A 20 0.45 -0.85 -5.48
CA TYR A 20 -0.60 -1.86 -5.53
C TYR A 20 -1.55 -1.59 -6.70
N ALA A 21 -2.05 -0.37 -6.76
CA ALA A 21 -2.96 0.03 -7.81
C ALA A 21 -2.30 -0.19 -9.17
N GLN A 22 -1.03 0.19 -9.24
CA GLN A 22 -0.27 0.04 -10.47
C GLN A 22 -0.20 -1.44 -10.87
N ALA A 23 0.02 -2.28 -9.88
CA ALA A 23 0.11 -3.71 -10.11
C ALA A 23 -1.20 -4.20 -10.73
N ILE A 24 -2.29 -3.60 -10.28
CA ILE A 24 -3.60 -3.97 -10.77
C ILE A 24 -4.10 -2.90 -11.76
N LYS A 25 -3.16 -2.06 -12.18
CA LYS A 25 -3.48 -1.00 -13.11
C LYS A 25 -4.78 -0.32 -12.69
N ALA A 26 -4.75 0.27 -11.50
CA ALA A 26 -5.92 0.95 -10.98
C ALA A 26 -5.63 2.46 -10.86
N LYS A 27 -6.46 3.23 -11.54
CA LYS A 27 -6.31 4.68 -11.52
C LYS A 27 -7.17 5.27 -10.40
N GLY A 28 -7.36 4.47 -9.36
CA GLY A 28 -8.16 4.90 -8.23
C GLY A 28 -7.54 4.43 -6.92
N PRO A 29 -8.10 4.95 -5.79
CA PRO A 29 -7.61 4.59 -4.48
C PRO A 29 -8.06 3.18 -4.09
N VAL A 30 -7.08 2.30 -3.91
CA VAL A 30 -7.37 0.93 -3.54
C VAL A 30 -6.90 0.68 -2.11
N THR A 31 -7.40 -0.41 -1.53
CA THR A 31 -7.04 -0.76 -0.17
C THR A 31 -6.03 -1.91 -0.18
N ILE A 32 -5.08 -1.83 0.75
CA ILE A 32 -4.05 -2.85 0.87
C ILE A 32 -4.42 -3.81 1.99
N PRO A 33 -4.63 -5.10 1.60
CA PRO A 33 -5.00 -6.12 2.57
C PRO A 33 -3.79 -6.54 3.40
N TYR A 34 -3.84 -6.18 4.67
CA TYR A 34 -2.75 -6.52 5.58
C TYR A 34 -2.84 -7.97 6.05
N PRO A 35 -4.11 -8.43 6.24
CA PRO A 35 -4.36 -9.79 6.68
C PRO A 35 -4.13 -10.78 5.55
N LEU A 36 -5.04 -10.74 4.58
CA LEU A 36 -4.95 -11.63 3.43
C LEU A 36 -3.48 -11.84 3.07
N PHE A 37 -2.78 -10.73 2.91
CA PHE A 37 -1.37 -10.78 2.57
C PHE A 37 -0.60 -11.68 3.54
N GLN A 38 -0.78 -11.42 4.82
CA GLN A 38 -0.12 -12.20 5.86
C GLN A 38 -0.29 -13.69 5.59
N SER A 39 -1.50 -14.04 5.16
CA SER A 39 -1.82 -15.43 4.87
C SER A 39 -1.11 -15.87 3.59
N HIS A 40 -0.91 -14.92 2.71
CA HIS A 40 -0.25 -15.19 1.44
C HIS A 40 0.90 -14.19 1.24
N VAL A 41 1.95 -14.39 2.02
CA VAL A 41 3.11 -13.53 1.93
C VAL A 41 4.00 -13.97 0.77
N GLU A 42 3.65 -15.13 0.22
CA GLU A 42 4.40 -15.68 -0.91
C GLU A 42 3.76 -15.26 -2.23
N ASP A 43 2.56 -14.71 -2.12
CA ASP A 43 1.83 -14.26 -3.30
C ASP A 43 1.58 -12.75 -3.19
N LEU A 44 1.04 -12.36 -2.04
CA LEU A 44 0.75 -10.96 -1.80
C LEU A 44 1.75 -10.40 -0.78
N TYR A 45 2.59 -9.49 -1.26
CA TYR A 45 3.60 -8.88 -0.41
C TYR A 45 4.25 -7.68 -1.10
N VAL A 46 4.80 -6.79 -0.28
CA VAL A 46 5.44 -5.59 -0.80
C VAL A 46 6.95 -5.83 -0.85
N GLU A 47 7.57 -5.25 -1.88
CA GLU A 47 9.01 -5.38 -2.05
C GLU A 47 9.65 -4.01 -2.32
N GLY A 48 10.95 -4.03 -2.48
CA GLY A 48 11.69 -2.80 -2.75
C GLY A 48 11.84 -1.96 -1.48
N LEU A 49 11.33 -2.51 -0.38
CA LEU A 49 11.40 -1.82 0.90
C LEU A 49 12.87 -1.76 1.35
N PRO A 50 13.16 -0.72 2.17
CA PRO A 50 14.51 -0.53 2.68
C PRO A 50 14.83 -1.54 3.79
N GLU A 51 16.05 -1.43 4.30
CA GLU A 51 16.49 -2.33 5.36
C GLU A 51 15.91 -1.87 6.71
N GLY A 52 15.50 -2.85 7.50
CA GLY A 52 14.94 -2.56 8.81
C GLY A 52 13.57 -1.89 8.69
N ILE A 53 12.89 -2.20 7.59
CA ILE A 53 11.57 -1.63 7.34
C ILE A 53 10.74 -2.62 6.51
N PRO A 54 9.90 -3.40 7.23
CA PRO A 54 9.04 -4.38 6.58
C PRO A 54 7.88 -3.70 5.86
N PHE A 55 6.86 -4.50 5.58
CA PHE A 55 5.68 -4.00 4.90
C PHE A 55 4.48 -3.95 5.85
N ARG A 56 4.46 -2.91 6.67
CA ARG A 56 3.38 -2.73 7.63
C ARG A 56 2.80 -1.31 7.53
N ARG A 57 1.64 -1.14 8.13
CA ARG A 57 0.97 0.15 8.12
C ARG A 57 2.00 1.27 8.23
N PRO A 58 1.87 2.28 7.33
CA PRO A 58 2.78 3.40 7.32
C PRO A 58 2.47 4.36 8.47
N SER A 59 1.49 3.99 9.26
CA SER A 59 1.07 4.80 10.39
C SER A 59 1.72 4.26 11.67
N THR A 60 2.61 3.30 11.49
CA THR A 60 3.30 2.70 12.62
C THR A 60 4.81 2.88 12.47
N TYR A 61 5.21 3.40 11.32
CA TYR A 61 6.61 3.62 11.04
C TYR A 61 7.07 4.98 11.58
N GLY A 62 8.36 5.06 11.87
CA GLY A 62 8.94 6.28 12.39
C GLY A 62 9.08 7.34 11.28
N ILE A 63 9.29 8.58 11.71
CA ILE A 63 9.45 9.67 10.77
C ILE A 63 10.60 9.36 9.82
N PRO A 64 11.71 8.85 10.41
CA PRO A 64 12.88 8.50 9.62
C PRO A 64 12.66 7.21 8.84
N ARG A 65 11.90 6.31 9.45
CA ARG A 65 11.59 5.03 8.82
C ARG A 65 10.77 5.24 7.55
N LEU A 66 9.84 6.18 7.63
CA LEU A 66 8.99 6.49 6.50
C LEU A 66 9.83 7.10 5.38
N GLU A 67 10.57 8.14 5.74
CA GLU A 67 11.42 8.82 4.77
C GLU A 67 12.10 7.80 3.85
N ARG A 68 12.83 6.88 4.47
CA ARG A 68 13.52 5.85 3.72
C ARG A 68 12.56 5.16 2.74
N ILE A 69 11.44 4.73 3.29
CA ILE A 69 10.43 4.05 2.47
C ILE A 69 10.12 4.90 1.24
N LEU A 70 10.24 6.20 1.42
CA LEU A 70 9.98 7.14 0.33
C LEU A 70 11.22 7.24 -0.56
N LEU A 71 12.38 7.03 0.06
CA LEU A 71 13.64 7.09 -0.66
C LEU A 71 13.87 5.77 -1.40
N ALA A 72 13.10 4.77 -1.00
CA ALA A 72 13.21 3.45 -1.61
C ALA A 72 12.03 3.25 -2.57
N LYS A 73 11.15 4.24 -2.59
CA LYS A 73 9.99 4.17 -3.46
C LYS A 73 10.41 3.71 -4.85
N GLU A 74 11.56 4.22 -5.28
CA GLU A 74 12.09 3.88 -6.59
C GLU A 74 12.24 2.36 -6.72
N ARG A 75 12.49 1.73 -5.58
CA ARG A 75 12.67 0.28 -5.55
C ARG A 75 11.37 -0.39 -5.12
N ILE A 76 10.67 0.26 -4.21
CA ILE A 76 9.41 -0.26 -3.71
C ILE A 76 8.63 -0.90 -4.87
N ARG A 77 7.93 -1.98 -4.56
CA ARG A 77 7.15 -2.67 -5.55
C ARG A 77 6.12 -3.59 -4.87
N PHE A 78 4.97 -3.71 -5.52
CA PHE A 78 3.91 -4.55 -4.99
C PHE A 78 3.67 -5.76 -5.89
N VAL A 79 4.00 -6.92 -5.37
CA VAL A 79 3.83 -8.17 -6.11
C VAL A 79 2.46 -8.77 -5.77
N ILE A 80 1.58 -8.72 -6.74
CA ILE A 80 0.23 -9.26 -6.57
C ILE A 80 0.13 -10.60 -7.30
N LYS A 81 1.05 -11.50 -6.96
CA LYS A 81 1.07 -12.81 -7.57
C LYS A 81 -0.37 -13.32 -7.73
N LYS A 82 -1.06 -13.41 -6.60
CA LYS A 82 -2.44 -13.88 -6.61
C LYS A 82 -3.38 -12.68 -6.66
N HIS A 83 -4.08 -12.56 -7.77
CA HIS A 83 -5.02 -11.47 -7.97
C HIS A 83 -6.38 -11.86 -7.40
N GLU A 84 -6.84 -13.03 -7.80
CA GLU A 84 -8.13 -13.53 -7.35
C GLU A 84 -8.22 -13.43 -5.83
N LEU A 85 -7.10 -13.69 -5.17
CA LEU A 85 -7.04 -13.64 -3.72
C LEU A 85 -7.76 -12.38 -3.23
N LEU A 86 -7.49 -11.28 -3.93
CA LEU A 86 -8.10 -10.01 -3.57
C LEU A 86 -9.61 -10.10 -3.79
N ASN A 87 -9.99 -10.35 -5.03
CA ASN A 87 -11.40 -10.46 -5.38
C ASN A 87 -12.09 -9.12 -5.14
N SER A 88 -12.12 -8.31 -6.19
CA SER A 88 -12.75 -7.00 -6.11
C SER A 88 -12.66 -6.30 -7.46
N THR A 89 -13.66 -6.56 -8.29
CA THR A 89 -13.71 -5.96 -9.61
C THR A 89 -15.15 -5.71 -10.03
N ARG A 90 -15.85 -4.92 -9.23
CA ARG A 90 -17.24 -4.61 -9.51
C ARG A 90 -17.56 -3.19 -9.02
N GLU A 91 -18.09 -2.39 -9.95
CA GLU A 91 -18.44 -1.02 -9.63
C GLU A 91 -19.00 -0.32 -10.87
N ASP A 92 -19.55 0.88 -10.65
CA ASP A 92 -20.12 1.65 -11.73
C ASP A 92 -19.57 3.08 -11.66
N LEU A 93 -18.50 3.32 -12.39
CA LEU A 93 -17.88 4.63 -12.43
C LEU A 93 -16.79 4.65 -13.51
N SER A 94 -17.12 5.26 -14.63
CA SER A 94 -16.18 5.36 -15.74
C SER A 94 -16.10 6.80 -16.23
N GLY A 95 -14.88 7.24 -16.48
CA GLY A 95 -14.65 8.60 -16.95
C GLY A 95 -13.87 9.41 -15.92
N PRO A 96 -12.54 9.52 -16.16
CA PRO A 96 -11.66 10.26 -15.25
C PRO A 96 -11.84 11.77 -15.45
N SER A 97 -11.33 12.52 -14.49
CA SER A 97 -11.43 13.96 -14.54
C SER A 97 -10.11 14.59 -14.09
N SER A 98 -9.55 15.41 -14.96
CA SER A 98 -8.29 16.07 -14.68
C SER A 98 -8.01 17.15 -15.73
N GLY A 99 -8.64 18.31 -15.53
CA GLY A 99 -8.46 19.41 -16.45
C GLY A 99 -8.63 18.95 -17.91
N GLY A 1 -11.64 7.41 -2.02
CA GLY A 1 -11.73 8.75 -2.56
C GLY A 1 -10.82 9.72 -1.79
N SER A 2 -9.60 9.85 -2.28
CA SER A 2 -8.63 10.73 -1.65
C SER A 2 -7.47 11.00 -2.61
N SER A 3 -6.78 12.10 -2.36
CA SER A 3 -5.65 12.49 -3.19
C SER A 3 -4.88 13.62 -2.52
N GLY A 4 -3.58 13.67 -2.83
CA GLY A 4 -2.72 14.71 -2.27
C GLY A 4 -1.89 14.15 -1.10
N SER A 5 -0.88 14.93 -0.72
CA SER A 5 -0.01 14.54 0.37
C SER A 5 0.08 15.66 1.39
N SER A 6 0.68 15.33 2.54
CA SER A 6 0.84 16.30 3.60
C SER A 6 2.01 15.89 4.51
N GLY A 7 1.96 14.64 4.95
CA GLY A 7 3.01 14.13 5.82
C GLY A 7 3.57 12.82 5.27
N LEU A 8 4.74 12.46 5.76
CA LEU A 8 5.40 11.24 5.34
C LEU A 8 4.36 10.12 5.21
N ARG A 9 3.78 9.77 6.35
CA ARG A 9 2.76 8.73 6.38
C ARG A 9 1.85 8.83 5.15
N LYS A 10 1.27 10.00 4.98
CA LYS A 10 0.38 10.25 3.86
C LYS A 10 1.11 9.91 2.56
N GLN A 11 2.35 10.37 2.47
CA GLN A 11 3.17 10.13 1.30
C GLN A 11 3.27 8.63 1.03
N VAL A 12 3.60 7.88 2.08
CA VAL A 12 3.73 6.45 1.96
C VAL A 12 2.36 5.82 1.71
N GLU A 13 1.41 6.23 2.55
CA GLU A 13 0.04 5.73 2.44
C GLU A 13 -0.42 5.76 0.98
N GLU A 14 -0.19 6.91 0.35
CA GLU A 14 -0.58 7.08 -1.03
C GLU A 14 0.32 6.26 -1.95
N LEU A 15 1.60 6.25 -1.61
CA LEU A 15 2.58 5.51 -2.40
C LEU A 15 2.21 4.02 -2.37
N PHE A 16 2.18 3.48 -1.17
CA PHE A 16 1.85 2.07 -0.99
C PHE A 16 0.74 1.64 -1.96
N GLU A 17 -0.37 2.38 -1.90
CA GLU A 17 -1.51 2.09 -2.76
C GLU A 17 -1.11 2.22 -4.23
N ARG A 18 -0.49 3.35 -4.55
CA ARG A 18 -0.05 3.60 -5.91
C ARG A 18 0.52 2.32 -6.53
N LYS A 19 1.60 1.85 -5.92
CA LYS A 19 2.25 0.64 -6.41
C LYS A 19 1.20 -0.45 -6.62
N TYR A 20 0.49 -0.75 -5.54
CA TYR A 20 -0.55 -1.77 -5.60
C TYR A 20 -1.52 -1.52 -6.75
N ALA A 21 -2.07 -0.31 -6.77
CA ALA A 21 -3.01 0.07 -7.81
C ALA A 21 -2.35 -0.14 -9.18
N GLN A 22 -1.09 0.23 -9.26
CA GLN A 22 -0.34 0.08 -10.50
C GLN A 22 -0.25 -1.39 -10.89
N ALA A 23 -0.06 -2.22 -9.88
CA ALA A 23 0.06 -3.65 -10.11
C ALA A 23 -1.25 -4.18 -10.69
N ILE A 24 -2.30 -3.39 -10.51
CA ILE A 24 -3.61 -3.76 -11.02
C ILE A 24 -4.11 -2.69 -11.99
N LYS A 25 -3.20 -1.76 -12.30
CA LYS A 25 -3.53 -0.69 -13.22
C LYS A 25 -4.81 0.01 -12.75
N ALA A 26 -4.76 0.53 -11.53
CA ALA A 26 -5.89 1.21 -10.95
C ALA A 26 -5.60 2.72 -10.89
N LYS A 27 -6.44 3.48 -11.58
CA LYS A 27 -6.28 4.92 -11.61
C LYS A 27 -7.15 5.55 -10.51
N GLY A 28 -7.34 4.78 -9.45
CA GLY A 28 -8.13 5.25 -8.32
C GLY A 28 -7.54 4.78 -6.99
N PRO A 29 -8.09 5.34 -5.88
CA PRO A 29 -7.62 5.00 -4.56
C PRO A 29 -8.12 3.60 -4.15
N VAL A 30 -7.15 2.71 -3.95
CA VAL A 30 -7.47 1.35 -3.55
C VAL A 30 -6.98 1.10 -2.13
N THR A 31 -7.46 0.02 -1.55
CA THR A 31 -7.08 -0.34 -0.19
C THR A 31 -6.07 -1.48 -0.21
N ILE A 32 -5.39 -1.64 0.91
CA ILE A 32 -4.39 -2.69 1.04
C ILE A 32 -4.76 -3.61 2.21
N PRO A 33 -5.06 -4.89 1.87
CA PRO A 33 -5.43 -5.86 2.87
C PRO A 33 -4.22 -6.33 3.66
N TYR A 34 -4.24 -6.03 4.96
CA TYR A 34 -3.14 -6.42 5.83
C TYR A 34 -3.20 -7.91 6.16
N PRO A 35 -4.46 -8.43 6.25
CA PRO A 35 -4.66 -9.84 6.55
C PRO A 35 -4.34 -10.72 5.35
N LEU A 36 -5.17 -10.59 4.32
CA LEU A 36 -4.98 -11.36 3.11
C LEU A 36 -3.48 -11.47 2.80
N PHE A 37 -2.80 -10.33 2.90
CA PHE A 37 -1.38 -10.29 2.64
C PHE A 37 -0.59 -11.00 3.75
N GLN A 38 -1.05 -10.77 4.97
CA GLN A 38 -0.40 -11.39 6.13
C GLN A 38 -0.56 -12.90 6.10
N SER A 39 -1.75 -13.33 5.68
CA SER A 39 -2.05 -14.75 5.59
C SER A 39 -1.35 -15.36 4.38
N HIS A 40 -1.14 -14.51 3.37
CA HIS A 40 -0.48 -14.96 2.15
C HIS A 40 0.72 -14.07 1.86
N VAL A 41 1.75 -14.22 2.70
CA VAL A 41 2.96 -13.44 2.54
C VAL A 41 3.87 -14.11 1.51
N GLU A 42 3.44 -15.28 1.08
CA GLU A 42 4.21 -16.03 0.09
C GLU A 42 3.76 -15.66 -1.32
N ASP A 43 2.55 -15.13 -1.41
CA ASP A 43 2.00 -14.73 -2.69
C ASP A 43 1.87 -13.20 -2.73
N LEU A 44 1.22 -12.67 -1.70
CA LEU A 44 1.03 -11.23 -1.61
C LEU A 44 2.08 -10.64 -0.67
N TYR A 45 2.96 -9.82 -1.23
CA TYR A 45 4.01 -9.19 -0.47
C TYR A 45 4.59 -7.98 -1.21
N VAL A 46 5.05 -7.01 -0.43
CA VAL A 46 5.63 -5.81 -1.00
C VAL A 46 7.15 -5.97 -1.10
N GLU A 47 7.71 -5.34 -2.12
CA GLU A 47 9.15 -5.41 -2.33
C GLU A 47 9.71 -4.01 -2.59
N GLY A 48 11.01 -3.97 -2.79
CA GLY A 48 11.69 -2.71 -3.04
C GLY A 48 11.84 -1.89 -1.76
N LEU A 49 11.38 -2.48 -0.66
CA LEU A 49 11.45 -1.82 0.63
C LEU A 49 12.92 -1.75 1.08
N PRO A 50 13.21 -0.72 1.91
CA PRO A 50 14.56 -0.53 2.41
C PRO A 50 14.89 -1.55 3.50
N GLU A 51 16.14 -1.51 3.95
CA GLU A 51 16.60 -2.43 4.98
C GLU A 51 16.05 -2.00 6.35
N GLY A 52 15.66 -2.98 7.13
CA GLY A 52 15.13 -2.72 8.46
C GLY A 52 13.76 -2.04 8.38
N ILE A 53 13.05 -2.35 7.29
CA ILE A 53 11.73 -1.78 7.09
C ILE A 53 10.88 -2.75 6.27
N PRO A 54 10.07 -3.56 7.00
CA PRO A 54 9.21 -4.54 6.36
C PRO A 54 8.01 -3.85 5.70
N PHE A 55 6.97 -4.65 5.46
CA PHE A 55 5.76 -4.14 4.84
C PHE A 55 4.60 -4.14 5.83
N ARG A 56 4.48 -3.04 6.56
CA ARG A 56 3.42 -2.89 7.54
C ARG A 56 2.85 -1.48 7.50
N ARG A 57 1.70 -1.33 8.14
CA ARG A 57 1.03 -0.03 8.18
C ARG A 57 2.05 1.09 8.30
N PRO A 58 1.96 2.06 7.34
CA PRO A 58 2.88 3.19 7.33
C PRO A 58 2.53 4.19 8.43
N SER A 59 1.50 3.85 9.20
CA SER A 59 1.05 4.70 10.28
C SER A 59 1.71 4.28 11.59
N THR A 60 2.67 3.37 11.46
CA THR A 60 3.39 2.87 12.62
C THR A 60 4.88 3.16 12.48
N TYR A 61 5.36 3.10 11.25
CA TYR A 61 6.77 3.35 10.97
C TYR A 61 7.21 4.70 11.54
N GLY A 62 8.50 4.83 11.74
CA GLY A 62 9.06 6.05 12.26
C GLY A 62 9.19 7.13 11.18
N ILE A 63 9.39 8.36 11.63
CA ILE A 63 9.51 9.47 10.70
C ILE A 63 10.67 9.19 9.74
N PRO A 64 11.79 8.68 10.31
CA PRO A 64 12.97 8.36 9.52
C PRO A 64 12.75 7.09 8.70
N ARG A 65 12.03 6.15 9.31
CA ARG A 65 11.75 4.88 8.67
C ARG A 65 10.89 5.10 7.42
N LEU A 66 9.94 6.01 7.56
CA LEU A 66 9.05 6.33 6.45
C LEU A 66 9.85 6.96 5.32
N GLU A 67 10.58 8.01 5.65
CA GLU A 67 11.39 8.70 4.67
C GLU A 67 12.05 7.70 3.71
N ARG A 68 12.80 6.78 4.30
CA ARG A 68 13.49 5.77 3.52
C ARG A 68 12.50 5.10 2.55
N ILE A 69 11.40 4.63 3.10
CA ILE A 69 10.38 3.98 2.30
C ILE A 69 10.03 4.85 1.10
N LEU A 70 10.15 6.16 1.32
CA LEU A 70 9.84 7.11 0.26
C LEU A 70 11.06 7.26 -0.66
N LEU A 71 12.23 7.09 -0.07
CA LEU A 71 13.47 7.19 -0.82
C LEU A 71 13.68 5.90 -1.61
N ALA A 72 13.07 4.83 -1.13
CA ALA A 72 13.18 3.54 -1.78
C ALA A 72 11.99 3.32 -2.71
N LYS A 73 11.08 4.29 -2.68
CA LYS A 73 9.89 4.23 -3.51
C LYS A 73 10.28 3.76 -4.91
N GLU A 74 11.38 4.31 -5.40
CA GLU A 74 11.87 3.96 -6.72
C GLU A 74 12.00 2.44 -6.85
N ARG A 75 12.41 1.82 -5.77
CA ARG A 75 12.58 0.38 -5.75
C ARG A 75 11.28 -0.30 -5.30
N ILE A 76 10.63 0.32 -4.34
CA ILE A 76 9.37 -0.21 -3.81
C ILE A 76 8.57 -0.83 -4.96
N ARG A 77 7.92 -1.94 -4.66
CA ARG A 77 7.12 -2.63 -5.66
C ARG A 77 6.14 -3.59 -4.96
N PHE A 78 4.96 -3.70 -5.55
CA PHE A 78 3.92 -4.57 -5.01
C PHE A 78 3.72 -5.79 -5.91
N VAL A 79 4.13 -6.94 -5.41
CA VAL A 79 3.99 -8.18 -6.15
C VAL A 79 2.63 -8.80 -5.84
N ILE A 80 1.98 -9.29 -6.89
CA ILE A 80 0.67 -9.91 -6.75
C ILE A 80 0.71 -11.31 -7.35
N LYS A 81 1.30 -12.23 -6.60
CA LYS A 81 1.41 -13.61 -7.04
C LYS A 81 0.01 -14.17 -7.26
N LYS A 82 -0.88 -13.88 -6.32
CA LYS A 82 -2.24 -14.35 -6.40
C LYS A 82 -3.18 -13.16 -6.59
N HIS A 83 -3.82 -13.13 -7.75
CA HIS A 83 -4.75 -12.06 -8.06
C HIS A 83 -6.12 -12.37 -7.47
N GLU A 84 -6.62 -13.56 -7.81
CA GLU A 84 -7.91 -13.98 -7.33
C GLU A 84 -8.06 -13.69 -5.83
N LEU A 85 -6.98 -13.97 -5.11
CA LEU A 85 -6.97 -13.73 -3.67
C LEU A 85 -7.53 -12.34 -3.39
N LEU A 86 -7.22 -11.41 -4.27
CA LEU A 86 -7.68 -10.05 -4.13
C LEU A 86 -8.99 -9.87 -4.92
N ASN A 87 -9.94 -10.74 -4.64
CA ASN A 87 -11.23 -10.69 -5.31
C ASN A 87 -12.25 -10.01 -4.39
N SER A 88 -12.49 -8.75 -4.68
CA SER A 88 -13.45 -7.98 -3.90
C SER A 88 -13.74 -6.64 -4.60
N THR A 89 -14.03 -6.73 -5.88
CA THR A 89 -14.33 -5.54 -6.66
C THR A 89 -15.84 -5.31 -6.74
N ARG A 90 -16.39 -4.91 -5.60
CA ARG A 90 -17.82 -4.65 -5.52
C ARG A 90 -18.12 -3.65 -4.41
N GLU A 91 -19.00 -2.70 -4.72
CA GLU A 91 -19.38 -1.68 -3.77
C GLU A 91 -18.13 -0.98 -3.21
N ASP A 92 -17.80 0.13 -3.85
CA ASP A 92 -16.64 0.91 -3.44
C ASP A 92 -16.76 2.33 -3.98
N LEU A 93 -17.34 3.20 -3.16
CA LEU A 93 -17.52 4.58 -3.55
C LEU A 93 -18.06 5.37 -2.35
N SER A 94 -17.77 6.67 -2.35
CA SER A 94 -18.23 7.54 -1.28
C SER A 94 -17.86 9.00 -1.60
N GLY A 95 -18.84 9.87 -1.43
CA GLY A 95 -18.64 11.28 -1.69
C GLY A 95 -19.80 12.12 -1.14
N PRO A 96 -19.59 12.64 0.09
CA PRO A 96 -20.59 13.46 0.75
C PRO A 96 -20.67 14.85 0.12
N SER A 97 -21.75 15.09 -0.60
CA SER A 97 -21.96 16.36 -1.25
C SER A 97 -23.28 16.36 -2.02
N SER A 98 -23.39 15.43 -2.95
CA SER A 98 -24.60 15.31 -3.74
C SER A 98 -24.59 13.98 -4.50
N GLY A 99 -25.78 13.39 -4.61
CA GLY A 99 -25.92 12.12 -5.31
C GLY A 99 -25.39 10.96 -4.45
N GLY A 1 -6.70 13.67 -6.88
CA GLY A 1 -5.87 14.85 -7.08
C GLY A 1 -6.16 15.90 -6.01
N SER A 2 -5.13 16.19 -5.21
CA SER A 2 -5.26 17.17 -4.15
C SER A 2 -6.27 16.69 -3.11
N SER A 3 -5.77 16.40 -1.93
CA SER A 3 -6.61 15.94 -0.85
C SER A 3 -5.96 16.26 0.51
N GLY A 4 -4.75 15.75 0.69
CA GLY A 4 -4.02 15.98 1.92
C GLY A 4 -2.69 16.66 1.64
N SER A 5 -1.78 15.90 1.06
CA SER A 5 -0.46 16.42 0.74
C SER A 5 0.29 16.79 2.02
N SER A 6 1.61 16.82 1.92
CA SER A 6 2.45 17.15 3.06
C SER A 6 2.21 16.15 4.20
N GLY A 7 3.13 15.21 4.32
CA GLY A 7 3.03 14.20 5.36
C GLY A 7 3.64 12.88 4.90
N LEU A 8 4.86 12.63 5.37
CA LEU A 8 5.56 11.41 5.01
C LEU A 8 4.58 10.23 5.03
N ARG A 9 3.98 10.01 6.20
CA ARG A 9 3.03 8.94 6.36
C ARG A 9 2.08 8.89 5.16
N LYS A 10 1.51 10.05 4.85
CA LYS A 10 0.58 10.15 3.74
C LYS A 10 1.29 9.76 2.45
N GLN A 11 2.47 10.33 2.26
CA GLN A 11 3.27 10.05 1.08
C GLN A 11 3.44 8.54 0.89
N VAL A 12 3.67 7.87 2.01
CA VAL A 12 3.85 6.42 1.99
C VAL A 12 2.49 5.74 1.78
N GLU A 13 1.52 6.20 2.55
CA GLU A 13 0.18 5.66 2.46
C GLU A 13 -0.32 5.68 1.01
N GLU A 14 -0.18 6.85 0.40
CA GLU A 14 -0.61 7.03 -0.98
C GLU A 14 0.29 6.21 -1.92
N LEU A 15 1.57 6.17 -1.58
CA LEU A 15 2.53 5.43 -2.37
C LEU A 15 2.17 3.95 -2.37
N PHE A 16 2.02 3.41 -1.16
CA PHE A 16 1.67 2.01 -0.99
C PHE A 16 0.56 1.61 -1.96
N GLU A 17 -0.57 2.31 -1.83
CA GLU A 17 -1.71 2.03 -2.68
C GLU A 17 -1.33 2.16 -4.15
N ARG A 18 -0.65 3.26 -4.46
CA ARG A 18 -0.23 3.52 -5.82
C ARG A 18 0.41 2.27 -6.42
N LYS A 19 1.52 1.85 -5.82
CA LYS A 19 2.22 0.67 -6.28
C LYS A 19 1.22 -0.45 -6.56
N TYR A 20 0.44 -0.77 -5.54
CA TYR A 20 -0.56 -1.81 -5.66
C TYR A 20 -1.49 -1.54 -6.84
N ALA A 21 -2.08 -0.35 -6.83
CA ALA A 21 -3.00 0.04 -7.89
C ALA A 21 -2.32 -0.17 -9.25
N GLN A 22 -1.05 0.18 -9.30
CA GLN A 22 -0.27 0.03 -10.51
C GLN A 22 -0.18 -1.45 -10.91
N ALA A 23 -0.02 -2.28 -9.89
CA ALA A 23 0.10 -3.71 -10.11
C ALA A 23 -1.19 -4.23 -10.75
N ILE A 24 -2.29 -3.56 -10.43
CA ILE A 24 -3.58 -3.94 -10.95
C ILE A 24 -4.03 -2.91 -11.99
N LYS A 25 -3.14 -1.97 -12.27
CA LYS A 25 -3.42 -0.92 -13.24
C LYS A 25 -4.72 -0.22 -12.85
N ALA A 26 -4.72 0.36 -11.66
CA ALA A 26 -5.88 1.06 -11.15
C ALA A 26 -5.58 2.56 -11.08
N LYS A 27 -6.42 3.34 -11.74
CA LYS A 27 -6.25 4.78 -11.75
C LYS A 27 -7.11 5.40 -10.65
N GLY A 28 -7.33 4.62 -9.60
CA GLY A 28 -8.13 5.07 -8.47
C GLY A 28 -7.54 4.57 -7.15
N PRO A 29 -8.10 5.12 -6.03
CA PRO A 29 -7.64 4.73 -4.71
C PRO A 29 -8.17 3.34 -4.33
N VAL A 30 -7.23 2.44 -4.13
CA VAL A 30 -7.58 1.07 -3.77
C VAL A 30 -7.12 0.80 -2.33
N THR A 31 -7.66 -0.28 -1.77
CA THR A 31 -7.31 -0.66 -0.40
C THR A 31 -6.34 -1.84 -0.41
N ILE A 32 -5.39 -1.79 0.50
CA ILE A 32 -4.39 -2.84 0.61
C ILE A 32 -4.85 -3.86 1.66
N PRO A 33 -4.95 -5.14 1.20
CA PRO A 33 -5.38 -6.22 2.08
C PRO A 33 -4.26 -6.61 3.04
N TYR A 34 -4.41 -6.18 4.28
CA TYR A 34 -3.42 -6.48 5.31
C TYR A 34 -3.55 -7.93 5.78
N PRO A 35 -4.82 -8.42 5.81
CA PRO A 35 -5.08 -9.79 6.24
C PRO A 35 -4.68 -10.79 5.14
N LEU A 36 -5.39 -10.71 4.03
CA LEU A 36 -5.12 -11.60 2.91
C LEU A 36 -3.61 -11.77 2.75
N PHE A 37 -2.92 -10.64 2.76
CA PHE A 37 -1.47 -10.65 2.63
C PHE A 37 -0.81 -11.50 3.72
N GLN A 38 -1.23 -11.23 4.96
CA GLN A 38 -0.69 -11.95 6.09
C GLN A 38 -0.86 -13.46 5.88
N SER A 39 -2.04 -13.84 5.41
CA SER A 39 -2.34 -15.24 5.16
C SER A 39 -1.58 -15.73 3.93
N HIS A 40 -1.42 -14.81 2.97
CA HIS A 40 -0.73 -15.14 1.74
C HIS A 40 0.43 -14.16 1.53
N VAL A 41 1.42 -14.29 2.40
CA VAL A 41 2.60 -13.44 2.33
C VAL A 41 3.56 -13.98 1.28
N GLU A 42 3.24 -15.17 0.79
CA GLU A 42 4.06 -15.81 -0.22
C GLU A 42 3.52 -15.49 -1.62
N ASP A 43 2.33 -14.90 -1.65
CA ASP A 43 1.69 -14.55 -2.91
C ASP A 43 1.62 -13.02 -3.02
N LEU A 44 1.23 -12.40 -1.92
CA LEU A 44 1.11 -10.95 -1.88
C LEU A 44 2.12 -10.40 -0.87
N TYR A 45 2.98 -9.51 -1.36
CA TYR A 45 3.99 -8.91 -0.52
C TYR A 45 4.56 -7.64 -1.17
N VAL A 46 5.05 -6.74 -0.33
CA VAL A 46 5.62 -5.49 -0.81
C VAL A 46 7.14 -5.63 -0.88
N GLU A 47 7.69 -5.19 -2.01
CA GLU A 47 9.13 -5.27 -2.22
C GLU A 47 9.69 -3.87 -2.45
N GLY A 48 11.00 -3.82 -2.66
CA GLY A 48 11.68 -2.56 -2.90
C GLY A 48 11.84 -1.77 -1.60
N LEU A 49 11.39 -2.38 -0.51
CA LEU A 49 11.47 -1.74 0.79
C LEU A 49 12.93 -1.66 1.22
N PRO A 50 13.23 -0.64 2.07
CA PRO A 50 14.58 -0.44 2.56
C PRO A 50 14.93 -1.47 3.63
N GLU A 51 16.13 -1.33 4.18
CA GLU A 51 16.59 -2.24 5.21
C GLU A 51 16.05 -1.82 6.57
N GLY A 52 15.63 -2.81 7.34
CA GLY A 52 15.10 -2.55 8.67
C GLY A 52 13.74 -1.86 8.58
N ILE A 53 13.02 -2.17 7.50
CA ILE A 53 11.70 -1.58 7.28
C ILE A 53 10.85 -2.57 6.48
N PRO A 54 10.04 -3.37 7.22
CA PRO A 54 9.17 -4.35 6.59
C PRO A 54 7.95 -3.67 5.96
N PHE A 55 6.94 -4.47 5.69
CA PHE A 55 5.72 -3.97 5.09
C PHE A 55 4.56 -3.96 6.09
N ARG A 56 4.46 -2.86 6.82
CA ARG A 56 3.41 -2.72 7.81
C ARG A 56 2.85 -1.31 7.79
N ARG A 57 1.70 -1.15 8.45
CA ARG A 57 1.05 0.16 8.53
C ARG A 57 2.10 1.27 8.55
N PRO A 58 2.03 2.15 7.53
CA PRO A 58 2.96 3.27 7.44
C PRO A 58 2.62 4.36 8.46
N SER A 59 1.58 4.09 9.24
CA SER A 59 1.15 5.04 10.25
C SER A 59 1.74 4.66 11.62
N THR A 60 2.58 3.64 11.59
CA THR A 60 3.23 3.16 12.81
C THR A 60 4.75 3.24 12.67
N TYR A 61 5.19 3.58 11.48
CA TYR A 61 6.61 3.69 11.21
C TYR A 61 7.17 5.01 11.74
N GLY A 62 8.48 5.03 11.90
CA GLY A 62 9.16 6.22 12.40
C GLY A 62 9.28 7.28 11.31
N ILE A 63 9.54 8.51 11.75
CA ILE A 63 9.69 9.62 10.82
C ILE A 63 10.80 9.30 9.82
N PRO A 64 11.92 8.76 10.36
CA PRO A 64 13.06 8.41 9.52
C PRO A 64 12.78 7.13 8.73
N ARG A 65 12.02 6.25 9.35
CA ARG A 65 11.67 4.98 8.71
C ARG A 65 10.86 5.23 7.44
N LEU A 66 9.92 6.17 7.55
CA LEU A 66 9.06 6.51 6.43
C LEU A 66 9.92 7.13 5.32
N GLU A 67 10.64 8.18 5.69
CA GLU A 67 11.50 8.86 4.74
C GLU A 67 12.16 7.86 3.80
N ARG A 68 12.85 6.90 4.39
CA ARG A 68 13.53 5.87 3.62
C ARG A 68 12.55 5.21 2.64
N ILE A 69 11.45 4.73 3.19
CA ILE A 69 10.44 4.07 2.38
C ILE A 69 10.13 4.93 1.15
N LEU A 70 10.21 6.24 1.35
CA LEU A 70 9.95 7.17 0.28
C LEU A 70 11.17 7.24 -0.64
N LEU A 71 12.34 7.13 -0.03
CA LEU A 71 13.58 7.18 -0.78
C LEU A 71 13.76 5.86 -1.54
N ALA A 72 13.07 4.83 -1.06
CA ALA A 72 13.16 3.52 -1.67
C ALA A 72 11.96 3.33 -2.61
N LYS A 73 11.07 4.32 -2.60
CA LYS A 73 9.89 4.28 -3.45
C LYS A 73 10.29 3.80 -4.84
N GLU A 74 11.33 4.42 -5.38
CA GLU A 74 11.82 4.06 -6.69
C GLU A 74 11.97 2.55 -6.82
N ARG A 75 12.33 1.93 -5.70
CA ARG A 75 12.51 0.49 -5.67
C ARG A 75 11.22 -0.20 -5.24
N ILE A 76 10.54 0.43 -4.29
CA ILE A 76 9.29 -0.11 -3.78
C ILE A 76 8.49 -0.72 -4.94
N ARG A 77 7.86 -1.85 -4.65
CA ARG A 77 7.06 -2.54 -5.65
C ARG A 77 6.13 -3.55 -4.98
N PHE A 78 4.94 -3.68 -5.56
CA PHE A 78 3.95 -4.60 -5.03
C PHE A 78 3.79 -5.81 -5.96
N VAL A 79 4.21 -6.96 -5.46
CA VAL A 79 4.12 -8.19 -6.21
C VAL A 79 2.80 -8.88 -5.89
N ILE A 80 1.89 -8.86 -6.86
CA ILE A 80 0.59 -9.48 -6.69
C ILE A 80 0.58 -10.84 -7.40
N LYS A 81 1.11 -11.84 -6.71
CA LYS A 81 1.16 -13.18 -7.26
C LYS A 81 -0.26 -13.67 -7.54
N LYS A 82 -1.05 -13.75 -6.48
CA LYS A 82 -2.42 -14.19 -6.59
C LYS A 82 -3.35 -12.98 -6.57
N HIS A 83 -4.08 -12.81 -7.66
CA HIS A 83 -5.02 -11.70 -7.76
C HIS A 83 -6.34 -12.07 -7.08
N GLU A 84 -6.89 -13.20 -7.50
CA GLU A 84 -8.14 -13.66 -6.93
C GLU A 84 -8.10 -13.60 -5.40
N LEU A 85 -6.93 -13.94 -4.86
CA LEU A 85 -6.74 -13.92 -3.42
C LEU A 85 -7.25 -12.59 -2.86
N LEU A 86 -6.96 -11.53 -3.60
CA LEU A 86 -7.37 -10.20 -3.19
C LEU A 86 -8.89 -10.18 -2.98
N ASN A 87 -9.58 -10.91 -3.85
CA ASN A 87 -11.03 -10.99 -3.76
C ASN A 87 -11.42 -11.89 -2.59
N SER A 88 -12.32 -11.39 -1.76
CA SER A 88 -12.79 -12.14 -0.61
C SER A 88 -13.97 -11.43 0.05
N THR A 89 -15.15 -11.97 -0.18
CA THR A 89 -16.36 -11.39 0.38
C THR A 89 -16.29 -9.87 0.35
N ARG A 90 -16.01 -9.34 -0.83
CA ARG A 90 -15.90 -7.91 -1.01
C ARG A 90 -17.00 -7.20 -0.21
N GLU A 91 -18.11 -7.89 -0.03
CA GLU A 91 -19.22 -7.34 0.71
C GLU A 91 -19.31 -7.98 2.10
N ASP A 92 -18.89 -7.22 3.09
CA ASP A 92 -18.91 -7.70 4.47
C ASP A 92 -19.18 -6.52 5.41
N LEU A 93 -19.92 -6.82 6.47
CA LEU A 93 -20.26 -5.80 7.45
C LEU A 93 -20.64 -6.48 8.77
N SER A 94 -19.63 -6.80 9.55
CA SER A 94 -19.84 -7.45 10.83
C SER A 94 -18.74 -7.05 11.82
N GLY A 95 -19.17 -6.61 12.99
CA GLY A 95 -18.23 -6.20 14.02
C GLY A 95 -17.08 -7.20 14.14
N PRO A 96 -15.88 -6.75 13.68
CA PRO A 96 -14.70 -7.60 13.75
C PRO A 96 -14.16 -7.68 15.17
N SER A 97 -14.27 -8.87 15.74
CA SER A 97 -13.79 -9.09 17.10
C SER A 97 -13.64 -10.59 17.36
N SER A 98 -12.50 -11.12 16.93
CA SER A 98 -12.22 -12.53 17.11
C SER A 98 -11.13 -12.72 18.17
N GLY A 99 -11.13 -13.90 18.78
CA GLY A 99 -10.15 -14.22 19.80
C GLY A 99 -10.01 -13.06 20.79
N GLY A 1 -13.91 19.40 5.51
CA GLY A 1 -13.39 19.09 4.20
C GLY A 1 -12.27 18.05 4.28
N SER A 2 -11.28 18.23 3.42
CA SER A 2 -10.14 17.32 3.39
C SER A 2 -8.85 18.08 3.70
N SER A 3 -8.38 17.91 4.93
CA SER A 3 -7.17 18.57 5.37
C SER A 3 -5.98 17.62 5.21
N GLY A 4 -4.98 18.08 4.46
CA GLY A 4 -3.79 17.28 4.22
C GLY A 4 -2.54 18.18 4.18
N SER A 5 -1.90 18.19 3.02
CA SER A 5 -0.71 18.98 2.83
C SER A 5 0.40 18.49 3.75
N SER A 6 1.43 17.92 3.14
CA SER A 6 2.56 17.39 3.90
C SER A 6 2.10 16.25 4.80
N GLY A 7 3.00 15.31 5.02
CA GLY A 7 2.70 14.16 5.86
C GLY A 7 3.35 12.89 5.31
N LEU A 8 4.51 12.57 5.87
CA LEU A 8 5.23 11.39 5.45
C LEU A 8 4.26 10.21 5.33
N ARG A 9 3.64 9.88 6.46
CA ARG A 9 2.69 8.78 6.50
C ARG A 9 1.81 8.80 5.27
N LYS A 10 1.33 9.99 4.93
CA LYS A 10 0.47 10.16 3.77
C LYS A 10 1.27 9.83 2.50
N GLN A 11 2.48 10.33 2.45
CA GLN A 11 3.34 10.09 1.31
C GLN A 11 3.52 8.59 1.08
N VAL A 12 3.76 7.88 2.18
CA VAL A 12 3.94 6.43 2.11
C VAL A 12 2.59 5.76 1.88
N GLU A 13 1.59 6.26 2.60
CA GLU A 13 0.25 5.71 2.48
C GLU A 13 -0.23 5.76 1.03
N GLU A 14 -0.06 6.92 0.42
CA GLU A 14 -0.47 7.11 -0.96
C GLU A 14 0.46 6.32 -1.90
N LEU A 15 1.74 6.34 -1.57
CA LEU A 15 2.73 5.63 -2.36
C LEU A 15 2.39 4.14 -2.38
N PHE A 16 2.17 3.60 -1.17
CA PHE A 16 1.85 2.20 -1.04
C PHE A 16 0.73 1.79 -2.01
N GLU A 17 -0.43 2.40 -1.81
CA GLU A 17 -1.57 2.12 -2.67
C GLU A 17 -1.17 2.21 -4.15
N ARG A 18 -0.50 3.30 -4.48
CA ARG A 18 -0.06 3.52 -5.85
C ARG A 18 0.53 2.23 -6.43
N LYS A 19 1.65 1.82 -5.86
CA LYS A 19 2.32 0.60 -6.30
C LYS A 19 1.27 -0.49 -6.57
N TYR A 20 0.55 -0.82 -5.51
CA TYR A 20 -0.49 -1.84 -5.61
C TYR A 20 -1.41 -1.57 -6.80
N ALA A 21 -1.88 -0.33 -6.86
CA ALA A 21 -2.78 0.07 -7.94
C ALA A 21 -2.08 -0.13 -9.28
N GLN A 22 -0.79 0.21 -9.30
CA GLN A 22 -0.01 0.07 -10.52
C GLN A 22 0.02 -1.39 -10.96
N ALA A 23 0.24 -2.27 -9.99
CA ALA A 23 0.30 -3.70 -10.26
C ALA A 23 -1.02 -4.14 -10.91
N ILE A 24 -2.08 -3.45 -10.55
CA ILE A 24 -3.39 -3.77 -11.09
C ILE A 24 -3.84 -2.63 -12.02
N LYS A 25 -2.87 -1.81 -12.41
CA LYS A 25 -3.15 -0.69 -13.29
C LYS A 25 -4.47 -0.04 -12.88
N ALA A 26 -4.49 0.45 -11.64
CA ALA A 26 -5.68 1.09 -11.12
C ALA A 26 -5.45 2.61 -11.05
N LYS A 27 -6.30 3.34 -11.74
CA LYS A 27 -6.20 4.79 -11.76
C LYS A 27 -7.10 5.38 -10.67
N GLY A 28 -7.28 4.60 -9.61
CA GLY A 28 -8.10 5.04 -8.51
C GLY A 28 -7.52 4.58 -7.17
N PRO A 29 -8.11 5.11 -6.07
CA PRO A 29 -7.65 4.76 -4.73
C PRO A 29 -8.12 3.35 -4.34
N VAL A 30 -7.15 2.48 -4.13
CA VAL A 30 -7.44 1.10 -3.75
C VAL A 30 -6.98 0.86 -2.31
N THR A 31 -7.47 -0.23 -1.75
CA THR A 31 -7.12 -0.58 -0.39
C THR A 31 -6.09 -1.72 -0.38
N ILE A 32 -5.19 -1.65 0.59
CA ILE A 32 -4.15 -2.67 0.71
C ILE A 32 -4.57 -3.68 1.77
N PRO A 33 -4.68 -4.97 1.33
CA PRO A 33 -5.07 -6.05 2.23
C PRO A 33 -3.91 -6.42 3.16
N TYR A 34 -4.06 -6.04 4.42
CA TYR A 34 -3.05 -6.33 5.41
C TYR A 34 -3.17 -7.77 5.91
N PRO A 35 -4.44 -8.23 6.04
CA PRO A 35 -4.70 -9.59 6.50
C PRO A 35 -4.41 -10.61 5.41
N LEU A 36 -5.25 -10.59 4.38
CA LEU A 36 -5.09 -11.51 3.26
C LEU A 36 -3.60 -11.73 3.01
N PHE A 37 -2.88 -10.62 2.87
CA PHE A 37 -1.45 -10.70 2.62
C PHE A 37 -0.76 -11.58 3.65
N GLN A 38 -1.03 -11.30 4.91
CA GLN A 38 -0.44 -12.06 6.00
C GLN A 38 -0.71 -13.56 5.80
N SER A 39 -1.90 -13.85 5.31
CA SER A 39 -2.30 -15.23 5.08
C SER A 39 -1.58 -15.77 3.83
N HIS A 40 -1.35 -14.88 2.89
CA HIS A 40 -0.67 -15.25 1.65
C HIS A 40 0.52 -14.32 1.43
N VAL A 41 1.52 -14.45 2.29
CA VAL A 41 2.71 -13.64 2.19
C VAL A 41 3.63 -14.22 1.12
N GLU A 42 3.30 -15.42 0.68
CA GLU A 42 4.08 -16.09 -0.34
C GLU A 42 3.62 -15.65 -1.73
N ASP A 43 2.47 -15.01 -1.77
CA ASP A 43 1.91 -14.54 -3.03
C ASP A 43 1.84 -13.01 -3.00
N LEU A 44 1.09 -12.50 -2.03
CA LEU A 44 0.93 -11.06 -1.89
C LEU A 44 1.97 -10.54 -0.89
N TYR A 45 2.75 -9.58 -1.36
CA TYR A 45 3.79 -8.99 -0.53
C TYR A 45 4.38 -7.75 -1.20
N VAL A 46 4.96 -6.88 -0.37
CA VAL A 46 5.57 -5.66 -0.86
C VAL A 46 7.09 -5.83 -0.90
N GLU A 47 7.69 -5.34 -1.98
CA GLU A 47 9.12 -5.42 -2.15
C GLU A 47 9.71 -4.05 -2.44
N GLY A 48 11.02 -4.02 -2.66
CA GLY A 48 11.71 -2.79 -2.95
C GLY A 48 11.89 -1.94 -1.68
N LEU A 49 11.42 -2.50 -0.58
CA LEU A 49 11.52 -1.81 0.70
C LEU A 49 12.99 -1.74 1.12
N PRO A 50 13.29 -0.72 1.99
CA PRO A 50 14.65 -0.53 2.47
C PRO A 50 15.01 -1.58 3.51
N GLU A 51 16.15 -1.35 4.17
CA GLU A 51 16.62 -2.28 5.19
C GLU A 51 16.05 -1.88 6.56
N GLY A 52 15.62 -2.90 7.29
CA GLY A 52 15.07 -2.68 8.61
C GLY A 52 13.70 -1.99 8.52
N ILE A 53 13.00 -2.29 7.44
CA ILE A 53 11.68 -1.71 7.22
C ILE A 53 10.83 -2.68 6.41
N PRO A 54 9.99 -3.46 7.15
CA PRO A 54 9.11 -4.43 6.52
C PRO A 54 7.93 -3.75 5.84
N PHE A 55 6.92 -4.55 5.54
CA PHE A 55 5.72 -4.04 4.89
C PHE A 55 4.54 -4.02 5.85
N ARG A 56 4.51 -2.99 6.69
CA ARG A 56 3.43 -2.85 7.66
C ARG A 56 2.84 -1.44 7.60
N ARG A 57 1.68 -1.30 8.21
CA ARG A 57 1.00 -0.01 8.23
C ARG A 57 2.02 1.13 8.41
N PRO A 58 1.97 2.08 7.45
CA PRO A 58 2.88 3.22 7.50
C PRO A 58 2.46 4.23 8.57
N SER A 59 1.42 3.85 9.31
CA SER A 59 0.92 4.70 10.37
C SER A 59 1.54 4.30 11.70
N THR A 60 2.53 3.42 11.62
CA THR A 60 3.21 2.95 12.81
C THR A 60 4.73 2.98 12.60
N TYR A 61 5.12 3.57 11.47
CA TYR A 61 6.53 3.67 11.14
C TYR A 61 7.13 4.98 11.66
N GLY A 62 8.44 4.97 11.85
CA GLY A 62 9.14 6.15 12.33
C GLY A 62 9.21 7.23 11.25
N ILE A 63 9.51 8.44 11.69
CA ILE A 63 9.62 9.57 10.76
C ILE A 63 10.68 9.25 9.71
N PRO A 64 11.82 8.69 10.19
CA PRO A 64 12.92 8.35 9.31
C PRO A 64 12.59 7.07 8.52
N ARG A 65 11.86 6.18 9.17
CA ARG A 65 11.48 4.92 8.54
C ARG A 65 10.61 5.19 7.31
N LEU A 66 9.73 6.18 7.45
CA LEU A 66 8.83 6.54 6.36
C LEU A 66 9.64 7.19 5.24
N GLU A 67 10.48 8.15 5.63
CA GLU A 67 11.30 8.86 4.66
C GLU A 67 12.01 7.86 3.74
N ARG A 68 12.85 7.03 4.34
CA ARG A 68 13.58 6.04 3.59
C ARG A 68 12.67 5.37 2.56
N ILE A 69 11.57 4.82 3.05
CA ILE A 69 10.62 4.15 2.18
C ILE A 69 10.35 5.03 0.96
N LEU A 70 10.11 6.31 1.22
CA LEU A 70 9.84 7.25 0.16
C LEU A 70 11.05 7.33 -0.77
N LEU A 71 12.23 7.20 -0.17
CA LEU A 71 13.47 7.26 -0.93
C LEU A 71 13.71 5.90 -1.60
N ALA A 72 12.98 4.91 -1.13
CA ALA A 72 13.10 3.56 -1.67
C ALA A 72 11.95 3.29 -2.63
N LYS A 73 11.00 4.23 -2.63
CA LYS A 73 9.84 4.10 -3.50
C LYS A 73 10.28 3.60 -4.88
N GLU A 74 11.27 4.30 -5.43
CA GLU A 74 11.79 3.94 -6.73
C GLU A 74 12.02 2.43 -6.83
N ARG A 75 12.37 1.85 -5.70
CA ARG A 75 12.61 0.42 -5.64
C ARG A 75 11.34 -0.32 -5.21
N ILE A 76 10.63 0.29 -4.27
CA ILE A 76 9.39 -0.29 -3.77
C ILE A 76 8.63 -0.94 -4.93
N ARG A 77 7.99 -2.05 -4.63
CA ARG A 77 7.22 -2.78 -5.63
C ARG A 77 6.22 -3.72 -4.96
N PHE A 78 5.07 -3.86 -5.60
CA PHE A 78 4.02 -4.72 -5.08
C PHE A 78 3.82 -5.95 -5.98
N VAL A 79 4.15 -7.11 -5.43
CA VAL A 79 4.01 -8.35 -6.16
C VAL A 79 2.65 -8.98 -5.84
N ILE A 80 1.73 -8.85 -6.78
CA ILE A 80 0.40 -9.40 -6.61
C ILE A 80 0.32 -10.78 -7.26
N LYS A 81 1.13 -11.69 -6.72
CA LYS A 81 1.17 -13.04 -7.25
C LYS A 81 -0.27 -13.55 -7.47
N LYS A 82 -1.01 -13.59 -6.37
CA LYS A 82 -2.39 -14.05 -6.44
C LYS A 82 -3.32 -12.84 -6.44
N HIS A 83 -4.03 -12.68 -7.55
CA HIS A 83 -4.96 -11.58 -7.69
C HIS A 83 -6.32 -11.96 -7.11
N GLU A 84 -6.80 -13.12 -7.53
CA GLU A 84 -8.07 -13.63 -7.06
C GLU A 84 -8.16 -13.53 -5.54
N LEU A 85 -7.07 -13.92 -4.90
CA LEU A 85 -7.01 -13.90 -3.45
C LEU A 85 -7.60 -12.57 -2.94
N LEU A 86 -7.51 -11.57 -3.78
CA LEU A 86 -8.02 -10.24 -3.44
C LEU A 86 -9.55 -10.31 -3.38
N ASN A 87 -10.15 -10.67 -4.50
CA ASN A 87 -11.59 -10.78 -4.58
C ASN A 87 -12.23 -9.59 -3.86
N SER A 88 -12.36 -8.50 -4.60
CA SER A 88 -12.94 -7.29 -4.04
C SER A 88 -13.43 -6.37 -5.18
N THR A 89 -14.27 -5.42 -4.81
CA THR A 89 -14.81 -4.49 -5.77
C THR A 89 -14.57 -3.05 -5.31
N ARG A 90 -14.79 -2.81 -4.03
CA ARG A 90 -14.60 -1.50 -3.45
C ARG A 90 -15.29 -0.44 -4.32
N GLU A 91 -16.57 -0.23 -4.03
CA GLU A 91 -17.35 0.75 -4.77
C GLU A 91 -17.66 1.96 -3.89
N ASP A 92 -17.52 3.12 -4.48
CA ASP A 92 -17.78 4.37 -3.77
C ASP A 92 -17.87 5.52 -4.76
N LEU A 93 -18.82 6.40 -4.51
CA LEU A 93 -19.02 7.56 -5.37
C LEU A 93 -19.82 8.62 -4.61
N SER A 94 -19.61 9.87 -5.01
CA SER A 94 -20.30 10.98 -4.38
C SER A 94 -19.89 11.09 -2.92
N GLY A 95 -19.39 12.27 -2.56
CA GLY A 95 -18.96 12.53 -1.20
C GLY A 95 -19.57 13.81 -0.66
N PRO A 96 -20.65 13.64 0.16
CA PRO A 96 -21.33 14.79 0.74
C PRO A 96 -20.52 15.38 1.89
N SER A 97 -19.94 16.54 1.62
CA SER A 97 -19.13 17.23 2.62
C SER A 97 -18.65 18.57 2.07
N SER A 98 -19.00 19.62 2.80
CA SER A 98 -18.61 20.96 2.40
C SER A 98 -18.22 21.79 3.64
N GLY A 99 -19.18 21.90 4.55
CA GLY A 99 -18.96 22.66 5.77
C GLY A 99 -19.38 24.11 5.61
#